data_7VL3
#
_entry.id   7VL3
#
_cell.length_a   165.124
_cell.length_b   71.523
_cell.length_c   130.151
_cell.angle_alpha   90.000
_cell.angle_beta   105.004
_cell.angle_gamma   90.000
#
_symmetry.space_group_name_H-M   'C 1 2 1'
#
loop_
_entity.id
_entity.type
_entity.pdbx_description
1 polymer beta-1,2-glucosyltransferase
2 non-polymer (2R,3S,4S,5R,6R)-2-(hydroxymethyl)-6-phenoxy-oxane-3,4,5-triol
3 non-polymer 'CALCIUM ION'
4 water water
#
_entity_poly.entity_id   1
_entity_poly.type   'polypeptide(L)'
_entity_poly.pdbx_seq_one_letter_code
;SEKYFVKNGQPHFLISGEVHYFRINPKLWRNHLQLLKQTGADTVSTYIPWDWHEIEEDDFDFEGKTHPARNLIRFIKLCK
EENLDLIVKPGPYILAEYENQGLPSWLLKKLSKNAFALDENGNVISPDLVSYLSDEFLEYTFKWYDKVMPIISKHQKEHY
GPITMMQLCNEIGVFQWLSGKSDYNPKVINLYKEFIIQRYKTIEKLNSVYSTNYNSFDDLKAPSGKIKLRSDYCAYFDFH
LFFREYYNKYISILKNKIRSFGINIKLTHNIPGWIYGNASELPMLISTYSEIMKNHPDIIFGLDHIPEFVSFRNAHSDLA
CNKILEAMQPEAPVWAAEFQAGTREHHVKAYAKDLETFYIASLAHGIKGFNYYMFSQGINPEGKGFYGKTFYFQTALDAA
SNKLALYDSIKKVNRFIRKEQKDLLRTNVNSEICVGFYKPYFFTELISSQLLKEKKLNVEELGLYIDPRFLREEILFNGL
LRGLQTLNYNYDVVDLENCDLKSLTAYKQLWITSAEFMDAETQNLLSEFVLNGGNLILYPAVPTLDNYLNRCEILKNNFG
IEFITKDSSHKVSAFGIEDVFTAFSKKQIYNDTNSKPIAFTQENEICGIRKKIGKGELTILGFAFGYTSDEHLELIDKLV
KLNKIKRELFVSDKDIQFVVRENNKSRYIFFLNYHNERKTFNYRKSSELKKKKSEEISIAPFSYKVIKENK
;
_entity_poly.pdbx_strand_id   A,B
#
loop_
_chem_comp.id
_chem_comp.type
_chem_comp.name
_chem_comp.formula
7OL non-polymer (2R,3S,4S,5R,6R)-2-(hydroxymethyl)-6-phenoxy-oxane-3,4,5-triol 'C12 H16 O6'
CA non-polymer 'CALCIUM ION' 'Ca 2'
#
# COMPACT_ATOMS: atom_id res chain seq x y z
N SER A 1 25.84 -4.98 29.36
CA SER A 1 25.03 -3.76 28.96
C SER A 1 23.73 -4.13 28.22
N GLU A 2 23.54 -5.36 27.74
CA GLU A 2 22.27 -5.73 27.04
C GLU A 2 21.13 -5.82 28.08
N LYS A 3 19.91 -5.47 27.69
CA LYS A 3 18.67 -5.72 28.48
C LYS A 3 18.02 -7.02 27.99
N TYR A 4 17.74 -7.95 28.89
CA TYR A 4 17.16 -9.27 28.58
C TYR A 4 16.37 -9.73 29.79
N PHE A 5 15.41 -10.64 29.61
CA PHE A 5 14.66 -11.25 30.71
C PHE A 5 15.65 -12.13 31.46
N VAL A 6 15.40 -12.34 32.74
CA VAL A 6 16.27 -13.17 33.63
C VAL A 6 15.34 -14.19 34.29
N LYS A 7 15.72 -15.46 34.30
CA LYS A 7 14.98 -16.52 35.05
C LYS A 7 16.00 -17.19 35.96
N ASN A 8 15.79 -17.09 37.28
CA ASN A 8 16.67 -17.74 38.29
C ASN A 8 18.08 -17.18 38.10
N GLY A 9 18.20 -15.84 37.95
CA GLY A 9 19.45 -15.09 37.78
C GLY A 9 20.26 -15.45 36.52
N GLN A 10 19.65 -16.06 35.50
CA GLN A 10 20.32 -16.38 34.21
C GLN A 10 19.56 -15.71 33.07
N PRO A 11 20.21 -15.36 31.96
CA PRO A 11 19.49 -14.81 30.81
C PRO A 11 18.41 -15.84 30.42
N HIS A 12 17.22 -15.35 30.13
CA HIS A 12 16.07 -16.19 29.69
C HIS A 12 15.45 -15.58 28.43
N PHE A 13 15.40 -16.34 27.35
CA PHE A 13 14.71 -15.86 26.14
C PHE A 13 13.23 -16.16 26.35
N LEU A 14 12.40 -15.15 26.51
CA LEU A 14 10.94 -15.37 26.70
C LEU A 14 10.35 -15.89 25.38
N ILE A 15 9.93 -17.15 25.37
CA ILE A 15 9.23 -17.76 24.20
C ILE A 15 7.84 -18.13 24.66
N SER A 16 6.88 -17.33 24.20
CA SER A 16 5.45 -17.53 24.51
C SER A 16 4.74 -17.89 23.22
N GLY A 17 3.60 -18.56 23.35
CA GLY A 17 2.63 -18.82 22.28
C GLY A 17 1.25 -18.39 22.69
N GLU A 18 0.54 -17.72 21.78
CA GLU A 18 -0.84 -17.25 22.04
C GLU A 18 -1.82 -18.41 21.77
N VAL A 19 -2.61 -18.77 22.78
CA VAL A 19 -3.58 -19.91 22.75
C VAL A 19 -4.88 -19.42 23.41
N HIS A 20 -5.93 -19.17 22.64
CA HIS A 20 -7.19 -18.57 23.17
C HIS A 20 -8.07 -19.72 23.65
N TYR A 21 -8.05 -20.00 24.96
CA TYR A 21 -8.86 -21.07 25.59
C TYR A 21 -10.32 -20.92 25.17
N PHE A 22 -10.85 -19.68 25.05
CA PHE A 22 -12.28 -19.38 24.78
C PHE A 22 -12.67 -19.74 23.34
N ARG A 23 -11.70 -20.07 22.50
CA ARG A 23 -11.88 -20.40 21.05
C ARG A 23 -11.39 -21.81 20.74
N ILE A 24 -11.23 -22.67 21.74
CA ILE A 24 -10.73 -24.05 21.59
C ILE A 24 -11.64 -24.94 22.43
N ASN A 25 -12.01 -26.06 21.86
CA ASN A 25 -12.68 -27.15 22.59
C ASN A 25 -11.89 -27.41 23.86
N PRO A 26 -12.48 -27.27 25.08
CA PRO A 26 -11.70 -27.49 26.30
C PRO A 26 -11.17 -28.90 26.51
N LYS A 27 -11.80 -29.89 25.89
CA LYS A 27 -11.28 -31.26 25.86
C LYS A 27 -9.93 -31.28 25.14
N LEU A 28 -9.61 -30.24 24.35
CA LEU A 28 -8.32 -30.20 23.62
C LEU A 28 -7.34 -29.18 24.20
N TRP A 29 -7.71 -28.47 25.27
CA TRP A 29 -6.78 -27.48 25.89
C TRP A 29 -5.42 -28.13 26.23
N ARG A 30 -5.45 -29.28 26.90
CA ARG A 30 -4.18 -29.90 27.35
C ARG A 30 -3.30 -30.23 26.14
N ASN A 31 -3.87 -30.74 25.07
CA ASN A 31 -3.08 -31.12 23.87
C ASN A 31 -2.41 -29.86 23.26
N HIS A 32 -3.14 -28.75 23.16
CA HIS A 32 -2.56 -27.45 22.69
C HIS A 32 -1.38 -27.08 23.58
N LEU A 33 -1.55 -27.13 24.89
CA LEU A 33 -0.48 -26.71 25.82
C LEU A 33 0.72 -27.66 25.67
N GLN A 34 0.47 -28.96 25.58
CA GLN A 34 1.57 -29.96 25.51
C GLN A 34 2.37 -29.70 24.23
N LEU A 35 1.67 -29.47 23.13
CA LEU A 35 2.35 -29.26 21.82
C LEU A 35 3.13 -27.93 21.83
N LEU A 36 2.60 -26.89 22.46
CA LEU A 36 3.33 -25.60 22.58
C LEU A 36 4.60 -25.83 23.41
N LYS A 37 4.46 -26.51 24.55
CA LYS A 37 5.59 -26.85 25.43
C LYS A 37 6.64 -27.64 24.64
N GLN A 38 6.22 -28.57 23.78
CA GLN A 38 7.17 -29.42 23.02
C GLN A 38 7.95 -28.60 21.95
N THR A 39 7.55 -27.38 21.62
CA THR A 39 8.39 -26.52 20.72
C THR A 39 9.49 -25.82 21.50
N GLY A 40 9.50 -25.94 22.84
CA GLY A 40 10.51 -25.34 23.73
C GLY A 40 10.02 -24.01 24.28
N ALA A 41 8.78 -23.59 23.96
CA ALA A 41 8.14 -22.39 24.53
C ALA A 41 8.07 -22.56 26.05
N ASP A 42 8.25 -21.49 26.81
CA ASP A 42 8.18 -21.57 28.30
C ASP A 42 6.89 -20.95 28.83
N THR A 43 6.19 -20.19 27.98
CA THR A 43 5.02 -19.37 28.39
C THR A 43 3.87 -19.56 27.37
N VAL A 44 2.65 -19.37 27.85
CA VAL A 44 1.42 -19.29 27.03
C VAL A 44 0.73 -17.98 27.41
N SER A 45 0.02 -17.42 26.45
CA SER A 45 -0.55 -16.07 26.52
C SER A 45 -1.99 -16.12 25.99
N THR A 46 -2.88 -15.45 26.69
CA THR A 46 -4.29 -15.40 26.30
C THR A 46 -4.97 -14.16 26.84
N TYR A 47 -5.90 -13.66 26.05
CA TYR A 47 -6.94 -12.72 26.53
C TYR A 47 -7.90 -13.44 27.46
N ILE A 48 -8.46 -12.68 28.40
CA ILE A 48 -9.62 -13.09 29.23
C ILE A 48 -10.76 -12.13 28.89
N PRO A 49 -11.66 -12.49 27.95
CA PRO A 49 -12.62 -11.54 27.42
C PRO A 49 -13.75 -11.28 28.42
N TRP A 50 -13.93 -10.00 28.73
CA TRP A 50 -14.99 -9.52 29.66
C TRP A 50 -16.36 -10.02 29.16
N ASP A 51 -16.63 -9.82 27.88
CA ASP A 51 -17.87 -10.33 27.24
C ASP A 51 -18.04 -11.84 27.47
N TRP A 52 -16.96 -12.60 27.49
CA TRP A 52 -17.07 -14.08 27.54
C TRP A 52 -17.48 -14.52 28.96
N HIS A 53 -17.09 -13.75 29.98
CA HIS A 53 -17.13 -14.17 31.40
C HIS A 53 -18.22 -13.43 32.19
N GLU A 54 -18.56 -12.20 31.83
CA GLU A 54 -19.73 -11.51 32.42
C GLU A 54 -20.87 -11.63 31.41
N ILE A 55 -21.55 -12.78 31.45
CA ILE A 55 -22.45 -13.26 30.37
C ILE A 55 -23.72 -12.42 30.36
N GLU A 56 -24.10 -11.88 31.50
CA GLU A 56 -25.14 -10.83 31.63
C GLU A 56 -24.67 -9.90 32.74
N GLU A 57 -25.29 -8.75 32.90
CA GLU A 57 -24.84 -7.80 33.92
C GLU A 57 -24.86 -8.51 35.28
N ASP A 58 -23.72 -8.57 35.96
CA ASP A 58 -23.53 -9.14 37.32
C ASP A 58 -23.74 -10.65 37.34
N ASP A 59 -23.58 -11.34 36.20
CA ASP A 59 -23.65 -12.83 36.12
C ASP A 59 -22.30 -13.31 35.58
N PHE A 60 -21.44 -13.84 36.44
CA PHE A 60 -20.02 -14.13 36.09
C PHE A 60 -19.84 -15.63 36.00
N ASP A 61 -19.09 -16.11 35.00
CA ASP A 61 -18.79 -17.55 34.93
C ASP A 61 -17.32 -17.70 34.56
N PHE A 62 -16.49 -18.14 35.50
CA PHE A 62 -15.08 -18.46 35.21
C PHE A 62 -14.84 -19.97 35.34
N GLU A 63 -15.90 -20.74 35.56
CA GLU A 63 -15.76 -22.16 35.99
C GLU A 63 -16.35 -23.11 34.96
N GLY A 64 -16.82 -22.60 33.82
CA GLY A 64 -17.45 -23.41 32.76
C GLY A 64 -18.85 -23.92 33.14
N LYS A 65 -19.56 -23.21 34.02
CA LYS A 65 -20.93 -23.54 34.48
C LYS A 65 -21.93 -23.35 33.33
N THR A 66 -21.80 -22.32 32.49
CA THR A 66 -22.75 -22.03 31.39
C THR A 66 -22.19 -22.39 30.02
N HIS A 67 -20.88 -22.52 29.89
CA HIS A 67 -20.22 -23.03 28.66
C HIS A 67 -18.89 -23.61 29.10
N PRO A 68 -18.52 -24.83 28.65
CA PRO A 68 -17.26 -25.43 29.07
C PRO A 68 -16.04 -24.52 28.88
N ALA A 69 -16.04 -23.66 27.85
CA ALA A 69 -14.85 -22.87 27.49
C ALA A 69 -14.83 -21.59 28.31
N ARG A 70 -15.78 -21.41 29.25
CA ARG A 70 -15.75 -20.29 30.24
C ARG A 70 -14.97 -20.71 31.47
N ASN A 71 -14.42 -21.92 31.46
CA ASN A 71 -13.64 -22.52 32.57
C ASN A 71 -12.21 -21.98 32.56
N LEU A 72 -12.08 -20.68 32.75
CA LEU A 72 -10.76 -20.05 32.94
C LEU A 72 -9.98 -20.80 34.01
N ILE A 73 -10.62 -21.14 35.14
CA ILE A 73 -9.89 -21.68 36.32
C ILE A 73 -9.19 -22.95 35.89
N ARG A 74 -9.89 -23.80 35.13
CA ARG A 74 -9.27 -25.05 34.65
C ARG A 74 -8.10 -24.74 33.69
N PHE A 75 -8.24 -23.74 32.82
CA PHE A 75 -7.18 -23.43 31.84
C PHE A 75 -5.93 -23.02 32.61
N ILE A 76 -6.09 -22.20 33.64
CA ILE A 76 -4.94 -21.78 34.49
C ILE A 76 -4.30 -23.03 35.11
N LYS A 77 -5.10 -23.91 35.68
CA LYS A 77 -4.57 -25.12 36.36
C LYS A 77 -3.82 -26.00 35.35
N LEU A 78 -4.31 -26.12 34.12
CA LEU A 78 -3.66 -26.91 33.04
C LEU A 78 -2.31 -26.27 32.68
N CYS A 79 -2.22 -24.96 32.60
CA CYS A 79 -0.93 -24.27 32.31
C CYS A 79 0.10 -24.72 33.34
N LYS A 80 -0.29 -24.71 34.61
CA LYS A 80 0.58 -25.14 35.72
C LYS A 80 0.98 -26.61 35.53
N GLU A 81 0.03 -27.50 35.24
CA GLU A 81 0.27 -28.95 35.11
C GLU A 81 1.24 -29.20 33.93
N GLU A 82 1.18 -28.37 32.89
CA GLU A 82 1.99 -28.60 31.67
C GLU A 82 3.24 -27.70 31.68
N ASN A 83 3.58 -27.12 32.83
CA ASN A 83 4.88 -26.47 33.09
C ASN A 83 5.03 -25.30 32.12
N LEU A 84 3.95 -24.55 31.92
CA LEU A 84 3.98 -23.27 31.17
C LEU A 84 3.59 -22.15 32.12
N ASP A 85 4.35 -21.07 32.08
CA ASP A 85 3.96 -19.79 32.70
C ASP A 85 2.87 -19.16 31.83
N LEU A 86 2.11 -18.22 32.39
CA LEU A 86 0.92 -17.69 31.72
C LEU A 86 0.94 -16.16 31.76
N ILE A 87 0.76 -15.56 30.60
CA ILE A 87 0.43 -14.13 30.38
C ILE A 87 -1.07 -14.01 30.25
N VAL A 88 -1.70 -13.17 31.09
CA VAL A 88 -3.17 -12.94 31.05
C VAL A 88 -3.43 -11.50 30.62
N LYS A 89 -4.49 -11.31 29.85
CA LYS A 89 -4.83 -10.00 29.24
C LYS A 89 -6.33 -9.79 29.37
N PRO A 90 -6.80 -9.29 30.53
CA PRO A 90 -8.25 -9.17 30.76
C PRO A 90 -8.92 -7.88 30.25
N GLY A 91 -8.17 -7.04 29.56
CA GLY A 91 -8.81 -5.90 28.90
C GLY A 91 -8.82 -4.69 29.84
N PRO A 92 -9.87 -3.84 29.81
CA PRO A 92 -11.17 -4.20 29.26
C PRO A 92 -11.26 -4.42 27.74
N TYR A 93 -10.58 -3.61 26.92
CA TYR A 93 -10.49 -3.92 25.47
C TYR A 93 -9.50 -5.09 25.27
N ILE A 94 -9.86 -6.03 24.39
CA ILE A 94 -8.93 -7.07 23.88
C ILE A 94 -8.77 -6.95 22.37
N LEU A 95 -9.67 -6.29 21.67
CA LEU A 95 -9.74 -6.32 20.18
C LEU A 95 -9.86 -7.78 19.74
N ALA A 96 -8.75 -8.41 19.36
CA ALA A 96 -8.67 -9.87 19.10
C ALA A 96 -9.76 -10.35 18.11
N GLU A 97 -10.22 -9.50 17.16
CA GLU A 97 -11.34 -9.85 16.24
C GLU A 97 -12.50 -10.52 16.99
N TYR A 98 -12.75 -10.06 18.19
CA TYR A 98 -13.88 -10.53 19.02
C TYR A 98 -14.99 -9.48 18.91
N GLU A 99 -16.25 -9.90 18.78
CA GLU A 99 -17.40 -8.95 18.69
C GLU A 99 -17.26 -7.89 19.77
N ASN A 100 -17.39 -6.62 19.35
CA ASN A 100 -17.41 -5.45 20.26
C ASN A 100 -16.05 -5.23 20.92
N GLN A 101 -14.99 -5.76 20.30
CA GLN A 101 -13.58 -5.66 20.76
C GLN A 101 -13.41 -6.21 22.18
N GLY A 102 -14.30 -7.13 22.61
CA GLY A 102 -14.20 -7.76 23.93
C GLY A 102 -15.21 -7.23 24.94
N LEU A 103 -15.80 -6.06 24.70
CA LEU A 103 -16.77 -5.46 25.67
C LEU A 103 -18.08 -6.23 25.57
N PRO A 104 -18.79 -6.45 26.69
CA PRO A 104 -20.07 -7.14 26.65
C PRO A 104 -21.11 -6.38 25.81
N SER A 105 -21.85 -7.13 24.98
CA SER A 105 -23.04 -6.63 24.25
C SER A 105 -23.98 -5.95 25.24
N TRP A 106 -24.21 -6.53 26.42
CA TRP A 106 -25.17 -5.94 27.38
C TRP A 106 -24.64 -4.58 27.84
N LEU A 107 -23.32 -4.42 28.00
CA LEU A 107 -22.74 -3.13 28.44
C LEU A 107 -22.98 -2.08 27.36
N LEU A 108 -22.59 -2.36 26.13
CA LEU A 108 -22.68 -1.33 25.06
C LEU A 108 -24.16 -0.95 24.84
N LYS A 109 -25.08 -1.87 25.09
CA LYS A 109 -26.53 -1.57 24.95
C LYS A 109 -26.93 -0.65 26.10
N LYS A 110 -26.38 -0.86 27.29
CA LYS A 110 -26.82 -0.15 28.51
C LYS A 110 -26.20 1.25 28.63
N LEU A 111 -24.95 1.43 28.20
CA LEU A 111 -24.20 2.68 28.46
C LEU A 111 -25.00 3.89 27.91
N SER A 112 -25.05 4.97 28.66
CA SER A 112 -25.69 6.21 28.17
C SER A 112 -24.71 6.87 27.19
N LYS A 113 -25.18 7.81 26.40
CA LYS A 113 -24.45 8.37 25.23
C LYS A 113 -23.12 9.01 25.66
N ASN A 114 -23.02 9.53 26.88
CA ASN A 114 -21.80 10.25 27.33
C ASN A 114 -20.73 9.26 27.82
N ALA A 115 -20.93 7.96 27.63
CA ALA A 115 -19.88 6.94 27.87
C ALA A 115 -19.05 6.74 26.61
N PHE A 116 -19.54 7.22 25.45
CA PHE A 116 -18.95 6.94 24.12
C PHE A 116 -18.01 8.07 23.70
N ALA A 117 -17.05 7.72 22.86
CA ALA A 117 -16.21 8.67 22.11
C ALA A 117 -17.10 9.41 21.11
N LEU A 118 -17.08 10.74 21.15
CA LEU A 118 -17.95 11.62 20.31
C LEU A 118 -17.06 12.41 19.35
N ASP A 119 -17.56 12.69 18.14
CA ASP A 119 -16.97 13.64 17.17
C ASP A 119 -17.28 15.08 17.64
N GLU A 120 -16.84 16.10 16.89
CA GLU A 120 -17.02 17.54 17.30
C GLU A 120 -18.51 17.93 17.41
N ASN A 121 -19.41 17.21 16.70
CA ASN A 121 -20.87 17.50 16.70
C ASN A 121 -21.55 16.84 17.90
N GLY A 122 -20.85 15.94 18.60
CA GLY A 122 -21.43 15.17 19.71
C GLY A 122 -22.11 13.92 19.19
N ASN A 123 -21.75 13.43 18.01
CA ASN A 123 -22.20 12.13 17.45
C ASN A 123 -21.26 10.99 17.87
N VAL A 124 -21.83 9.84 18.23
CA VAL A 124 -21.08 8.60 18.58
C VAL A 124 -20.17 8.24 17.41
N ILE A 125 -18.87 8.12 17.66
CA ILE A 125 -17.90 7.73 16.61
C ILE A 125 -18.12 6.27 16.17
N SER A 126 -18.30 5.35 17.11
CA SER A 126 -18.55 3.91 16.81
C SER A 126 -19.27 3.28 17.99
N PRO A 127 -20.29 2.42 17.72
CA PRO A 127 -21.07 1.84 18.81
C PRO A 127 -20.22 0.90 19.69
N ASP A 128 -19.00 0.56 19.25
CA ASP A 128 -18.02 -0.28 20.00
C ASP A 128 -16.97 0.55 20.75
N LEU A 129 -16.97 1.89 20.62
CA LEU A 129 -15.85 2.74 21.07
C LEU A 129 -16.27 3.64 22.25
N VAL A 130 -15.89 3.24 23.47
CA VAL A 130 -16.13 4.08 24.68
C VAL A 130 -15.11 5.22 24.71
N SER A 131 -15.38 6.15 25.59
CA SER A 131 -14.45 7.20 26.05
C SER A 131 -13.67 6.61 27.21
N TYR A 132 -12.34 6.54 27.12
CA TYR A 132 -11.52 5.80 28.11
C TYR A 132 -11.83 6.27 29.53
N LEU A 133 -12.02 7.59 29.76
CA LEU A 133 -12.20 8.10 31.12
C LEU A 133 -13.69 8.38 31.43
N SER A 134 -14.62 7.87 30.63
CA SER A 134 -16.07 7.92 30.96
C SER A 134 -16.27 7.37 32.38
N ASP A 135 -17.01 8.08 33.24
CA ASP A 135 -17.26 7.58 34.60
C ASP A 135 -17.98 6.24 34.48
N GLU A 136 -18.91 6.14 33.54
CA GLU A 136 -19.79 4.94 33.44
C GLU A 136 -18.91 3.76 33.00
N PHE A 137 -18.10 3.97 31.99
CA PHE A 137 -17.17 2.94 31.48
C PHE A 137 -16.26 2.42 32.61
N LEU A 138 -15.62 3.32 33.34
CA LEU A 138 -14.68 2.92 34.41
C LEU A 138 -15.43 2.21 35.55
N GLU A 139 -16.66 2.61 35.89
CA GLU A 139 -17.42 1.91 36.98
C GLU A 139 -17.63 0.43 36.60
N TYR A 140 -18.05 0.16 35.36
CA TYR A 140 -18.26 -1.23 34.87
C TYR A 140 -16.92 -1.94 34.70
N THR A 141 -15.90 -1.26 34.16
CA THR A 141 -14.55 -1.87 34.05
C THR A 141 -14.12 -2.33 35.44
N PHE A 142 -14.34 -1.51 36.46
CA PHE A 142 -13.92 -1.83 37.85
C PHE A 142 -14.72 -3.04 38.38
N LYS A 143 -16.01 -3.14 38.06
CA LYS A 143 -16.81 -4.32 38.47
C LYS A 143 -16.30 -5.58 37.78
N TRP A 144 -15.81 -5.47 36.53
CA TRP A 144 -15.19 -6.61 35.79
C TRP A 144 -13.88 -7.00 36.49
N TYR A 145 -13.02 -6.01 36.78
CA TYR A 145 -11.76 -6.21 37.51
C TYR A 145 -12.04 -6.81 38.88
N ASP A 146 -13.11 -6.38 39.56
CA ASP A 146 -13.44 -6.93 40.90
C ASP A 146 -13.59 -8.46 40.85
N LYS A 147 -14.03 -9.03 39.71
CA LYS A 147 -14.28 -10.48 39.59
C LYS A 147 -13.08 -11.20 38.98
N VAL A 148 -12.39 -10.63 37.99
CA VAL A 148 -11.30 -11.37 37.28
C VAL A 148 -10.02 -11.17 38.07
N MET A 149 -9.81 -10.01 38.69
CA MET A 149 -8.48 -9.72 39.31
C MET A 149 -8.22 -10.61 40.52
N PRO A 150 -9.20 -10.99 41.38
CA PRO A 150 -8.89 -11.92 42.47
C PRO A 150 -8.39 -13.29 41.98
N ILE A 151 -8.93 -13.76 40.87
CA ILE A 151 -8.49 -15.03 40.22
C ILE A 151 -7.01 -14.88 39.78
N ILE A 152 -6.70 -13.82 39.06
CA ILE A 152 -5.31 -13.55 38.57
C ILE A 152 -4.35 -13.45 39.78
N SER A 153 -4.76 -12.75 40.83
CA SER A 153 -3.96 -12.56 42.06
C SER A 153 -3.64 -13.90 42.71
N LYS A 154 -4.65 -14.74 42.89
CA LYS A 154 -4.52 -16.08 43.53
C LYS A 154 -3.51 -16.94 42.76
N HIS A 155 -3.47 -16.81 41.43
CA HIS A 155 -2.70 -17.70 40.51
C HIS A 155 -1.38 -17.09 40.02
N GLN A 156 -0.92 -16.03 40.68
CA GLN A 156 0.38 -15.38 40.42
C GLN A 156 1.53 -16.32 40.77
N LYS A 157 2.67 -16.16 40.09
CA LYS A 157 3.92 -16.89 40.36
C LYS A 157 4.27 -16.85 41.86
N GLU A 158 4.15 -15.69 42.54
CA GLU A 158 4.60 -15.61 43.96
C GLU A 158 3.71 -16.50 44.88
N HIS A 159 2.54 -16.94 44.42
CA HIS A 159 1.66 -17.88 45.15
C HIS A 159 1.73 -19.26 44.49
N TYR A 160 2.78 -19.55 43.73
CA TYR A 160 3.10 -20.87 43.13
C TYR A 160 2.16 -21.15 41.95
N GLY A 161 1.42 -20.14 41.48
CA GLY A 161 0.60 -20.21 40.28
C GLY A 161 1.46 -19.96 39.04
N PRO A 162 0.90 -20.12 37.83
CA PRO A 162 1.67 -19.91 36.60
C PRO A 162 1.73 -18.48 36.06
N ILE A 163 0.95 -17.55 36.61
CA ILE A 163 0.80 -16.21 35.96
C ILE A 163 2.03 -15.35 36.26
N THR A 164 2.71 -14.90 35.21
CA THR A 164 3.96 -14.11 35.36
C THR A 164 3.77 -12.67 34.87
N MET A 165 2.78 -12.36 34.04
CA MET A 165 2.67 -11.03 33.43
C MET A 165 1.20 -10.78 33.14
N MET A 166 0.82 -9.53 33.09
CA MET A 166 -0.54 -9.15 32.72
C MET A 166 -0.52 -7.89 31.85
N GLN A 167 -1.27 -7.92 30.76
CA GLN A 167 -1.42 -6.76 29.87
C GLN A 167 -2.59 -5.94 30.39
N LEU A 168 -2.39 -4.62 30.46
CA LEU A 168 -3.45 -3.64 30.77
C LEU A 168 -4.11 -3.24 29.46
N CYS A 169 -5.41 -3.47 29.35
CA CYS A 169 -6.21 -3.03 28.19
C CYS A 169 -5.50 -3.57 26.95
N ASN A 170 -5.59 -2.91 25.79
CA ASN A 170 -5.01 -3.44 24.53
C ASN A 170 -4.78 -2.30 23.55
N GLU A 171 -3.53 -2.04 23.18
CA GLU A 171 -3.18 -1.00 22.14
C GLU A 171 -3.95 0.32 22.37
N ILE A 172 -3.75 0.95 23.51
CA ILE A 172 -4.45 2.21 23.83
C ILE A 172 -4.28 3.18 22.66
N GLY A 173 -5.41 3.76 22.25
CA GLY A 173 -5.49 4.79 21.19
C GLY A 173 -5.59 4.21 19.80
N VAL A 174 -5.50 2.89 19.62
CA VAL A 174 -5.48 2.26 18.27
C VAL A 174 -6.72 2.70 17.47
N PHE A 175 -7.86 2.93 18.13
CA PHE A 175 -9.14 3.36 17.51
C PHE A 175 -9.12 4.83 17.07
N GLN A 176 -8.60 5.72 17.90
CA GLN A 176 -8.35 7.15 17.52
C GLN A 176 -7.36 7.24 16.32
N TRP A 177 -6.45 6.27 16.22
CA TRP A 177 -5.48 6.24 15.08
C TRP A 177 -6.22 5.83 13.82
N LEU A 178 -6.92 4.69 13.87
CA LEU A 178 -7.44 4.04 12.66
C LEU A 178 -8.58 4.88 12.09
N SER A 179 -9.36 5.60 12.91
CA SER A 179 -10.46 6.48 12.44
C SER A 179 -9.91 7.90 12.12
N GLY A 180 -8.74 8.25 12.64
CA GLY A 180 -8.21 9.63 12.61
C GLY A 180 -9.18 10.61 13.23
N LYS A 181 -10.07 10.14 14.11
CA LYS A 181 -11.08 10.97 14.81
C LYS A 181 -10.72 11.01 16.28
N SER A 182 -10.49 12.20 16.79
CA SER A 182 -10.22 12.45 18.23
C SER A 182 -11.54 12.33 19.00
N ASP A 183 -11.45 12.00 20.28
CA ASP A 183 -12.61 11.96 21.19
C ASP A 183 -12.92 13.36 21.73
N TYR A 184 -14.07 13.94 21.38
CA TYR A 184 -14.57 15.24 21.90
C TYR A 184 -15.61 15.05 22.99
N ASN A 185 -15.66 13.86 23.60
CA ASN A 185 -16.45 13.64 24.83
C ASN A 185 -16.22 14.81 25.77
N PRO A 186 -17.29 15.42 26.33
CA PRO A 186 -17.14 16.55 27.25
C PRO A 186 -16.18 16.29 28.42
N LYS A 187 -16.11 15.05 28.93
CA LYS A 187 -15.17 14.65 30.00
C LYS A 187 -13.73 14.91 29.53
N VAL A 188 -13.46 14.58 28.27
CA VAL A 188 -12.14 14.72 27.60
C VAL A 188 -11.83 16.23 27.38
N ILE A 189 -12.75 16.97 26.76
CA ILE A 189 -12.57 18.42 26.46
C ILE A 189 -12.39 19.20 27.76
N ASN A 190 -13.11 18.83 28.83
CA ASN A 190 -12.95 19.47 30.16
C ASN A 190 -11.55 19.16 30.67
N LEU A 191 -11.04 17.92 30.50
CA LEU A 191 -9.68 17.57 30.98
C LEU A 191 -8.66 18.38 30.15
N TYR A 192 -8.91 18.54 28.86
CA TYR A 192 -8.03 19.35 27.97
C TYR A 192 -7.97 20.81 28.46
N LYS A 193 -9.13 21.38 28.78
CA LYS A 193 -9.20 22.79 29.30
C LYS A 193 -8.37 22.90 30.57
N GLU A 194 -8.50 21.96 31.52
CA GLU A 194 -7.70 21.95 32.77
C GLU A 194 -6.23 21.85 32.39
N PHE A 195 -5.87 20.97 31.44
CA PHE A 195 -4.46 20.82 30.97
C PHE A 195 -3.91 22.16 30.45
N ILE A 196 -4.70 22.86 29.63
CA ILE A 196 -4.24 24.16 29.04
C ILE A 196 -4.07 25.20 30.16
N ILE A 197 -5.01 25.30 31.10
CA ILE A 197 -4.93 26.30 32.22
C ILE A 197 -3.67 26.01 33.03
N GLN A 198 -3.43 24.74 33.36
CA GLN A 198 -2.24 24.34 34.13
C GLN A 198 -1.00 24.70 33.32
N ARG A 199 -1.01 24.51 32.00
CA ARG A 199 0.22 24.71 31.21
C ARG A 199 0.57 26.21 31.14
N TYR A 200 -0.41 27.10 30.91
CA TYR A 200 -0.19 28.51 30.55
C TYR A 200 -0.48 29.50 31.70
N LYS A 201 -1.34 29.15 32.66
CA LYS A 201 -1.66 29.89 33.92
C LYS A 201 -2.60 31.07 33.63
N THR A 202 -2.33 31.84 32.58
CA THR A 202 -3.12 33.04 32.23
C THR A 202 -3.38 33.05 30.73
N ILE A 203 -4.51 33.63 30.38
CA ILE A 203 -4.86 33.74 28.95
C ILE A 203 -3.81 34.61 28.24
N GLU A 204 -3.18 35.59 28.91
CA GLU A 204 -2.17 36.46 28.27
C GLU A 204 -1.00 35.59 27.80
N LYS A 205 -0.54 34.67 28.66
CA LYS A 205 0.63 33.78 28.38
C LYS A 205 0.28 32.89 27.20
N LEU A 206 -0.92 32.30 27.17
CA LEU A 206 -1.34 31.42 26.05
C LEU A 206 -1.38 32.27 24.78
N ASN A 207 -1.93 33.48 24.86
CA ASN A 207 -2.09 34.37 23.68
C ASN A 207 -0.69 34.73 23.14
N SER A 208 0.30 34.93 24.01
CA SER A 208 1.68 35.28 23.59
C SER A 208 2.29 34.11 22.83
N VAL A 209 1.96 32.86 23.17
CA VAL A 209 2.63 31.69 22.54
C VAL A 209 1.91 31.43 21.23
N TYR A 210 0.57 31.40 21.27
CA TYR A 210 -0.27 31.04 20.12
C TYR A 210 -0.39 32.19 19.11
N SER A 211 -0.14 33.44 19.51
CA SER A 211 -0.55 34.69 18.79
C SER A 211 -2.08 34.76 18.62
N THR A 212 -2.85 34.40 19.65
CA THR A 212 -4.32 34.51 19.65
C THR A 212 -4.73 35.75 20.47
N ASN A 213 -6.02 36.09 20.44
CA ASN A 213 -6.55 37.31 21.11
C ASN A 213 -7.69 36.93 22.04
N TYR A 214 -7.63 35.79 22.74
CA TYR A 214 -8.73 35.35 23.62
C TYR A 214 -8.86 36.32 24.79
N ASN A 215 -10.10 36.62 25.22
CA ASN A 215 -10.32 37.43 26.43
C ASN A 215 -10.17 36.57 27.68
N SER A 216 -10.44 35.27 27.60
CA SER A 216 -10.38 34.36 28.77
C SER A 216 -10.23 32.92 28.30
N PHE A 217 -9.88 32.02 29.22
CA PHE A 217 -9.76 30.57 28.92
C PHE A 217 -11.10 30.02 28.45
N ASP A 218 -12.22 30.60 28.86
CA ASP A 218 -13.59 30.19 28.46
C ASP A 218 -13.79 30.36 26.94
N ASP A 219 -13.02 31.23 26.29
CA ASP A 219 -13.12 31.45 24.82
C ASP A 219 -12.36 30.37 24.03
N LEU A 220 -11.44 29.64 24.66
CA LEU A 220 -10.57 28.61 24.01
C LEU A 220 -11.41 27.35 23.83
N LYS A 221 -11.53 26.86 22.61
CA LYS A 221 -12.29 25.64 22.26
C LYS A 221 -11.29 24.57 21.80
N ALA A 222 -11.60 23.28 21.96
CA ALA A 222 -10.73 22.20 21.47
C ALA A 222 -10.54 22.41 19.98
N PRO A 223 -9.31 22.31 19.43
CA PRO A 223 -9.13 22.47 17.99
C PRO A 223 -9.86 21.36 17.23
N SER A 224 -10.31 21.72 16.03
CA SER A 224 -10.95 20.85 15.02
C SER A 224 -10.74 21.50 13.65
N GLY A 225 -11.04 20.78 12.58
CA GLY A 225 -10.93 21.30 11.21
C GLY A 225 -9.49 21.50 10.82
N LYS A 226 -9.26 21.98 9.61
CA LYS A 226 -7.92 22.05 9.02
C LYS A 226 -7.12 23.14 9.74
N ILE A 227 -5.81 22.95 9.84
CA ILE A 227 -4.89 24.00 10.33
C ILE A 227 -4.65 25.01 9.21
N LYS A 228 -4.99 26.28 9.44
CA LYS A 228 -4.88 27.36 8.42
C LYS A 228 -3.89 28.44 8.88
N LEU A 229 -3.70 28.58 10.19
CA LEU A 229 -2.84 29.59 10.86
C LEU A 229 -1.86 28.87 11.80
N ARG A 230 -0.74 29.53 12.11
CA ARG A 230 0.27 29.03 13.08
C ARG A 230 -0.42 28.88 14.43
N SER A 231 -1.43 29.70 14.72
CA SER A 231 -2.19 29.56 16.00
C SER A 231 -2.96 28.23 16.05
N ASP A 232 -3.41 27.74 14.92
CA ASP A 232 -4.19 26.47 14.84
C ASP A 232 -3.20 25.33 15.07
N TYR A 233 -2.01 25.45 14.49
CA TYR A 233 -0.92 24.45 14.66
C TYR A 233 -0.52 24.38 16.14
N CYS A 234 -0.36 25.51 16.82
CA CYS A 234 -0.04 25.56 18.28
C CYS A 234 -1.15 24.85 19.07
N ALA A 235 -2.42 25.10 18.77
CA ALA A 235 -3.52 24.52 19.56
C ALA A 235 -3.49 23.00 19.35
N TYR A 236 -3.30 22.56 18.12
CA TYR A 236 -3.29 21.10 17.80
C TYR A 236 -2.09 20.44 18.45
N PHE A 237 -0.94 21.12 18.50
CA PHE A 237 0.27 20.54 19.13
C PHE A 237 0.01 20.27 20.61
N ASP A 238 -0.56 21.23 21.33
CA ASP A 238 -0.90 21.06 22.77
C ASP A 238 -2.00 19.98 22.92
N PHE A 239 -2.88 19.86 21.93
CA PHE A 239 -3.96 18.84 21.95
C PHE A 239 -3.28 17.46 21.92
N HIS A 240 -2.24 17.30 21.09
CA HIS A 240 -1.45 16.03 21.04
C HIS A 240 -0.78 15.78 22.39
N LEU A 241 -0.12 16.79 22.96
CA LEU A 241 0.50 16.68 24.30
C LEU A 241 -0.59 16.21 25.28
N PHE A 242 -1.77 16.83 25.23
CA PHE A 242 -2.89 16.49 26.15
C PHE A 242 -3.28 15.00 26.00
N PHE A 243 -3.40 14.48 24.78
CA PHE A 243 -3.76 13.05 24.60
C PHE A 243 -2.71 12.11 25.20
N ARG A 244 -1.44 12.48 25.17
CA ARG A 244 -0.41 11.63 25.81
C ARG A 244 -0.62 11.63 27.32
N GLU A 245 -1.01 12.76 27.88
CA GLU A 245 -1.32 12.81 29.34
C GLU A 245 -2.60 12.03 29.62
N TYR A 246 -3.59 12.15 28.74
CA TYR A 246 -4.89 11.43 28.82
C TYR A 246 -4.65 9.91 28.84
N TYR A 247 -3.86 9.35 27.92
CA TYR A 247 -3.61 7.88 27.91
C TYR A 247 -2.87 7.47 29.19
N ASN A 248 -2.00 8.34 29.71
CA ASN A 248 -1.28 8.04 30.96
C ASN A 248 -2.27 8.02 32.12
N LYS A 249 -3.26 8.91 32.10
CA LYS A 249 -4.27 8.93 33.18
C LYS A 249 -5.07 7.60 33.15
N TYR A 250 -5.48 7.15 31.94
CA TYR A 250 -6.26 5.90 31.75
C TYR A 250 -5.44 4.73 32.30
N ILE A 251 -4.21 4.55 31.83
CA ILE A 251 -3.40 3.37 32.23
C ILE A 251 -3.10 3.45 33.74
N SER A 252 -2.92 4.66 34.28
CA SER A 252 -2.61 4.92 35.71
C SER A 252 -3.80 4.44 36.56
N ILE A 253 -5.00 4.75 36.11
CA ILE A 253 -6.25 4.34 36.82
C ILE A 253 -6.36 2.82 36.83
N LEU A 254 -6.17 2.16 35.68
CA LEU A 254 -6.21 0.67 35.62
C LEU A 254 -5.11 0.09 36.52
N LYS A 255 -3.91 0.66 36.47
CA LYS A 255 -2.74 0.14 37.24
C LYS A 255 -3.06 0.24 38.75
N ASN A 256 -3.52 1.40 39.21
CA ASN A 256 -3.82 1.62 40.64
C ASN A 256 -4.86 0.58 41.10
N LYS A 257 -5.90 0.37 40.31
CA LYS A 257 -7.00 -0.60 40.60
C LYS A 257 -6.42 -2.04 40.72
N ILE A 258 -5.63 -2.47 39.75
CA ILE A 258 -4.99 -3.81 39.73
C ILE A 258 -4.14 -4.06 40.95
N ARG A 259 -3.27 -3.11 41.28
CA ARG A 259 -2.30 -3.27 42.40
C ARG A 259 -3.08 -3.45 43.71
N SER A 260 -4.30 -2.91 43.84
CA SER A 260 -5.10 -3.02 45.09
C SER A 260 -5.54 -4.48 45.35
N PHE A 261 -5.43 -5.39 44.38
CA PHE A 261 -5.74 -6.83 44.55
C PHE A 261 -4.51 -7.63 44.97
N GLY A 262 -3.40 -6.98 45.27
CA GLY A 262 -2.18 -7.70 45.70
C GLY A 262 -1.50 -8.33 44.48
N ILE A 263 -1.66 -7.73 43.30
CA ILE A 263 -1.08 -8.25 42.02
C ILE A 263 0.25 -7.53 41.82
N ASN A 264 1.35 -8.28 41.94
CA ASN A 264 2.74 -7.78 41.94
C ASN A 264 3.48 -8.28 40.70
N ILE A 265 2.86 -9.11 39.84
CA ILE A 265 3.46 -9.56 38.54
C ILE A 265 3.82 -8.38 37.65
N LYS A 266 4.56 -8.67 36.58
CA LYS A 266 5.02 -7.64 35.61
C LYS A 266 3.80 -7.18 34.82
N LEU A 267 3.61 -5.87 34.68
CA LEU A 267 2.49 -5.29 33.88
C LEU A 267 3.01 -4.91 32.49
N THR A 268 2.20 -5.09 31.45
CA THR A 268 2.64 -4.91 30.04
C THR A 268 1.63 -4.05 29.28
N HIS A 269 2.07 -3.55 28.13
CA HIS A 269 1.15 -2.95 27.15
C HIS A 269 1.74 -3.28 25.80
N ASN A 270 0.96 -3.11 24.76
CA ASN A 270 1.30 -3.62 23.40
C ASN A 270 1.12 -2.51 22.39
N ILE A 271 2.11 -2.37 21.52
CA ILE A 271 2.22 -1.27 20.54
C ILE A 271 1.68 -1.68 19.18
N PRO A 272 0.61 -1.02 18.70
CA PRO A 272 0.13 -1.24 17.34
C PRO A 272 0.97 -0.44 16.34
N GLY A 273 0.73 -0.62 15.04
CA GLY A 273 1.26 0.31 14.01
C GLY A 273 1.55 -0.34 12.68
N TRP A 274 1.63 -1.66 12.62
CA TRP A 274 1.85 -2.33 11.32
C TRP A 274 0.51 -2.30 10.60
N ILE A 275 0.54 -2.03 9.30
CA ILE A 275 -0.64 -2.31 8.44
C ILE A 275 -0.14 -2.56 7.03
N TYR A 276 -0.77 -3.50 6.34
CA TYR A 276 -0.36 -3.96 4.99
C TYR A 276 1.13 -4.38 4.93
N GLY A 277 1.71 -4.86 6.04
CA GLY A 277 3.07 -5.44 6.08
C GLY A 277 4.16 -4.38 6.19
N ASN A 278 3.79 -3.17 6.59
CA ASN A 278 4.66 -1.98 6.70
C ASN A 278 4.45 -1.36 8.10
N ALA A 279 5.51 -0.89 8.76
CA ALA A 279 5.46 -0.31 10.13
C ALA A 279 5.92 1.16 10.13
N SER A 280 5.93 1.83 8.99
CA SER A 280 6.43 3.24 8.93
C SER A 280 5.58 4.19 9.80
N GLU A 281 4.33 3.83 10.15
CA GLU A 281 3.45 4.66 11.02
C GLU A 281 3.63 4.25 12.49
N LEU A 282 4.27 3.10 12.75
CA LEU A 282 4.35 2.61 14.15
C LEU A 282 5.02 3.66 15.06
N PRO A 283 6.10 4.37 14.62
CA PRO A 283 6.76 5.38 15.47
C PRO A 283 5.80 6.48 15.94
N MET A 284 4.83 6.86 15.12
CA MET A 284 3.72 7.78 15.54
C MET A 284 2.95 7.16 16.71
N LEU A 285 2.57 5.88 16.59
CA LEU A 285 1.79 5.20 17.66
C LEU A 285 2.62 5.08 18.93
N ILE A 286 3.90 4.71 18.83
CA ILE A 286 4.72 4.59 20.06
C ILE A 286 4.87 5.98 20.71
N SER A 287 4.89 7.06 19.93
CA SER A 287 5.00 8.44 20.46
C SER A 287 3.78 8.77 21.31
N THR A 288 2.62 8.15 21.07
CA THR A 288 1.40 8.41 21.88
C THR A 288 1.58 7.86 23.30
N TYR A 289 2.61 7.06 23.55
CA TYR A 289 2.87 6.43 24.87
C TYR A 289 4.00 7.18 25.60
N SER A 290 4.41 8.36 25.13
CA SER A 290 5.59 9.07 25.69
C SER A 290 5.41 9.30 27.20
N GLU A 291 4.23 9.73 27.62
CA GLU A 291 3.95 10.09 29.04
C GLU A 291 3.80 8.82 29.89
N ILE A 292 3.17 7.76 29.37
CA ILE A 292 3.14 6.48 30.11
C ILE A 292 4.57 6.00 30.36
N MET A 293 5.42 5.98 29.33
CA MET A 293 6.77 5.38 29.49
C MET A 293 7.62 6.22 30.48
N LYS A 294 7.48 7.54 30.51
CA LYS A 294 8.17 8.39 31.52
C LYS A 294 7.62 8.11 32.94
N ASN A 295 6.33 7.86 33.11
CA ASN A 295 5.71 7.79 34.45
C ASN A 295 5.68 6.38 35.00
N HIS A 296 5.72 5.35 34.15
CA HIS A 296 5.59 3.95 34.60
C HIS A 296 6.81 3.16 34.17
N PRO A 297 7.92 3.24 34.96
CA PRO A 297 9.10 2.40 34.69
C PRO A 297 8.79 0.89 34.75
N ASP A 298 7.73 0.50 35.45
CA ASP A 298 7.37 -0.91 35.73
C ASP A 298 6.35 -1.43 34.68
N ILE A 299 5.90 -0.66 33.70
CA ILE A 299 5.05 -1.25 32.63
C ILE A 299 5.92 -1.50 31.41
N ILE A 300 6.08 -2.76 31.02
CA ILE A 300 6.93 -3.06 29.85
C ILE A 300 6.07 -3.07 28.59
N PHE A 301 6.42 -2.21 27.63
CA PHE A 301 5.76 -2.17 26.31
C PHE A 301 6.43 -3.18 25.39
N GLY A 302 5.63 -3.97 24.69
CA GLY A 302 6.13 -4.90 23.65
C GLY A 302 5.57 -4.51 22.32
N LEU A 303 6.20 -4.96 21.25
CA LEU A 303 5.72 -4.62 19.88
C LEU A 303 4.75 -5.67 19.35
N ASP A 304 3.84 -5.20 18.51
CA ASP A 304 2.87 -6.05 17.78
C ASP A 304 3.31 -6.11 16.32
N HIS A 305 4.15 -7.11 16.01
CA HIS A 305 4.82 -7.22 14.70
C HIS A 305 3.89 -7.98 13.75
N ILE A 306 3.48 -7.37 12.63
CA ILE A 306 2.61 -8.00 11.61
C ILE A 306 3.22 -7.77 10.23
N PRO A 307 4.36 -8.45 9.90
CA PRO A 307 5.03 -8.24 8.61
C PRO A 307 4.29 -8.77 7.36
N GLU A 308 3.46 -9.81 7.50
CA GLU A 308 2.62 -10.44 6.44
C GLU A 308 3.46 -11.16 5.38
N PHE A 309 4.64 -10.66 5.05
CA PHE A 309 5.59 -11.27 4.10
C PHE A 309 6.98 -10.81 4.53
N VAL A 310 8.04 -11.31 3.90
CA VAL A 310 9.42 -10.98 4.34
C VAL A 310 10.27 -10.76 3.09
N SER A 311 10.45 -9.52 2.72
CA SER A 311 11.17 -9.18 1.48
C SER A 311 11.83 -7.82 1.67
N PHE A 312 12.57 -7.39 0.66
CA PHE A 312 13.17 -6.04 0.65
C PHE A 312 12.07 -4.99 0.81
N ARG A 313 10.83 -5.29 0.39
CA ARG A 313 9.73 -4.28 0.48
C ARG A 313 9.49 -3.89 1.94
N ASN A 314 9.70 -4.78 2.92
CA ASN A 314 9.45 -4.42 4.33
C ASN A 314 10.61 -4.79 5.26
N ALA A 315 11.80 -5.14 4.75
CA ALA A 315 12.92 -5.67 5.58
C ALA A 315 13.32 -4.70 6.72
N HIS A 316 13.23 -3.40 6.47
CA HIS A 316 13.67 -2.32 7.41
C HIS A 316 12.63 -2.06 8.51
N SER A 317 11.36 -2.46 8.35
CA SER A 317 10.31 -2.12 9.33
C SER A 317 10.66 -2.66 10.73
N ASP A 318 11.01 -3.94 10.87
CA ASP A 318 11.12 -4.57 12.21
C ASP A 318 12.33 -3.97 12.91
N LEU A 319 13.46 -3.79 12.21
CA LEU A 319 14.67 -3.25 12.88
C LEU A 319 14.40 -1.83 13.36
N ALA A 320 13.86 -0.96 12.49
CA ALA A 320 13.57 0.45 12.86
C ALA A 320 12.62 0.47 14.07
N CYS A 321 11.61 -0.40 14.07
CA CYS A 321 10.68 -0.48 15.24
C CYS A 321 11.42 -0.93 16.50
N ASN A 322 12.20 -2.00 16.45
CA ASN A 322 12.95 -2.54 17.62
C ASN A 322 13.86 -1.46 18.15
N LYS A 323 14.55 -0.73 17.26
CA LYS A 323 15.47 0.36 17.68
C LYS A 323 14.73 1.53 18.32
N ILE A 324 13.57 1.92 17.77
CA ILE A 324 12.77 3.05 18.32
C ILE A 324 12.18 2.65 19.69
N LEU A 325 11.79 1.40 19.86
CA LEU A 325 11.30 0.99 21.21
C LEU A 325 12.45 1.07 22.21
N GLU A 326 13.62 0.59 21.83
CA GLU A 326 14.80 0.67 22.71
C GLU A 326 15.05 2.15 23.09
N ALA A 327 14.90 3.06 22.14
CA ALA A 327 15.14 4.50 22.41
C ALA A 327 14.18 5.03 23.49
N MET A 328 12.92 4.63 23.44
CA MET A 328 11.88 5.15 24.36
C MET A 328 11.92 4.34 25.65
N GLN A 329 12.38 3.10 25.59
CA GLN A 329 12.31 2.16 26.75
C GLN A 329 13.65 1.48 26.91
N PRO A 330 14.72 2.26 27.21
CA PRO A 330 16.08 1.72 27.23
C PRO A 330 16.39 0.79 28.41
N GLU A 331 15.54 0.78 29.45
CA GLU A 331 15.77 0.00 30.69
C GLU A 331 15.01 -1.34 30.66
N ALA A 332 14.35 -1.69 29.57
CA ALA A 332 13.68 -3.01 29.46
C ALA A 332 14.06 -3.69 28.16
N PRO A 333 14.03 -5.02 28.16
CA PRO A 333 14.25 -5.78 26.93
C PRO A 333 13.28 -5.35 25.82
N VAL A 334 13.75 -5.39 24.56
CA VAL A 334 12.91 -5.25 23.34
C VAL A 334 12.25 -6.61 23.08
N TRP A 335 10.93 -6.66 23.13
CA TRP A 335 10.16 -7.92 22.99
C TRP A 335 8.93 -7.65 22.12
N ALA A 336 8.41 -8.72 21.50
CA ALA A 336 7.18 -8.66 20.70
C ALA A 336 6.04 -9.29 21.49
N ALA A 337 5.14 -8.46 21.99
CA ALA A 337 3.90 -8.91 22.69
C ALA A 337 3.05 -9.78 21.76
N GLU A 338 3.09 -9.49 20.46
CA GLU A 338 2.37 -10.23 19.42
C GLU A 338 3.36 -10.35 18.27
N PHE A 339 3.76 -11.58 17.97
CA PHE A 339 4.84 -11.88 17.01
C PHE A 339 4.22 -12.78 15.95
N GLN A 340 4.03 -12.25 14.74
CA GLN A 340 3.14 -12.90 13.75
C GLN A 340 3.43 -14.40 13.59
N ALA A 341 2.38 -15.17 13.77
CA ALA A 341 2.30 -16.62 13.49
C ALA A 341 0.95 -16.84 12.80
N GLY A 342 0.99 -17.33 11.57
CA GLY A 342 -0.24 -17.42 10.77
C GLY A 342 -0.73 -16.02 10.42
N THR A 343 -1.98 -15.92 10.01
CA THR A 343 -2.54 -14.66 9.50
C THR A 343 -3.93 -14.46 10.08
N ARG A 344 -4.21 -13.23 10.45
CA ARG A 344 -5.54 -12.82 10.93
C ARG A 344 -6.54 -12.77 9.75
N GLU A 345 -6.07 -12.72 8.49
CA GLU A 345 -6.95 -12.53 7.30
C GLU A 345 -6.74 -13.64 6.29
N HIS A 346 -7.79 -14.40 5.96
CA HIS A 346 -7.64 -15.55 5.02
C HIS A 346 -6.97 -15.15 3.70
N HIS A 347 -7.30 -13.98 3.19
CA HIS A 347 -6.82 -13.48 1.87
C HIS A 347 -5.39 -12.92 1.95
N VAL A 348 -4.80 -12.85 3.13
CA VAL A 348 -3.45 -12.27 3.34
C VAL A 348 -2.57 -13.39 3.89
N LYS A 349 -1.93 -14.13 2.97
CA LYS A 349 -1.26 -15.42 3.32
C LYS A 349 -0.07 -15.15 4.23
N ALA A 350 0.17 -16.06 5.17
CA ALA A 350 1.36 -16.08 6.04
C ALA A 350 2.10 -17.37 5.77
N TYR A 351 3.18 -17.34 4.98
CA TYR A 351 3.95 -18.56 4.65
C TYR A 351 4.95 -18.87 5.77
N ALA A 352 4.98 -20.14 6.22
CA ALA A 352 5.95 -20.66 7.19
C ALA A 352 7.37 -20.25 6.78
N LYS A 353 7.71 -20.38 5.48
CA LYS A 353 9.08 -20.08 5.00
C LYS A 353 9.37 -18.57 5.02
N ASP A 354 8.36 -17.69 4.90
CA ASP A 354 8.56 -16.27 5.21
C ASP A 354 8.74 -16.09 6.72
N LEU A 355 7.80 -16.56 7.54
CA LEU A 355 7.82 -16.20 8.98
C LEU A 355 9.09 -16.78 9.63
N GLU A 356 9.56 -17.95 9.21
CA GLU A 356 10.82 -18.53 9.77
C GLU A 356 11.96 -17.53 9.59
N THR A 357 12.08 -16.92 8.42
CA THR A 357 13.11 -15.90 8.17
C THR A 357 12.85 -14.70 9.06
N PHE A 358 11.59 -14.27 9.19
CA PHE A 358 11.24 -13.12 10.06
C PHE A 358 11.73 -13.37 11.48
N TYR A 359 11.54 -14.58 11.98
CA TYR A 359 11.92 -14.95 13.36
C TYR A 359 13.43 -14.80 13.52
N ILE A 360 14.19 -15.31 12.56
CA ILE A 360 15.68 -15.25 12.60
C ILE A 360 16.11 -13.79 12.40
N ALA A 361 15.45 -13.05 11.50
CA ALA A 361 15.81 -11.64 11.26
C ALA A 361 15.58 -10.86 12.56
N SER A 362 14.53 -11.19 13.32
CA SER A 362 14.16 -10.50 14.60
C SER A 362 15.29 -10.74 15.61
N LEU A 363 15.84 -11.96 15.65
CA LEU A 363 17.00 -12.25 16.52
C LEU A 363 18.18 -11.38 16.09
N ALA A 364 18.53 -11.37 14.82
CA ALA A 364 19.61 -10.50 14.29
C ALA A 364 19.35 -9.05 14.72
N HIS A 365 18.09 -8.65 14.69
CA HIS A 365 17.65 -7.23 14.89
C HIS A 365 17.32 -6.98 16.36
N GLY A 366 17.83 -7.81 17.28
CA GLY A 366 17.94 -7.54 18.71
C GLY A 366 16.72 -7.87 19.55
N ILE A 367 15.78 -8.67 19.05
CA ILE A 367 14.61 -9.07 19.87
C ILE A 367 15.10 -10.00 20.99
N LYS A 368 14.50 -9.87 22.17
CA LYS A 368 14.94 -10.57 23.41
C LYS A 368 13.84 -11.50 23.91
N GLY A 369 12.66 -11.44 23.31
CA GLY A 369 11.52 -12.25 23.72
C GLY A 369 10.39 -12.04 22.75
N PHE A 370 9.47 -12.99 22.67
CA PHE A 370 8.29 -12.87 21.81
C PHE A 370 7.23 -13.87 22.19
N ASN A 371 6.05 -13.52 21.71
CA ASN A 371 4.82 -14.29 21.89
C ASN A 371 4.24 -14.53 20.51
N TYR A 372 4.38 -15.75 20.03
CA TYR A 372 3.82 -16.14 18.72
C TYR A 372 2.31 -15.94 18.73
N TYR A 373 1.84 -15.09 17.83
CA TYR A 373 0.43 -14.65 17.76
C TYR A 373 -0.03 -14.83 16.32
N MET A 374 -0.73 -15.93 15.99
CA MET A 374 -1.34 -16.90 16.90
C MET A 374 -0.59 -18.22 16.82
N PHE A 375 -0.20 -18.77 17.95
CA PHE A 375 0.37 -20.13 17.94
C PHE A 375 -0.75 -21.12 17.59
N SER A 376 -1.89 -21.05 18.27
CA SER A 376 -3.05 -21.93 18.02
C SER A 376 -4.15 -21.11 17.35
N GLN A 377 -4.67 -21.65 16.26
CA GLN A 377 -5.91 -21.18 15.61
C GLN A 377 -7.04 -21.34 16.63
N GLY A 378 -8.10 -20.57 16.48
CA GLY A 378 -9.34 -20.77 17.25
C GLY A 378 -10.55 -20.77 16.35
N ILE A 379 -11.66 -21.26 16.88
CA ILE A 379 -13.01 -21.19 16.28
C ILE A 379 -13.84 -20.35 17.22
N ASN A 380 -14.47 -19.30 16.71
CA ASN A 380 -15.24 -18.39 17.59
C ASN A 380 -16.46 -19.14 18.08
N PRO A 381 -16.71 -19.19 19.41
CA PRO A 381 -17.94 -19.79 19.88
C PRO A 381 -19.11 -18.87 19.51
N GLU A 382 -20.33 -19.38 19.60
CA GLU A 382 -21.57 -18.57 19.86
C GLU A 382 -21.56 -17.29 19.02
N GLY A 383 -21.15 -17.31 17.75
CA GLY A 383 -21.12 -16.10 16.91
C GLY A 383 -20.19 -14.96 17.40
N LYS A 384 -19.21 -15.19 18.28
CA LYS A 384 -18.39 -14.09 18.88
C LYS A 384 -17.28 -13.55 17.93
N GLY A 385 -17.11 -14.10 16.73
CA GLY A 385 -16.11 -13.60 15.76
C GLY A 385 -16.58 -12.32 15.12
N PHE A 386 -15.75 -11.27 15.08
CA PHE A 386 -16.14 -10.00 14.43
C PHE A 386 -16.37 -10.24 12.92
N TYR A 387 -15.55 -11.08 12.29
CA TYR A 387 -15.37 -11.11 10.81
C TYR A 387 -15.68 -12.47 10.17
N GLY A 388 -16.04 -13.46 10.95
CA GLY A 388 -16.17 -14.86 10.48
C GLY A 388 -16.01 -15.83 11.63
N LYS A 389 -16.20 -17.12 11.38
CA LYS A 389 -16.21 -18.18 12.44
C LYS A 389 -14.79 -18.52 12.87
N THR A 390 -13.80 -18.39 11.97
CA THR A 390 -12.45 -18.96 12.20
C THR A 390 -11.54 -17.83 12.65
N PHE A 391 -10.76 -18.05 13.70
CA PHE A 391 -9.79 -17.06 14.23
C PHE A 391 -8.38 -17.50 13.85
N TYR A 392 -7.80 -16.80 12.87
CA TYR A 392 -6.46 -17.01 12.33
C TYR A 392 -6.42 -18.25 11.44
N PHE A 393 -5.43 -18.23 10.53
CA PHE A 393 -5.16 -19.31 9.54
C PHE A 393 -3.65 -19.53 9.47
N GLN A 394 -3.20 -20.70 9.02
CA GLN A 394 -1.76 -20.98 8.78
C GLN A 394 -0.95 -20.81 10.05
N THR A 395 -1.52 -21.19 11.18
CA THR A 395 -0.90 -21.07 12.51
C THR A 395 0.02 -22.27 12.77
N ALA A 396 0.57 -22.40 13.98
CA ALA A 396 1.42 -23.57 14.33
C ALA A 396 0.52 -24.79 14.52
N LEU A 397 -0.61 -24.61 15.20
CA LEU A 397 -1.64 -25.66 15.40
C LEU A 397 -2.96 -25.17 14.84
N ASP A 398 -3.75 -26.07 14.25
CA ASP A 398 -5.16 -25.71 13.92
C ASP A 398 -5.96 -25.74 15.22
N ALA A 399 -7.22 -25.35 15.14
CA ALA A 399 -8.09 -25.28 16.35
C ALA A 399 -8.18 -26.65 17.02
N ALA A 400 -8.12 -27.73 16.24
CA ALA A 400 -8.23 -29.12 16.70
C ALA A 400 -6.91 -29.65 17.33
N SER A 401 -5.81 -28.88 17.24
CA SER A 401 -4.45 -29.16 17.78
C SER A 401 -3.59 -29.99 16.80
N ASN A 402 -4.02 -30.15 15.55
CA ASN A 402 -3.15 -30.70 14.48
C ASN A 402 -1.98 -29.75 14.22
N LYS A 403 -0.79 -30.30 14.07
CA LYS A 403 0.41 -29.53 13.65
C LYS A 403 0.23 -29.15 12.20
N LEU A 404 0.45 -27.89 11.92
CA LEU A 404 0.55 -27.32 10.57
C LEU A 404 2.01 -26.97 10.24
N ALA A 405 2.26 -26.52 9.02
CA ALA A 405 3.62 -26.33 8.49
C ALA A 405 4.43 -25.42 9.43
N LEU A 406 3.80 -24.41 10.03
CA LEU A 406 4.59 -23.40 10.79
C LEU A 406 5.15 -24.06 12.05
N TYR A 407 4.52 -25.13 12.54
CA TYR A 407 4.93 -25.78 13.81
C TYR A 407 6.42 -26.14 13.75
N ASP A 408 6.86 -26.77 12.65
CA ASP A 408 8.28 -27.22 12.55
C ASP A 408 9.21 -26.01 12.37
N SER A 409 8.75 -24.90 11.78
CA SER A 409 9.57 -23.66 11.67
C SER A 409 9.82 -23.10 13.08
N ILE A 410 8.76 -23.01 13.87
CA ILE A 410 8.89 -22.47 15.26
C ILE A 410 9.77 -23.41 16.09
N LYS A 411 9.67 -24.74 15.91
CA LYS A 411 10.46 -25.67 16.72
C LYS A 411 11.94 -25.48 16.38
N LYS A 412 12.25 -25.28 15.10
CA LYS A 412 13.63 -25.07 14.57
C LYS A 412 14.20 -23.79 15.18
N VAL A 413 13.45 -22.70 15.12
CA VAL A 413 13.92 -21.40 15.67
C VAL A 413 14.08 -21.50 17.21
N ASN A 414 13.10 -22.05 17.89
CA ASN A 414 13.13 -22.22 19.37
C ASN A 414 14.34 -23.06 19.79
N ARG A 415 14.67 -24.09 19.01
CA ARG A 415 15.78 -25.00 19.33
C ARG A 415 17.09 -24.21 19.29
N PHE A 416 17.29 -23.42 18.23
CA PHE A 416 18.49 -22.57 18.09
C PHE A 416 18.51 -21.62 19.30
N ILE A 417 17.38 -20.97 19.59
CA ILE A 417 17.32 -19.98 20.71
C ILE A 417 17.70 -20.66 22.03
N ARG A 418 17.16 -21.84 22.32
CA ARG A 418 17.42 -22.52 23.62
C ARG A 418 18.88 -22.94 23.69
N LYS A 419 19.45 -23.37 22.59
CA LYS A 419 20.89 -23.78 22.54
C LYS A 419 21.77 -22.56 22.86
N GLU A 420 21.40 -21.35 22.41
CA GLU A 420 22.33 -20.20 22.27
C GLU A 420 21.97 -19.06 23.22
N GLN A 421 20.83 -19.13 23.89
CA GLN A 421 20.24 -17.95 24.58
C GLN A 421 21.20 -17.36 25.61
N LYS A 422 21.98 -18.19 26.30
CA LYS A 422 22.93 -17.77 27.36
C LYS A 422 23.95 -16.77 26.79
N ASP A 423 24.49 -16.99 25.58
CA ASP A 423 25.42 -16.04 24.91
C ASP A 423 24.61 -15.00 24.10
N LEU A 424 23.67 -15.47 23.28
CA LEU A 424 22.96 -14.62 22.30
C LEU A 424 22.29 -13.44 23.00
N LEU A 425 21.69 -13.63 24.19
CA LEU A 425 20.97 -12.53 24.86
C LEU A 425 21.96 -11.47 25.29
N ARG A 426 23.20 -11.85 25.53
CA ARG A 426 24.26 -10.95 26.04
C ARG A 426 25.00 -10.26 24.88
N THR A 427 24.74 -10.62 23.63
CA THR A 427 25.47 -10.06 22.48
C THR A 427 24.95 -8.65 22.17
N ASN A 428 25.88 -7.79 21.74
CA ASN A 428 25.57 -6.44 21.21
C ASN A 428 26.01 -6.39 19.73
N VAL A 429 25.49 -5.42 18.98
CA VAL A 429 26.05 -4.99 17.66
C VAL A 429 26.89 -3.74 17.95
N ASN A 430 28.03 -3.60 17.28
CA ASN A 430 28.92 -2.42 17.49
C ASN A 430 28.35 -1.27 16.64
N SER A 431 27.49 -0.43 17.21
CA SER A 431 26.92 0.72 16.48
C SER A 431 27.80 1.94 16.69
N GLU A 432 28.42 2.43 15.63
CA GLU A 432 29.19 3.71 15.69
C GLU A 432 28.33 4.89 15.22
N ILE A 433 27.13 4.62 14.74
CA ILE A 433 26.17 5.64 14.21
C ILE A 433 24.99 5.73 15.18
N CYS A 434 24.64 6.91 15.63
CA CYS A 434 23.43 7.16 16.46
C CYS A 434 22.51 8.01 15.63
N VAL A 435 21.23 7.67 15.58
CA VAL A 435 20.19 8.46 14.86
C VAL A 435 19.26 9.06 15.90
N GLY A 436 19.03 10.36 15.82
CA GLY A 436 18.22 11.07 16.79
C GLY A 436 16.75 10.86 16.52
N PHE A 437 16.00 10.57 17.58
CA PHE A 437 14.52 10.44 17.57
C PHE A 437 13.92 11.68 18.24
N TYR A 438 13.32 12.56 17.44
CA TYR A 438 12.77 13.86 17.88
C TYR A 438 11.27 13.72 17.96
N LYS A 439 10.76 13.38 19.13
CA LYS A 439 9.36 12.92 19.28
C LYS A 439 8.35 13.93 18.71
N PRO A 440 8.52 15.26 18.89
CA PRO A 440 7.50 16.20 18.42
C PRO A 440 7.14 16.09 16.94
N TYR A 441 8.06 15.61 16.09
CA TYR A 441 7.77 15.41 14.64
C TYR A 441 6.73 14.32 14.43
N PHE A 442 6.58 13.43 15.42
CA PHE A 442 5.71 12.23 15.40
C PHE A 442 4.34 12.56 15.98
N PHE A 443 4.19 13.70 16.64
CA PHE A 443 2.94 14.04 17.35
C PHE A 443 1.88 14.58 16.39
N THR A 444 1.38 13.77 15.46
CA THR A 444 0.48 14.28 14.41
C THR A 444 -0.74 13.37 14.18
N GLU A 445 -1.01 12.39 15.05
CA GLU A 445 -2.04 11.36 14.72
C GLU A 445 -3.45 11.97 14.58
N LEU A 446 -3.67 13.21 15.04
CA LEU A 446 -4.99 13.90 14.84
C LEU A 446 -5.01 14.74 13.57
N ILE A 447 -3.85 15.01 12.95
CA ILE A 447 -3.76 15.99 11.82
C ILE A 447 -3.07 15.42 10.59
N SER A 448 -2.21 14.42 10.73
CA SER A 448 -1.42 13.92 9.57
C SER A 448 -0.94 12.50 9.84
N SER A 449 -1.51 11.57 9.10
CA SER A 449 -1.19 10.12 9.23
C SER A 449 -1.54 9.42 7.91
N GLN A 450 -0.94 8.26 7.68
CA GLN A 450 -1.31 7.41 6.51
C GLN A 450 -2.78 7.02 6.61
N LEU A 451 -3.36 7.01 7.80
CA LEU A 451 -4.72 6.49 7.99
C LEU A 451 -5.76 7.61 8.00
N LEU A 452 -5.38 8.81 8.42
CA LEU A 452 -6.32 9.97 8.39
C LEU A 452 -6.59 10.29 6.92
N LYS A 453 -7.87 10.55 6.62
CA LYS A 453 -8.42 10.65 5.25
C LYS A 453 -8.34 12.14 4.85
N GLU A 454 -9.05 12.97 5.62
CA GLU A 454 -8.99 14.46 5.63
C GLU A 454 -7.65 14.88 6.23
N LYS A 455 -6.69 15.33 5.41
CA LYS A 455 -5.38 15.86 5.93
C LYS A 455 -5.57 17.28 6.49
N LYS A 456 -5.28 17.47 7.78
CA LYS A 456 -5.52 18.76 8.48
C LYS A 456 -4.26 19.62 8.48
N LEU A 457 -3.07 19.03 8.27
CA LEU A 457 -1.79 19.77 8.30
C LEU A 457 -1.28 19.92 6.87
N ASN A 458 -1.14 21.17 6.45
CA ASN A 458 -0.58 21.60 5.14
C ASN A 458 0.46 22.66 5.49
N VAL A 459 1.74 22.25 5.61
CA VAL A 459 2.74 23.16 6.22
C VAL A 459 2.93 24.39 5.34
N GLU A 460 2.67 24.27 4.03
CA GLU A 460 2.87 25.41 3.08
C GLU A 460 1.95 26.58 3.51
N GLU A 461 0.78 26.29 4.06
CA GLU A 461 -0.15 27.36 4.52
C GLU A 461 0.46 28.08 5.73
N LEU A 462 1.42 27.47 6.42
CA LEU A 462 2.09 28.04 7.60
C LEU A 462 3.40 28.72 7.24
N GLY A 463 3.71 28.88 5.94
CA GLY A 463 4.99 29.45 5.48
C GLY A 463 6.14 28.49 5.68
N LEU A 464 5.86 27.19 5.80
CA LEU A 464 6.89 26.14 5.94
C LEU A 464 6.95 25.30 4.66
N TYR A 465 7.99 24.49 4.47
CA TYR A 465 8.03 23.56 3.31
C TYR A 465 8.42 22.14 3.72
N ILE A 466 8.91 21.94 4.94
CA ILE A 466 9.30 20.56 5.37
C ILE A 466 8.23 19.98 6.30
N ASP A 467 7.42 19.08 5.76
CA ASP A 467 6.33 18.42 6.52
C ASP A 467 6.95 17.39 7.46
N PRO A 468 6.56 17.38 8.75
CA PRO A 468 7.21 16.52 9.71
C PRO A 468 6.89 15.04 9.45
N ARG A 469 5.71 14.75 8.91
CA ARG A 469 5.35 13.35 8.61
C ARG A 469 6.13 12.89 7.37
N PHE A 470 6.20 13.68 6.31
CA PHE A 470 7.06 13.36 5.14
C PHE A 470 8.51 13.14 5.60
N LEU A 471 9.02 14.04 6.46
CA LEU A 471 10.42 13.90 7.00
C LEU A 471 10.55 12.55 7.72
N ARG A 472 9.68 12.26 8.68
CA ARG A 472 9.92 11.11 9.58
C ARG A 472 9.60 9.80 8.84
N GLU A 473 8.72 9.81 7.84
CA GLU A 473 8.43 8.57 7.07
C GLU A 473 9.44 8.34 5.94
N GLU A 474 9.67 9.34 5.08
CA GLU A 474 10.42 9.11 3.81
C GLU A 474 11.89 9.45 4.02
N ILE A 475 12.22 10.53 4.76
CA ILE A 475 13.64 10.92 4.92
C ILE A 475 14.27 10.02 6.01
N LEU A 476 13.56 9.72 7.10
CA LEU A 476 14.12 8.90 8.22
C LEU A 476 13.79 7.40 8.04
N PHE A 477 12.51 7.01 8.13
CA PHE A 477 12.10 5.59 8.25
C PHE A 477 12.41 4.82 6.96
N ASN A 478 11.91 5.29 5.82
CA ASN A 478 12.09 4.59 4.53
C ASN A 478 13.39 5.06 3.88
N GLY A 479 14.09 6.05 4.45
CA GLY A 479 15.26 6.70 3.85
C GLY A 479 16.53 6.31 4.56
N LEU A 480 16.91 7.06 5.58
CA LEU A 480 18.18 6.87 6.31
C LEU A 480 18.16 5.48 6.98
N LEU A 481 17.11 5.11 7.72
CA LEU A 481 17.19 3.84 8.49
C LEU A 481 17.23 2.70 7.46
N ARG A 482 16.38 2.77 6.42
CA ARG A 482 16.34 1.74 5.36
C ARG A 482 17.72 1.66 4.69
N GLY A 483 18.33 2.81 4.44
CA GLY A 483 19.61 2.91 3.73
C GLY A 483 20.72 2.29 4.55
N LEU A 484 20.84 2.64 5.83
CA LEU A 484 21.88 2.09 6.73
C LEU A 484 21.74 0.56 6.81
N GLN A 485 20.55 0.04 7.05
CA GLN A 485 20.32 -1.42 7.12
C GLN A 485 20.74 -2.08 5.80
N THR A 486 20.38 -1.49 4.67
CA THR A 486 20.66 -2.05 3.33
C THR A 486 22.18 -2.07 3.14
N LEU A 487 22.86 -1.02 3.60
CA LEU A 487 24.34 -0.87 3.44
C LEU A 487 25.06 -1.70 4.53
N ASN A 488 24.32 -2.27 5.49
CA ASN A 488 24.89 -3.10 6.60
C ASN A 488 25.78 -2.26 7.50
N TYR A 489 25.34 -1.04 7.82
CA TYR A 489 25.92 -0.22 8.89
C TYR A 489 24.97 -0.26 10.07
N ASN A 490 25.48 -0.73 11.20
CA ASN A 490 24.72 -0.77 12.48
C ASN A 490 24.42 0.66 12.89
N TYR A 491 23.23 0.90 13.40
CA TYR A 491 22.88 2.19 14.04
C TYR A 491 22.12 1.91 15.31
N ASP A 492 22.17 2.87 16.23
CA ASP A 492 21.28 2.96 17.41
C ASP A 492 20.38 4.18 17.24
N VAL A 493 19.23 4.17 17.91
CA VAL A 493 18.36 5.36 17.95
C VAL A 493 18.36 5.90 19.37
N VAL A 494 18.44 7.23 19.53
CA VAL A 494 18.41 7.85 20.88
C VAL A 494 17.25 8.85 20.93
N ASP A 495 16.44 8.80 21.99
CA ASP A 495 15.39 9.81 22.26
C ASP A 495 16.12 11.10 22.65
N LEU A 496 15.94 12.18 21.90
CA LEU A 496 16.64 13.46 22.17
C LEU A 496 16.06 14.18 23.39
N GLU A 497 14.87 13.82 23.87
CA GLU A 497 14.22 14.45 25.06
C GLU A 497 14.99 14.12 26.34
N ASN A 498 15.46 15.13 27.09
CA ASN A 498 16.19 14.94 28.39
C ASN A 498 17.36 13.99 28.19
N CYS A 499 17.96 14.07 27.02
CA CYS A 499 19.03 13.16 26.57
C CYS A 499 20.33 13.64 27.22
N ASP A 500 21.05 12.73 27.88
CA ASP A 500 22.34 13.03 28.54
C ASP A 500 23.41 13.09 27.44
N LEU A 501 24.22 14.15 27.39
CA LEU A 501 25.31 14.29 26.39
C LEU A 501 26.23 13.07 26.45
N LYS A 502 26.51 12.57 27.65
CA LYS A 502 27.44 11.43 27.86
C LYS A 502 26.93 10.20 27.10
N SER A 503 25.63 10.02 26.90
CA SER A 503 25.14 8.85 26.15
C SER A 503 25.41 9.03 24.64
N LEU A 504 25.63 10.25 24.15
CA LEU A 504 25.84 10.52 22.70
C LEU A 504 27.33 10.39 22.36
N THR A 505 28.22 10.53 23.33
CA THR A 505 29.68 10.79 23.08
C THR A 505 30.38 9.50 22.63
N ALA A 506 29.78 8.33 22.85
CA ALA A 506 30.32 6.99 22.48
C ALA A 506 30.30 6.75 20.96
N TYR A 507 29.46 7.46 20.21
CA TYR A 507 29.29 7.25 18.76
C TYR A 507 30.33 8.05 17.97
N LYS A 508 30.68 7.57 16.79
CA LYS A 508 31.51 8.32 15.83
C LYS A 508 30.68 9.39 15.14
N GLN A 509 29.41 9.13 14.85
CA GLN A 509 28.50 10.10 14.20
C GLN A 509 27.12 10.11 14.85
N LEU A 510 26.54 11.30 14.99
CA LEU A 510 25.12 11.53 15.32
C LEU A 510 24.42 12.09 14.08
N TRP A 511 23.34 11.45 13.65
CA TRP A 511 22.57 11.87 12.47
C TRP A 511 21.23 12.44 12.94
N ILE A 512 20.95 13.68 12.53
CA ILE A 512 19.70 14.37 12.90
C ILE A 512 19.00 14.75 11.60
N THR A 513 17.78 14.24 11.43
CA THR A 513 16.88 14.57 10.33
C THR A 513 15.99 15.68 10.89
N SER A 514 16.17 16.91 10.40
CA SER A 514 15.59 18.11 11.02
C SER A 514 14.59 18.78 10.07
N ALA A 515 13.48 19.23 10.64
CA ALA A 515 12.50 20.12 9.99
C ALA A 515 12.94 21.55 10.30
N GLU A 516 12.13 22.52 9.92
CA GLU A 516 12.48 23.94 10.16
C GLU A 516 12.22 24.29 11.63
N PHE A 517 11.63 23.38 12.41
CA PHE A 517 11.34 23.63 13.84
C PHE A 517 12.01 22.57 14.71
N MET A 518 12.43 22.99 15.89
CA MET A 518 13.09 22.15 16.91
C MET A 518 13.16 22.93 18.22
N ASP A 519 12.81 22.34 19.37
CA ASP A 519 12.77 23.09 20.67
C ASP A 519 14.18 23.55 21.08
N ALA A 520 14.19 24.57 21.93
CA ALA A 520 15.43 25.20 22.43
C ALA A 520 16.27 24.14 23.13
N GLU A 521 15.69 23.28 23.98
CA GLU A 521 16.45 22.21 24.68
C GLU A 521 17.24 21.38 23.66
N THR A 522 16.61 20.97 22.56
CA THR A 522 17.26 20.06 21.59
C THR A 522 18.27 20.87 20.75
N GLN A 523 17.96 22.10 20.38
CA GLN A 523 18.97 22.94 19.69
C GLN A 523 20.21 23.13 20.58
N ASN A 524 20.01 23.35 21.88
CA ASN A 524 21.13 23.50 22.84
C ASN A 524 21.93 22.20 22.94
N LEU A 525 21.25 21.07 23.15
CA LEU A 525 21.89 19.74 23.26
C LEU A 525 22.81 19.51 22.05
N LEU A 526 22.32 19.75 20.84
CA LEU A 526 23.11 19.43 19.62
C LEU A 526 24.29 20.40 19.53
N SER A 527 24.11 21.64 19.96
CA SER A 527 25.17 22.69 19.97
C SER A 527 26.32 22.19 20.84
N GLU A 528 26.00 21.78 22.08
CA GLU A 528 26.97 21.27 23.06
C GLU A 528 27.60 19.98 22.53
N PHE A 529 26.80 19.11 21.93
CA PHE A 529 27.31 17.87 21.34
C PHE A 529 28.53 18.18 20.46
N VAL A 530 28.36 19.08 19.49
CA VAL A 530 29.44 19.38 18.51
C VAL A 530 30.57 20.12 19.23
N LEU A 531 30.27 21.15 20.01
CA LEU A 531 31.35 21.95 20.64
C LEU A 531 32.28 21.03 21.44
N ASN A 532 31.73 20.02 22.11
CA ASN A 532 32.53 19.18 23.04
C ASN A 532 33.26 18.06 22.31
N GLY A 533 33.14 17.92 20.99
CA GLY A 533 33.88 16.89 20.23
C GLY A 533 33.01 15.96 19.39
N GLY A 534 31.69 16.15 19.35
CA GLY A 534 30.79 15.31 18.55
C GLY A 534 30.87 15.59 17.07
N ASN A 535 30.57 14.56 16.26
CA ASN A 535 30.47 14.66 14.79
C ASN A 535 29.00 14.54 14.42
N LEU A 536 28.45 15.64 13.89
CA LEU A 536 27.00 15.77 13.63
C LEU A 536 26.79 15.84 12.13
N ILE A 537 25.88 15.00 11.65
CA ILE A 537 25.31 15.10 10.29
C ILE A 537 23.86 15.59 10.41
N LEU A 538 23.56 16.70 9.74
CA LEU A 538 22.26 17.39 9.93
C LEU A 538 21.70 17.76 8.57
N TYR A 539 20.47 17.36 8.31
CA TYR A 539 19.74 17.63 7.06
C TYR A 539 18.27 17.34 7.30
N PRO A 540 17.34 17.84 6.47
CA PRO A 540 17.64 18.74 5.35
C PRO A 540 17.65 20.22 5.69
N ALA A 541 17.50 20.54 6.97
CA ALA A 541 17.34 21.96 7.35
C ALA A 541 18.02 22.22 8.69
N VAL A 542 18.78 23.32 8.75
CA VAL A 542 19.02 24.03 10.04
C VAL A 542 17.65 24.55 10.47
N PRO A 543 17.14 24.16 11.64
CA PRO A 543 15.88 24.70 12.14
C PRO A 543 16.02 26.17 12.56
N THR A 544 14.98 26.98 12.48
CA THR A 544 15.02 28.41 12.92
C THR A 544 13.82 28.75 13.78
N LEU A 545 12.99 27.76 14.11
CA LEU A 545 11.74 27.90 14.91
C LEU A 545 11.71 26.86 16.01
N ASP A 546 10.86 27.08 17.02
CA ASP A 546 10.60 26.15 18.14
C ASP A 546 9.32 25.34 17.83
N ASN A 547 8.85 24.53 18.79
CA ASN A 547 7.70 23.61 18.58
C ASN A 547 6.40 24.39 18.31
N TYR A 548 6.34 25.68 18.65
CA TYR A 548 5.16 26.56 18.45
C TYR A 548 5.40 27.47 17.24
N LEU A 549 6.46 27.20 16.47
CA LEU A 549 6.80 27.91 15.19
C LEU A 549 7.11 29.39 15.51
N ASN A 550 7.60 29.67 16.70
CA ASN A 550 8.15 31.00 17.07
C ASN A 550 9.68 30.93 16.90
N ARG A 551 10.31 32.09 16.67
CA ARG A 551 11.77 32.21 16.40
C ARG A 551 12.58 31.43 17.45
N CYS A 552 13.53 30.61 16.99
CA CYS A 552 14.56 29.99 17.85
C CYS A 552 15.76 29.58 16.97
N GLU A 553 16.85 30.35 17.04
CA GLU A 553 17.97 30.26 16.06
C GLU A 553 19.23 29.85 16.81
N ILE A 554 19.03 29.17 17.93
CA ILE A 554 20.12 28.78 18.85
C ILE A 554 21.18 27.96 18.09
N LEU A 555 20.76 26.88 17.44
CA LEU A 555 21.69 25.99 16.75
C LEU A 555 22.33 26.74 15.58
N LYS A 556 21.55 27.50 14.83
CA LYS A 556 22.07 28.27 13.68
C LYS A 556 23.18 29.23 14.13
N ASN A 557 22.95 29.90 15.24
CA ASN A 557 23.92 30.90 15.79
C ASN A 557 25.11 30.17 16.42
N ASN A 558 24.87 29.06 17.13
CA ASN A 558 25.98 28.33 17.79
C ASN A 558 26.90 27.72 16.74
N PHE A 559 26.42 27.45 15.52
CA PHE A 559 27.22 26.77 14.46
C PHE A 559 27.74 27.77 13.42
N GLY A 560 27.43 29.05 13.60
CA GLY A 560 28.00 30.14 12.80
C GLY A 560 27.57 29.99 11.37
N ILE A 561 26.31 29.61 11.19
CA ILE A 561 25.69 29.32 9.87
C ILE A 561 24.90 30.54 9.43
N GLU A 562 25.12 30.95 8.19
CA GLU A 562 24.24 31.92 7.51
C GLU A 562 23.66 31.20 6.30
N PHE A 563 22.37 31.34 6.06
CA PHE A 563 21.75 30.72 4.86
C PHE A 563 20.58 31.57 4.35
N ILE A 564 20.25 31.35 3.09
CA ILE A 564 19.01 31.84 2.42
C ILE A 564 18.34 30.62 1.80
N THR A 565 17.01 30.61 1.79
CA THR A 565 16.21 29.53 1.16
C THR A 565 15.90 29.96 -0.28
N LYS A 566 16.34 29.16 -1.25
CA LYS A 566 16.18 29.44 -2.70
C LYS A 566 15.64 28.22 -3.44
N ASP A 567 14.80 28.47 -4.46
CA ASP A 567 14.25 27.43 -5.38
C ASP A 567 15.30 27.03 -6.41
N SER A 568 15.44 25.73 -6.70
CA SER A 568 16.30 25.19 -7.77
C SER A 568 15.74 23.83 -8.19
N SER A 569 16.29 23.28 -9.28
CA SER A 569 16.04 21.91 -9.75
C SER A 569 16.07 20.97 -8.53
N HIS A 570 15.31 19.89 -8.56
CA HIS A 570 15.36 18.83 -7.52
C HIS A 570 16.77 18.24 -7.39
N LYS A 571 17.54 18.26 -8.46
CA LYS A 571 18.83 17.51 -8.49
C LYS A 571 19.94 18.40 -7.96
N VAL A 572 20.83 17.82 -7.15
CA VAL A 572 22.06 18.48 -6.66
C VAL A 572 23.20 17.53 -6.91
N SER A 573 24.39 18.04 -6.75
CA SER A 573 25.59 17.20 -6.63
C SER A 573 26.02 17.29 -5.17
N ALA A 574 26.55 16.20 -4.65
CA ALA A 574 27.02 16.10 -3.25
C ALA A 574 28.23 15.14 -3.20
N PHE A 575 29.35 15.62 -2.68
CA PHE A 575 30.58 14.81 -2.50
C PHE A 575 31.02 14.24 -3.85
N GLY A 576 30.74 14.91 -4.95
CA GLY A 576 31.16 14.46 -6.31
C GLY A 576 30.15 13.51 -6.93
N ILE A 577 29.07 13.13 -6.22
CA ILE A 577 27.91 12.39 -6.81
C ILE A 577 26.99 13.36 -7.54
N GLU A 578 26.81 13.17 -8.84
CA GLU A 578 25.96 14.03 -9.69
C GLU A 578 24.51 13.54 -9.67
N ASP A 579 23.54 14.44 -9.88
CA ASP A 579 22.12 14.05 -10.14
C ASP A 579 21.59 13.30 -8.92
N VAL A 580 21.91 13.80 -7.75
CA VAL A 580 21.23 13.36 -6.51
C VAL A 580 19.86 14.03 -6.52
N PHE A 581 18.79 13.24 -6.71
CA PHE A 581 17.41 13.73 -6.70
C PHE A 581 17.04 14.08 -5.24
N THR A 582 16.58 15.30 -5.01
CA THR A 582 16.16 15.77 -3.67
C THR A 582 14.66 16.05 -3.69
N ALA A 583 14.03 16.04 -2.52
CA ALA A 583 12.56 16.02 -2.39
C ALA A 583 11.97 17.39 -2.73
N PHE A 584 12.70 18.48 -2.50
CA PHE A 584 12.16 19.86 -2.58
C PHE A 584 12.92 20.73 -3.60
N SER A 585 12.17 21.61 -4.25
CA SER A 585 12.70 22.76 -5.02
C SER A 585 13.44 23.71 -4.07
N LYS A 586 12.85 24.10 -2.95
CA LYS A 586 13.54 24.99 -1.98
C LYS A 586 14.71 24.25 -1.33
N LYS A 587 15.85 24.92 -1.20
CA LYS A 587 17.06 24.38 -0.52
C LYS A 587 17.66 25.47 0.34
N GLN A 588 18.39 25.09 1.39
CA GLN A 588 19.19 26.07 2.14
C GLN A 588 20.49 26.28 1.38
N ILE A 589 20.81 27.54 1.12
CA ILE A 589 22.08 27.96 0.48
C ILE A 589 22.96 28.62 1.55
N TYR A 590 24.08 28.00 1.88
CA TYR A 590 24.97 28.40 2.99
C TYR A 590 26.10 29.30 2.50
N ASN A 591 26.45 30.31 3.33
CA ASN A 591 27.70 31.08 3.22
C ASN A 591 28.84 30.10 3.45
N ASP A 592 29.83 30.20 2.57
CA ASP A 592 31.06 29.38 2.49
C ASP A 592 32.01 29.59 3.70
N THR A 593 31.70 30.47 4.67
CA THR A 593 32.64 31.00 5.67
C THR A 593 33.19 29.88 6.54
N ASN A 594 34.53 29.78 6.65
CA ASN A 594 35.17 28.85 7.60
C ASN A 594 34.59 27.43 7.41
N SER A 595 34.41 27.02 6.16
CA SER A 595 33.74 25.74 5.84
C SER A 595 34.25 25.24 4.50
N LYS A 596 34.08 23.95 4.23
CA LYS A 596 34.35 23.32 2.93
C LYS A 596 32.99 23.08 2.27
N PRO A 597 32.71 23.67 1.10
CA PRO A 597 31.45 23.40 0.40
C PRO A 597 31.49 21.99 -0.21
N ILE A 598 30.46 21.18 0.01
CA ILE A 598 30.48 19.75 -0.44
C ILE A 598 29.21 19.39 -1.20
N ALA A 599 28.29 20.33 -1.46
CA ALA A 599 27.08 20.06 -2.27
C ALA A 599 26.64 21.34 -2.98
N PHE A 600 26.17 21.19 -4.22
CA PHE A 600 25.92 22.30 -5.14
C PHE A 600 24.60 22.09 -5.88
N THR A 601 23.84 23.18 -6.06
CA THR A 601 22.58 23.18 -6.83
C THR A 601 22.94 23.15 -8.30
N GLN A 602 21.95 23.19 -9.16
CA GLN A 602 22.22 23.20 -10.63
C GLN A 602 22.83 24.54 -11.03
N GLU A 603 22.66 25.60 -10.22
CA GLU A 603 23.29 26.94 -10.45
C GLU A 603 24.63 27.03 -9.71
N ASN A 604 25.14 25.90 -9.24
CA ASN A 604 26.39 25.73 -8.44
C ASN A 604 26.38 26.61 -7.18
N GLU A 605 25.20 26.90 -6.63
CA GLU A 605 25.10 27.53 -5.28
C GLU A 605 25.28 26.44 -4.22
N ILE A 606 25.78 26.84 -3.07
CA ILE A 606 26.26 25.92 -2.02
C ILE A 606 25.05 25.49 -1.19
N CYS A 607 24.73 24.19 -1.23
CA CYS A 607 23.58 23.62 -0.48
C CYS A 607 24.09 22.52 0.46
N GLY A 608 25.40 22.49 0.77
CA GLY A 608 25.95 21.65 1.85
C GLY A 608 27.38 22.03 2.15
N ILE A 609 27.75 22.00 3.42
CA ILE A 609 29.08 22.41 3.91
C ILE A 609 29.49 21.47 5.03
N ARG A 610 30.79 21.42 5.25
CA ARG A 610 31.45 20.72 6.37
C ARG A 610 32.33 21.75 7.06
N LYS A 611 32.34 21.70 8.37
CA LYS A 611 33.15 22.64 9.16
C LYS A 611 33.52 21.99 10.49
N LYS A 612 34.57 22.53 11.07
CA LYS A 612 35.11 22.17 12.39
C LYS A 612 34.64 23.27 13.34
N ILE A 613 34.02 22.88 14.45
CA ILE A 613 33.46 23.80 15.47
C ILE A 613 33.87 23.30 16.85
N GLY A 614 34.67 24.07 17.58
CA GLY A 614 35.26 23.60 18.84
C GLY A 614 35.99 22.30 18.59
N LYS A 615 35.73 21.25 19.34
CA LYS A 615 36.47 19.99 19.12
C LYS A 615 35.71 19.10 18.14
N GLY A 616 34.57 19.56 17.61
CA GLY A 616 33.62 18.72 16.85
C GLY A 616 33.66 18.99 15.36
N GLU A 617 32.80 18.25 14.64
CA GLU A 617 32.62 18.34 13.17
C GLU A 617 31.13 18.50 12.90
N LEU A 618 30.83 19.32 11.91
CA LEU A 618 29.44 19.51 11.44
C LEU A 618 29.40 19.29 9.95
N THR A 619 28.42 18.49 9.50
CA THR A 619 28.08 18.33 8.08
C THR A 619 26.61 18.72 7.91
N ILE A 620 26.31 19.78 7.18
CA ILE A 620 24.92 20.23 6.96
C ILE A 620 24.61 20.09 5.50
N LEU A 621 23.51 19.42 5.17
CA LEU A 621 23.02 19.32 3.78
C LEU A 621 21.67 20.00 3.74
N GLY A 622 21.55 21.01 2.89
CA GLY A 622 20.36 21.88 2.83
C GLY A 622 19.33 21.35 1.85
N PHE A 623 19.16 20.03 1.80
CA PHE A 623 18.29 19.35 0.84
C PHE A 623 17.92 17.99 1.48
N ALA A 624 16.81 17.43 1.01
CA ALA A 624 16.15 16.22 1.55
C ALA A 624 16.33 15.08 0.55
N PHE A 625 16.87 13.96 1.02
CA PHE A 625 16.92 12.69 0.29
C PHE A 625 16.53 11.60 1.27
N GLY A 626 15.79 10.60 0.81
CA GLY A 626 15.59 9.34 1.53
C GLY A 626 16.34 8.26 0.79
N TYR A 627 15.64 7.26 0.28
CA TYR A 627 16.25 6.18 -0.51
C TYR A 627 15.25 5.82 -1.61
N THR A 628 15.35 6.54 -2.71
CA THR A 628 14.49 6.39 -3.90
C THR A 628 15.35 6.30 -5.17
N SER A 629 16.68 6.13 -5.04
CA SER A 629 17.66 6.02 -6.14
C SER A 629 18.95 5.40 -5.60
N ASP A 630 19.77 4.91 -6.52
CA ASP A 630 21.10 4.36 -6.17
C ASP A 630 21.97 5.52 -5.65
N GLU A 631 21.75 6.75 -6.12
CA GLU A 631 22.64 7.86 -5.70
C GLU A 631 22.46 8.08 -4.19
N HIS A 632 21.27 7.81 -3.65
CA HIS A 632 21.01 8.02 -2.21
C HIS A 632 21.86 7.08 -1.40
N LEU A 633 21.98 5.80 -1.80
CA LEU A 633 22.83 4.85 -1.06
C LEU A 633 24.29 5.31 -1.21
N GLU A 634 24.67 5.83 -2.38
CA GLU A 634 26.09 6.25 -2.57
C GLU A 634 26.35 7.41 -1.60
N LEU A 635 25.37 8.30 -1.44
CA LEU A 635 25.51 9.50 -0.56
C LEU A 635 25.59 9.05 0.90
N ILE A 636 24.73 8.13 1.34
CA ILE A 636 24.75 7.66 2.75
C ILE A 636 26.13 7.02 3.00
N ASP A 637 26.61 6.27 2.03
CA ASP A 637 27.90 5.54 2.19
C ASP A 637 29.02 6.58 2.35
N LYS A 638 29.01 7.61 1.54
CA LYS A 638 30.01 8.70 1.55
C LYS A 638 30.00 9.36 2.93
N LEU A 639 28.80 9.66 3.43
CA LEU A 639 28.63 10.39 4.71
C LEU A 639 29.20 9.54 5.84
N VAL A 640 28.83 8.26 5.85
CA VAL A 640 29.35 7.30 6.88
C VAL A 640 30.88 7.26 6.81
N LYS A 641 31.47 7.22 5.62
CA LYS A 641 32.94 7.06 5.45
C LYS A 641 33.67 8.36 5.87
N LEU A 642 32.96 9.48 6.02
CA LEU A 642 33.61 10.73 6.46
C LEU A 642 34.31 10.48 7.80
N ASN A 643 33.85 9.55 8.65
CA ASN A 643 34.50 9.29 9.96
C ASN A 643 35.05 7.88 9.95
N LYS A 644 35.32 7.36 8.75
CA LYS A 644 36.07 6.08 8.57
C LYS A 644 35.34 4.96 9.33
N ILE A 645 34.02 4.99 9.36
CA ILE A 645 33.20 3.84 9.84
C ILE A 645 33.29 2.73 8.79
N LYS A 646 33.56 1.51 9.23
CA LYS A 646 33.67 0.34 8.33
C LYS A 646 32.60 -0.69 8.71
N ARG A 647 32.06 -1.35 7.70
CA ARG A 647 31.25 -2.56 7.90
C ARG A 647 32.09 -3.62 8.63
N GLU A 648 31.43 -4.55 9.32
CA GLU A 648 32.04 -5.68 10.06
C GLU A 648 32.60 -6.72 9.07
N LEU A 649 31.97 -6.87 7.90
CA LEU A 649 32.34 -7.89 6.90
C LEU A 649 32.52 -7.23 5.53
N PHE A 650 33.42 -7.80 4.72
CA PHE A 650 33.39 -7.71 3.23
C PHE A 650 32.49 -8.84 2.76
N VAL A 651 31.43 -8.51 2.06
CA VAL A 651 30.48 -9.47 1.45
C VAL A 651 30.43 -9.20 -0.05
N SER A 652 30.57 -10.22 -0.89
CA SER A 652 30.72 -10.05 -2.36
C SER A 652 29.41 -9.66 -3.02
N ASP A 653 28.26 -9.88 -2.36
CA ASP A 653 26.95 -9.49 -2.90
C ASP A 653 26.39 -8.39 -2.00
N LYS A 654 26.27 -7.18 -2.53
CA LYS A 654 25.85 -6.00 -1.76
C LYS A 654 24.38 -6.16 -1.34
N ASP A 655 23.64 -7.09 -1.97
CA ASP A 655 22.20 -7.28 -1.70
C ASP A 655 22.00 -8.27 -0.53
N ILE A 656 23.08 -8.86 -0.01
CA ILE A 656 22.98 -9.71 1.21
C ILE A 656 23.02 -8.77 2.42
N GLN A 657 22.04 -8.91 3.30
CA GLN A 657 22.07 -8.25 4.63
C GLN A 657 22.76 -9.16 5.63
N PHE A 658 23.54 -8.57 6.51
CA PHE A 658 24.14 -9.30 7.64
C PHE A 658 24.07 -8.43 8.90
N VAL A 659 24.10 -9.13 10.02
CA VAL A 659 24.31 -8.52 11.35
C VAL A 659 25.34 -9.39 12.08
N VAL A 660 26.36 -8.76 12.64
CA VAL A 660 27.30 -9.47 13.55
C VAL A 660 26.91 -9.08 14.97
N ARG A 661 26.62 -10.07 15.79
CA ARG A 661 26.30 -9.85 17.23
C ARG A 661 27.43 -10.55 17.99
N GLU A 662 28.01 -9.89 19.00
CA GLU A 662 29.06 -10.59 19.77
C GLU A 662 29.12 -10.09 21.21
N ASN A 663 29.65 -10.97 22.06
CA ASN A 663 30.15 -10.65 23.43
C ASN A 663 31.62 -11.12 23.53
N ASN A 664 32.15 -11.22 24.74
CA ASN A 664 33.56 -11.65 24.96
C ASN A 664 33.74 -13.08 24.42
N LYS A 665 32.74 -13.94 24.65
CA LYS A 665 32.76 -15.41 24.41
C LYS A 665 32.49 -15.74 22.92
N SER A 666 31.47 -15.11 22.31
CA SER A 666 30.79 -15.67 21.12
C SER A 666 30.55 -14.59 20.08
N ARG A 667 30.55 -15.00 18.82
CA ARG A 667 30.20 -14.13 17.68
C ARG A 667 29.14 -14.88 16.87
N TYR A 668 28.01 -14.24 16.57
CA TYR A 668 26.98 -14.78 15.67
C TYR A 668 26.98 -13.91 14.41
N ILE A 669 27.14 -14.54 13.25
CA ILE A 669 26.92 -13.85 11.96
C ILE A 669 25.55 -14.28 11.45
N PHE A 670 24.64 -13.32 11.32
CA PHE A 670 23.31 -13.54 10.69
C PHE A 670 23.36 -13.03 9.25
N PHE A 671 23.14 -13.89 8.27
CA PHE A 671 22.96 -13.50 6.85
C PHE A 671 21.48 -13.61 6.52
N LEU A 672 20.96 -12.57 5.87
CA LEU A 672 19.53 -12.50 5.51
C LEU A 672 19.45 -12.16 4.02
N ASN A 673 18.76 -13.01 3.29
CA ASN A 673 18.48 -12.80 1.85
C ASN A 673 17.01 -12.41 1.71
N TYR A 674 16.76 -11.13 1.59
CA TYR A 674 15.39 -10.56 1.47
C TYR A 674 14.91 -10.55 0.00
N HIS A 675 15.53 -11.35 -0.88
CA HIS A 675 15.35 -11.24 -2.35
C HIS A 675 14.94 -12.59 -2.94
N ASN A 676 14.19 -12.59 -4.06
CA ASN A 676 13.74 -13.85 -4.69
C ASN A 676 14.81 -14.29 -5.68
N GLU A 677 15.94 -14.67 -5.13
CA GLU A 677 17.13 -15.11 -5.90
C GLU A 677 17.93 -16.07 -5.05
N ARG A 678 18.34 -17.20 -5.61
CA ARG A 678 19.33 -18.05 -4.90
C ARG A 678 20.67 -17.32 -5.05
N LYS A 679 21.28 -16.94 -3.93
CA LYS A 679 22.52 -16.15 -3.99
C LYS A 679 23.69 -17.00 -3.49
N THR A 680 24.76 -17.05 -4.28
CA THR A 680 26.07 -17.59 -3.89
C THR A 680 27.06 -16.43 -3.74
N PHE A 681 27.66 -16.26 -2.57
CA PHE A 681 28.55 -15.12 -2.27
C PHE A 681 29.71 -15.60 -1.42
N ASN A 682 30.67 -14.71 -1.21
CA ASN A 682 31.77 -14.95 -0.26
C ASN A 682 31.85 -13.77 0.69
N TYR A 683 32.44 -13.99 1.85
CA TYR A 683 32.62 -12.93 2.84
C TYR A 683 33.91 -13.19 3.60
N ARG A 684 34.38 -12.15 4.27
CA ARG A 684 35.44 -12.24 5.31
C ARG A 684 35.27 -11.06 6.26
N LYS A 685 35.82 -11.18 7.46
CA LYS A 685 35.81 -10.13 8.51
C LYS A 685 36.72 -8.97 8.05
N SER A 686 36.29 -7.72 8.28
CA SER A 686 36.97 -6.49 7.78
C SER A 686 38.45 -6.43 8.24
N SER A 687 38.80 -7.03 9.39
CA SER A 687 40.23 -7.21 9.80
C SER A 687 40.59 -8.70 9.85
N GLU A 688 41.68 -9.10 9.18
CA GLU A 688 42.24 -10.48 9.13
C GLU A 688 41.35 -11.36 8.23
N LYS A 693 40.79 -17.79 1.59
CA LYS A 693 40.25 -18.02 2.96
C LYS A 693 39.02 -17.13 3.22
N SER A 694 38.46 -16.48 2.19
CA SER A 694 37.04 -16.02 2.23
C SER A 694 36.16 -17.27 2.25
N GLU A 695 35.10 -17.29 3.08
CA GLU A 695 34.09 -18.39 3.14
C GLU A 695 33.06 -18.16 2.02
N GLU A 696 32.58 -19.23 1.37
CA GLU A 696 31.51 -19.17 0.35
C GLU A 696 30.22 -19.67 0.98
N ILE A 697 29.12 -19.01 0.66
CA ILE A 697 27.78 -19.34 1.19
C ILE A 697 26.79 -19.33 0.02
N SER A 698 25.87 -20.31 0.00
CA SER A 698 24.69 -20.28 -0.89
C SER A 698 23.45 -20.14 -0.01
N ILE A 699 22.60 -19.17 -0.35
CA ILE A 699 21.39 -18.90 0.44
C ILE A 699 20.15 -18.90 -0.48
N ALA A 700 19.10 -19.59 -0.05
CA ALA A 700 17.83 -19.67 -0.79
C ALA A 700 17.20 -18.29 -0.80
N PRO A 701 16.28 -18.08 -1.75
CA PRO A 701 15.38 -16.94 -1.72
C PRO A 701 14.67 -16.79 -0.35
N PHE A 702 14.58 -15.54 0.11
CA PHE A 702 13.84 -15.18 1.33
C PHE A 702 14.28 -16.04 2.51
N SER A 703 15.59 -16.25 2.67
CA SER A 703 16.14 -17.22 3.63
C SER A 703 17.26 -16.59 4.46
N TYR A 704 17.92 -17.42 5.27
CA TYR A 704 18.86 -16.95 6.28
C TYR A 704 19.91 -18.04 6.50
N LYS A 705 21.05 -17.61 7.02
CA LYS A 705 22.10 -18.49 7.58
C LYS A 705 22.55 -17.86 8.88
N VAL A 706 22.87 -18.70 9.87
CA VAL A 706 23.50 -18.20 11.11
C VAL A 706 24.79 -18.97 11.32
N ILE A 707 25.88 -18.26 11.55
CA ILE A 707 27.24 -18.85 11.78
C ILE A 707 27.63 -18.49 13.21
N LYS A 708 27.97 -19.49 14.03
CA LYS A 708 28.47 -19.19 15.38
C LYS A 708 29.96 -19.43 15.44
N GLU A 709 30.69 -18.46 15.97
CA GLU A 709 32.16 -18.50 16.16
C GLU A 709 32.46 -18.47 17.67
N ASN A 710 33.33 -19.35 18.14
CA ASN A 710 33.78 -19.33 19.55
C ASN A 710 34.99 -18.37 19.60
N LYS A 711 34.88 -17.29 20.40
CA LYS A 711 35.89 -16.23 20.73
C LYS A 711 35.69 -15.02 19.78
N SER B 1 -12.07 -17.00 -33.73
CA SER B 1 -12.73 -16.23 -32.64
C SER B 1 -11.73 -15.39 -31.82
N GLU B 2 -10.51 -15.88 -31.56
CA GLU B 2 -9.51 -15.15 -30.75
C GLU B 2 -8.97 -14.00 -31.59
N LYS B 3 -8.53 -12.93 -30.93
CA LYS B 3 -7.87 -11.77 -31.58
C LYS B 3 -6.37 -11.89 -31.32
N TYR B 4 -5.55 -11.77 -32.35
CA TYR B 4 -4.09 -11.93 -32.18
C TYR B 4 -3.42 -11.20 -33.32
N PHE B 5 -2.18 -10.85 -33.10
CA PHE B 5 -1.30 -10.23 -34.10
C PHE B 5 -1.02 -11.33 -35.14
N VAL B 6 -0.76 -10.88 -36.37
CA VAL B 6 -0.49 -11.76 -37.55
C VAL B 6 0.84 -11.35 -38.20
N LYS B 7 1.61 -12.34 -38.59
CA LYS B 7 2.83 -12.14 -39.41
C LYS B 7 2.83 -13.24 -40.46
N ASN B 8 3.06 -12.87 -41.74
CA ASN B 8 3.10 -13.86 -42.84
C ASN B 8 1.84 -14.73 -42.78
N GLY B 9 0.69 -14.10 -42.51
CA GLY B 9 -0.64 -14.72 -42.53
C GLY B 9 -0.79 -15.85 -41.51
N GLN B 10 0.03 -15.87 -40.47
CA GLN B 10 -0.08 -16.86 -39.36
C GLN B 10 -0.16 -16.09 -38.04
N PRO B 11 -0.72 -16.70 -36.99
CA PRO B 11 -0.70 -16.08 -35.66
C PRO B 11 0.75 -15.74 -35.29
N HIS B 12 0.96 -14.56 -34.76
CA HIS B 12 2.29 -14.04 -34.37
C HIS B 12 2.21 -13.50 -32.94
N PHE B 13 2.99 -14.03 -32.03
CA PHE B 13 3.05 -13.46 -30.67
C PHE B 13 3.97 -12.25 -30.77
N LEU B 14 3.43 -11.05 -30.58
CA LEU B 14 4.31 -9.85 -30.66
C LEU B 14 5.24 -9.84 -29.44
N ILE B 15 6.55 -10.03 -29.68
CA ILE B 15 7.57 -9.88 -28.60
C ILE B 15 8.45 -8.70 -28.93
N SER B 16 8.24 -7.63 -28.18
CA SER B 16 9.00 -6.37 -28.32
C SER B 16 9.85 -6.13 -27.06
N GLY B 17 10.93 -5.38 -27.23
CA GLY B 17 11.76 -4.91 -26.11
C GLY B 17 11.96 -3.42 -26.24
N GLU B 18 11.82 -2.70 -25.14
CA GLU B 18 11.98 -1.23 -25.12
C GLU B 18 13.48 -0.93 -24.97
N VAL B 19 13.99 -0.17 -25.92
CA VAL B 19 15.42 0.19 -25.99
C VAL B 19 15.49 1.65 -26.35
N HIS B 20 15.94 2.49 -25.44
CA HIS B 20 15.90 3.96 -25.63
C HIS B 20 17.24 4.39 -26.21
N TYR B 21 17.30 4.55 -27.53
CA TYR B 21 18.51 4.98 -28.27
C TYR B 21 19.07 6.27 -27.66
N PHE B 22 18.21 7.18 -27.21
CA PHE B 22 18.64 8.52 -26.73
C PHE B 22 19.29 8.41 -25.35
N ARG B 23 19.22 7.23 -24.71
CA ARG B 23 19.82 6.95 -23.39
C ARG B 23 20.88 5.87 -23.49
N ILE B 24 21.36 5.57 -24.69
CA ILE B 24 22.39 4.51 -24.85
C ILE B 24 23.53 5.04 -25.71
N ASN B 25 24.76 4.74 -25.32
CA ASN B 25 25.94 5.05 -26.16
C ASN B 25 25.72 4.52 -27.57
N PRO B 26 25.76 5.35 -28.65
CA PRO B 26 25.50 4.82 -29.98
C PRO B 26 26.51 3.80 -30.49
N LYS B 27 27.72 3.78 -29.92
CA LYS B 27 28.67 2.68 -30.24
C LYS B 27 28.08 1.34 -29.84
N LEU B 28 27.14 1.32 -28.89
CA LEU B 28 26.55 0.05 -28.38
C LEU B 28 25.13 -0.20 -28.92
N TRP B 29 24.58 0.67 -29.75
CA TRP B 29 23.22 0.48 -30.31
C TRP B 29 23.12 -0.90 -30.97
N ARG B 30 24.06 -1.23 -31.85
CA ARG B 30 24.03 -2.52 -32.58
C ARG B 30 24.06 -3.69 -31.58
N ASN B 31 24.87 -3.60 -30.52
CA ASN B 31 25.03 -4.72 -29.54
C ASN B 31 23.70 -4.95 -28.79
N HIS B 32 23.03 -3.87 -28.39
CA HIS B 32 21.71 -3.95 -27.68
C HIS B 32 20.72 -4.67 -28.59
N LEU B 33 20.65 -4.25 -29.86
CA LEU B 33 19.67 -4.79 -30.84
C LEU B 33 19.97 -6.26 -31.09
N GLN B 34 21.24 -6.61 -31.29
CA GLN B 34 21.66 -8.01 -31.49
C GLN B 34 21.25 -8.84 -30.26
N LEU B 35 21.54 -8.36 -29.05
CA LEU B 35 21.20 -9.15 -27.82
C LEU B 35 19.67 -9.27 -27.70
N LEU B 36 18.91 -8.27 -28.11
CA LEU B 36 17.43 -8.33 -28.04
C LEU B 36 16.95 -9.40 -29.02
N LYS B 37 17.45 -9.33 -30.25
CA LYS B 37 17.06 -10.31 -31.29
C LYS B 37 17.39 -11.72 -30.78
N GLN B 38 18.55 -11.89 -30.13
CA GLN B 38 19.03 -13.25 -29.75
C GLN B 38 18.13 -13.82 -28.64
N THR B 39 17.26 -13.02 -28.00
CA THR B 39 16.27 -13.56 -27.05
C THR B 39 15.07 -14.15 -27.78
N GLY B 40 14.93 -13.95 -29.10
CA GLY B 40 13.75 -14.36 -29.87
C GLY B 40 12.75 -13.22 -30.05
N ALA B 41 13.01 -12.04 -29.50
CA ALA B 41 12.16 -10.87 -29.72
C ALA B 41 12.17 -10.53 -31.24
N ASP B 42 11.05 -10.04 -31.76
CA ASP B 42 10.90 -9.70 -33.20
C ASP B 42 10.86 -8.18 -33.40
N THR B 43 10.61 -7.41 -32.35
CA THR B 43 10.33 -5.97 -32.38
C THR B 43 11.09 -5.24 -31.26
N VAL B 44 11.45 -4.01 -31.54
CA VAL B 44 12.10 -3.08 -30.58
C VAL B 44 11.23 -1.83 -30.57
N SER B 45 11.15 -1.17 -29.42
CA SER B 45 10.20 -0.07 -29.20
C SER B 45 10.95 1.07 -28.53
N THR B 46 10.70 2.30 -28.95
CA THR B 46 11.34 3.48 -28.33
C THR B 46 10.44 4.70 -28.46
N TYR B 47 10.57 5.60 -27.52
CA TYR B 47 10.15 7.01 -27.69
C TYR B 47 11.13 7.73 -28.62
N ILE B 48 10.61 8.76 -29.28
CA ILE B 48 11.39 9.74 -30.08
C ILE B 48 11.08 11.07 -29.41
N PRO B 49 11.91 11.49 -28.45
CA PRO B 49 11.60 12.67 -27.63
C PRO B 49 11.75 14.00 -28.38
N TRP B 50 10.67 14.76 -28.40
CA TRP B 50 10.59 16.10 -29.04
C TRP B 50 11.70 16.99 -28.49
N ASP B 51 11.88 17.03 -27.18
CA ASP B 51 12.94 17.85 -26.51
C ASP B 51 14.33 17.44 -27.05
N TRP B 52 14.54 16.15 -27.32
CA TRP B 52 15.85 15.60 -27.72
C TRP B 52 16.22 16.01 -29.14
N HIS B 53 15.26 16.25 -30.03
CA HIS B 53 15.51 16.37 -31.49
C HIS B 53 15.24 17.80 -31.97
N GLU B 54 14.25 18.51 -31.41
CA GLU B 54 14.11 19.97 -31.66
C GLU B 54 14.91 20.69 -30.58
N ILE B 55 16.21 20.86 -30.79
CA ILE B 55 17.17 21.22 -29.72
C ILE B 55 17.03 22.69 -29.35
N GLU B 56 16.61 23.49 -30.33
CA GLU B 56 16.16 24.89 -30.17
C GLU B 56 14.96 25.06 -31.10
N GLU B 57 14.21 26.14 -30.94
CA GLU B 57 13.03 26.36 -31.81
C GLU B 57 13.46 26.29 -33.28
N ASP B 58 12.80 25.44 -34.07
CA ASP B 58 13.02 25.28 -35.54
C ASP B 58 14.45 24.83 -35.87
N ASP B 59 15.16 24.20 -34.94
CA ASP B 59 16.48 23.60 -35.18
C ASP B 59 16.38 22.11 -34.84
N PHE B 60 16.35 21.27 -35.86
CA PHE B 60 16.10 19.82 -35.66
C PHE B 60 17.36 19.04 -35.99
N ASP B 61 17.63 18.02 -35.18
CA ASP B 61 18.78 17.10 -35.36
C ASP B 61 18.26 15.67 -35.18
N PHE B 62 18.09 14.97 -36.29
CA PHE B 62 17.76 13.53 -36.33
C PHE B 62 18.96 12.68 -36.80
N GLU B 63 20.13 13.28 -36.99
CA GLU B 63 21.30 12.63 -37.65
C GLU B 63 22.53 12.63 -36.76
N GLY B 64 22.43 13.09 -35.52
CA GLY B 64 23.59 13.19 -34.62
C GLY B 64 24.57 14.27 -35.03
N LYS B 65 24.11 15.32 -35.68
CA LYS B 65 24.94 16.53 -35.97
C LYS B 65 25.49 17.09 -34.63
N THR B 66 24.68 17.16 -33.57
CA THR B 66 24.98 17.94 -32.32
C THR B 66 25.23 16.99 -31.13
N HIS B 67 24.83 15.73 -31.23
CA HIS B 67 25.09 14.73 -30.18
C HIS B 67 24.87 13.39 -30.86
N PRO B 68 25.78 12.40 -30.72
CA PRO B 68 25.66 11.21 -31.55
C PRO B 68 24.34 10.47 -31.29
N ALA B 69 23.80 10.57 -30.07
CA ALA B 69 22.57 9.84 -29.68
C ALA B 69 21.30 10.55 -30.20
N ARG B 70 21.43 11.68 -30.92
CA ARG B 70 20.32 12.29 -31.72
C ARG B 70 20.21 11.68 -33.13
N ASN B 71 21.06 10.71 -33.45
CA ASN B 71 21.07 10.00 -34.76
C ASN B 71 19.95 8.94 -34.81
N LEU B 72 18.70 9.40 -34.75
CA LEU B 72 17.49 8.56 -34.94
C LEU B 72 17.59 7.79 -36.26
N ILE B 73 18.06 8.43 -37.33
CA ILE B 73 18.12 7.81 -38.69
C ILE B 73 19.01 6.57 -38.61
N ARG B 74 20.18 6.67 -37.98
CA ARG B 74 21.11 5.52 -37.86
C ARG B 74 20.43 4.40 -37.02
N PHE B 75 19.74 4.77 -35.94
CA PHE B 75 19.07 3.76 -35.07
C PHE B 75 18.02 3.01 -35.88
N ILE B 76 17.23 3.72 -36.65
CA ILE B 76 16.19 3.07 -37.50
C ILE B 76 16.89 2.12 -38.47
N LYS B 77 17.96 2.60 -39.10
CA LYS B 77 18.75 1.80 -40.05
C LYS B 77 19.26 0.54 -39.36
N LEU B 78 19.69 0.62 -38.09
CA LEU B 78 20.27 -0.55 -37.38
C LEU B 78 19.18 -1.58 -37.07
N CYS B 79 18.00 -1.12 -36.68
CA CYS B 79 16.85 -2.01 -36.43
C CYS B 79 16.62 -2.87 -37.68
N LYS B 80 16.58 -2.24 -38.83
CA LYS B 80 16.40 -2.95 -40.14
C LYS B 80 17.59 -3.90 -40.34
N GLU B 81 18.82 -3.42 -40.20
CA GLU B 81 19.99 -4.31 -40.43
C GLU B 81 19.98 -5.50 -39.46
N GLU B 82 19.44 -5.37 -38.25
CA GLU B 82 19.45 -6.45 -37.24
C GLU B 82 18.13 -7.23 -37.23
N ASN B 83 17.27 -6.99 -38.22
CA ASN B 83 16.06 -7.82 -38.47
C ASN B 83 15.08 -7.70 -37.29
N LEU B 84 14.88 -6.48 -36.80
CA LEU B 84 13.83 -6.16 -35.78
C LEU B 84 12.84 -5.24 -36.44
N ASP B 85 11.55 -5.48 -36.24
CA ASP B 85 10.52 -4.44 -36.48
C ASP B 85 10.69 -3.33 -35.42
N LEU B 86 10.12 -2.17 -35.68
CA LEU B 86 10.26 -1.00 -34.79
C LEU B 86 8.92 -0.37 -34.48
N ILE B 87 8.67 -0.15 -33.18
CA ILE B 87 7.58 0.70 -32.66
C ILE B 87 8.18 2.06 -32.29
N VAL B 88 7.61 3.15 -32.80
CA VAL B 88 8.06 4.55 -32.51
C VAL B 88 6.96 5.29 -31.78
N LYS B 89 7.34 6.18 -30.87
CA LYS B 89 6.40 6.87 -29.96
C LYS B 89 6.90 8.31 -29.81
N PRO B 90 6.54 9.19 -30.76
CA PRO B 90 7.09 10.54 -30.84
C PRO B 90 6.30 11.59 -30.04
N GLY B 91 5.34 11.15 -29.21
CA GLY B 91 4.70 12.06 -28.26
C GLY B 91 3.51 12.79 -28.89
N PRO B 92 3.28 14.09 -28.60
CA PRO B 92 4.30 14.96 -27.98
C PRO B 92 4.77 14.63 -26.54
N TYR B 93 3.88 14.19 -25.65
CA TYR B 93 4.29 13.71 -24.30
C TYR B 93 4.87 12.31 -24.42
N ILE B 94 6.01 12.04 -23.77
CA ILE B 94 6.53 10.66 -23.60
C ILE B 94 6.54 10.22 -22.14
N LEU B 95 6.48 11.14 -21.17
CA LEU B 95 6.73 10.80 -19.74
C LEU B 95 8.12 10.17 -19.64
N ALA B 96 8.26 8.88 -19.33
CA ALA B 96 9.54 8.13 -19.45
C ALA B 96 10.60 8.68 -18.49
N GLU B 97 10.20 9.35 -17.41
CA GLU B 97 11.12 10.04 -16.48
C GLU B 97 12.08 10.99 -17.25
N TYR B 98 11.63 11.55 -18.37
CA TYR B 98 12.42 12.49 -19.18
C TYR B 98 12.03 13.89 -18.74
N GLU B 99 12.99 14.79 -18.63
CA GLU B 99 12.75 16.14 -18.05
C GLU B 99 11.66 16.80 -18.89
N ASN B 100 10.70 17.44 -18.23
CA ASN B 100 9.54 18.13 -18.85
C ASN B 100 8.66 17.11 -19.59
N GLN B 101 8.77 15.83 -19.22
CA GLN B 101 7.95 14.72 -19.75
C GLN B 101 8.08 14.67 -21.28
N GLY B 102 9.16 15.23 -21.83
CA GLY B 102 9.50 15.10 -23.26
C GLY B 102 9.29 16.38 -24.03
N LEU B 103 8.60 17.37 -23.46
CA LEU B 103 8.39 18.68 -24.14
C LEU B 103 9.69 19.47 -24.08
N PRO B 104 10.05 20.20 -25.14
CA PRO B 104 11.27 21.01 -25.12
C PRO B 104 11.30 22.09 -24.05
N SER B 105 12.44 22.34 -23.43
CA SER B 105 12.53 23.46 -22.44
C SER B 105 12.18 24.78 -23.14
N TRP B 106 12.64 24.97 -24.37
CA TRP B 106 12.50 26.27 -25.09
C TRP B 106 10.99 26.53 -25.28
N LEU B 107 10.22 25.46 -25.51
CA LEU B 107 8.76 25.53 -25.73
C LEU B 107 8.09 25.98 -24.44
N LEU B 108 8.39 25.31 -23.33
CA LEU B 108 7.73 25.62 -22.05
C LEU B 108 8.08 27.03 -21.59
N LYS B 109 9.26 27.53 -21.96
CA LYS B 109 9.67 28.90 -21.55
C LYS B 109 8.87 29.94 -22.35
N LYS B 110 8.48 29.60 -23.56
CA LYS B 110 7.96 30.52 -24.61
C LYS B 110 6.43 30.53 -24.64
N LEU B 111 5.76 29.41 -24.34
CA LEU B 111 4.27 29.34 -24.34
C LEU B 111 3.68 30.44 -23.44
N SER B 112 2.59 31.06 -23.89
CA SER B 112 1.78 31.99 -23.06
C SER B 112 1.06 31.21 -21.96
N LYS B 113 0.63 31.91 -20.91
CA LYS B 113 -0.11 31.36 -19.74
C LYS B 113 -1.29 30.47 -20.17
N ASN B 114 -2.01 30.87 -21.24
CA ASN B 114 -3.28 30.22 -21.66
C ASN B 114 -2.99 28.93 -22.46
N ALA B 115 -1.72 28.54 -22.62
CA ALA B 115 -1.33 27.23 -23.20
C ALA B 115 -1.23 26.16 -22.10
N PHE B 116 -1.26 26.57 -20.83
CA PHE B 116 -1.08 25.68 -19.65
C PHE B 116 -2.43 25.26 -19.09
N ALA B 117 -2.46 24.07 -18.49
CA ALA B 117 -3.59 23.58 -17.67
C ALA B 117 -3.65 24.47 -16.43
N LEU B 118 -4.85 24.95 -16.10
CA LEU B 118 -5.04 25.98 -15.05
C LEU B 118 -5.96 25.40 -13.97
N ASP B 119 -5.73 25.80 -12.72
CA ASP B 119 -6.62 25.42 -11.59
C ASP B 119 -7.83 26.36 -11.64
N GLU B 120 -8.83 26.17 -10.79
CA GLU B 120 -10.12 26.92 -10.92
C GLU B 120 -9.90 28.42 -10.69
N ASN B 121 -8.76 28.80 -10.08
CA ASN B 121 -8.40 30.21 -9.81
C ASN B 121 -7.63 30.82 -10.99
N GLY B 122 -7.33 30.06 -12.06
CA GLY B 122 -6.55 30.55 -13.21
C GLY B 122 -5.05 30.49 -13.00
N ASN B 123 -4.56 29.69 -12.05
CA ASN B 123 -3.10 29.52 -11.83
C ASN B 123 -2.59 28.29 -12.56
N VAL B 124 -1.35 28.37 -13.04
CA VAL B 124 -0.68 27.28 -13.80
C VAL B 124 -0.54 26.08 -12.86
N ILE B 125 -1.00 24.92 -13.29
CA ILE B 125 -1.01 23.75 -12.39
C ILE B 125 0.44 23.29 -12.21
N SER B 126 1.19 23.22 -13.32
CA SER B 126 2.60 22.73 -13.32
C SER B 126 3.31 23.30 -14.55
N PRO B 127 4.57 23.78 -14.43
CA PRO B 127 5.27 24.38 -15.58
C PRO B 127 5.53 23.38 -16.71
N ASP B 128 5.28 22.09 -16.40
CA ASP B 128 5.39 20.84 -17.22
C ASP B 128 4.11 20.58 -18.04
N LEU B 129 2.97 21.16 -17.65
CA LEU B 129 1.61 20.63 -17.96
C LEU B 129 0.86 21.61 -18.87
N VAL B 130 0.81 21.25 -20.14
CA VAL B 130 0.07 22.05 -21.13
C VAL B 130 -1.37 21.62 -21.08
N SER B 131 -2.21 22.45 -21.70
CA SER B 131 -3.61 22.16 -21.99
C SER B 131 -3.63 21.40 -23.31
N TYR B 132 -4.19 20.21 -23.35
CA TYR B 132 -4.08 19.33 -24.55
C TYR B 132 -4.63 20.05 -25.78
N LEU B 133 -5.74 20.79 -25.67
CA LEU B 133 -6.31 21.50 -26.85
C LEU B 133 -5.87 22.95 -26.94
N SER B 134 -4.79 23.37 -26.28
CA SER B 134 -4.28 24.76 -26.45
C SER B 134 -3.89 24.97 -27.92
N ASP B 135 -4.36 26.05 -28.51
CA ASP B 135 -4.03 26.46 -29.90
C ASP B 135 -2.50 26.46 -30.09
N GLU B 136 -1.79 27.12 -29.18
CA GLU B 136 -0.31 27.29 -29.23
C GLU B 136 0.37 25.91 -29.10
N PHE B 137 -0.03 25.08 -28.14
CA PHE B 137 0.57 23.75 -27.94
C PHE B 137 0.44 22.92 -29.23
N LEU B 138 -0.75 22.87 -29.82
CA LEU B 138 -1.02 22.04 -31.02
C LEU B 138 -0.23 22.60 -32.21
N GLU B 139 -0.06 23.92 -32.27
CA GLU B 139 0.70 24.51 -33.39
C GLU B 139 2.14 23.97 -33.34
N TYR B 140 2.77 24.05 -32.18
CA TYR B 140 4.15 23.56 -31.95
C TYR B 140 4.21 22.03 -32.12
N THR B 141 3.22 21.31 -31.61
CA THR B 141 3.11 19.82 -31.80
C THR B 141 3.10 19.51 -33.30
N PHE B 142 2.30 20.26 -34.06
CA PHE B 142 2.16 20.11 -35.53
C PHE B 142 3.52 20.37 -36.18
N LYS B 143 4.30 21.34 -35.71
CA LYS B 143 5.62 21.66 -36.34
C LYS B 143 6.63 20.54 -36.03
N TRP B 144 6.54 19.92 -34.86
CA TRP B 144 7.32 18.69 -34.51
C TRP B 144 6.88 17.54 -35.43
N TYR B 145 5.58 17.27 -35.54
CA TYR B 145 5.05 16.20 -36.44
C TYR B 145 5.54 16.45 -37.87
N ASP B 146 5.54 17.71 -38.32
CA ASP B 146 5.99 18.06 -39.69
C ASP B 146 7.44 17.64 -39.93
N LYS B 147 8.27 17.53 -38.89
CA LYS B 147 9.67 17.06 -39.03
C LYS B 147 9.81 15.56 -38.80
N VAL B 148 9.20 15.01 -37.75
CA VAL B 148 9.45 13.60 -37.37
C VAL B 148 8.58 12.67 -38.23
N MET B 149 7.38 13.11 -38.63
CA MET B 149 6.42 12.18 -39.29
C MET B 149 6.89 11.83 -40.70
N PRO B 150 7.54 12.73 -41.49
CA PRO B 150 8.10 12.35 -42.78
C PRO B 150 9.15 11.25 -42.61
N ILE B 151 9.95 11.32 -41.52
CA ILE B 151 10.99 10.29 -41.27
C ILE B 151 10.31 8.95 -40.97
N ILE B 152 9.32 8.97 -40.07
CA ILE B 152 8.56 7.75 -39.71
C ILE B 152 7.89 7.16 -40.96
N SER B 153 7.24 7.99 -41.76
CA SER B 153 6.54 7.59 -43.01
C SER B 153 7.49 6.83 -43.97
N LYS B 154 8.68 7.35 -44.17
CA LYS B 154 9.70 6.81 -45.13
C LYS B 154 10.19 5.44 -44.64
N HIS B 155 10.13 5.16 -43.33
CA HIS B 155 10.72 3.93 -42.73
C HIS B 155 9.67 2.89 -42.32
N GLN B 156 8.43 3.04 -42.80
CA GLN B 156 7.35 2.03 -42.66
C GLN B 156 7.73 0.72 -43.37
N LYS B 157 7.21 -0.41 -42.88
CA LYS B 157 7.43 -1.78 -43.45
C LYS B 157 7.15 -1.75 -44.97
N GLU B 158 6.03 -1.10 -45.33
CA GLU B 158 5.53 -0.82 -46.71
C GLU B 158 6.69 -0.44 -47.65
N HIS B 159 7.59 0.42 -47.17
CA HIS B 159 8.79 0.95 -47.88
C HIS B 159 10.07 0.21 -47.41
N TYR B 160 9.98 -1.10 -47.10
CA TYR B 160 11.03 -2.00 -46.53
C TYR B 160 11.92 -1.23 -45.54
N GLY B 161 11.27 -0.46 -44.67
CA GLY B 161 11.80 0.01 -43.38
C GLY B 161 11.23 -0.86 -42.26
N PRO B 162 11.72 -0.70 -41.02
CA PRO B 162 11.32 -1.58 -39.92
C PRO B 162 10.04 -1.18 -39.16
N ILE B 163 9.52 0.03 -39.40
CA ILE B 163 8.45 0.66 -38.54
C ILE B 163 7.12 -0.03 -38.83
N THR B 164 6.52 -0.67 -37.81
CA THR B 164 5.22 -1.39 -37.92
C THR B 164 4.13 -0.78 -37.04
N MET B 165 4.44 0.04 -36.03
CA MET B 165 3.38 0.61 -35.18
C MET B 165 3.90 1.93 -34.62
N MET B 166 2.97 2.82 -34.30
CA MET B 166 3.28 4.11 -33.69
C MET B 166 2.28 4.40 -32.58
N GLN B 167 2.79 4.85 -31.43
CA GLN B 167 1.95 5.33 -30.31
C GLN B 167 1.74 6.84 -30.44
N LEU B 168 0.50 7.28 -30.25
CA LEU B 168 0.10 8.69 -30.16
C LEU B 168 0.22 9.14 -28.70
N CYS B 169 1.08 10.15 -28.48
CA CYS B 169 1.25 10.81 -27.17
C CYS B 169 1.59 9.72 -26.16
N ASN B 170 1.09 9.82 -24.94
CA ASN B 170 1.44 8.84 -23.88
C ASN B 170 0.50 8.99 -22.70
N GLU B 171 -0.19 7.90 -22.36
CA GLU B 171 -1.11 7.83 -21.19
C GLU B 171 -1.92 9.15 -21.08
N ILE B 172 -2.72 9.45 -22.10
CA ILE B 172 -3.56 10.68 -22.11
C ILE B 172 -4.38 10.73 -20.82
N GLY B 173 -4.33 11.87 -20.14
CA GLY B 173 -5.08 12.15 -18.89
C GLY B 173 -4.37 11.69 -17.64
N VAL B 174 -3.17 11.09 -17.73
CA VAL B 174 -2.50 10.50 -16.53
C VAL B 174 -2.21 11.60 -15.50
N PHE B 175 -1.91 12.84 -15.92
CA PHE B 175 -1.60 13.97 -14.98
C PHE B 175 -2.86 14.38 -14.20
N GLN B 176 -4.06 14.35 -14.80
CA GLN B 176 -5.34 14.63 -14.08
C GLN B 176 -5.56 13.51 -13.04
N TRP B 177 -5.27 12.26 -13.41
CA TRP B 177 -5.41 11.11 -12.47
C TRP B 177 -4.48 11.30 -11.25
N LEU B 178 -3.17 11.40 -11.47
CA LEU B 178 -2.16 11.43 -10.37
C LEU B 178 -2.38 12.63 -9.45
N SER B 179 -2.73 13.79 -9.99
CA SER B 179 -2.92 15.05 -9.23
C SER B 179 -4.34 15.11 -8.65
N GLY B 180 -5.31 14.42 -9.26
CA GLY B 180 -6.74 14.60 -8.99
C GLY B 180 -7.24 15.98 -9.38
N LYS B 181 -6.53 16.71 -10.25
CA LYS B 181 -6.89 18.11 -10.61
C LYS B 181 -7.37 18.11 -12.06
N SER B 182 -8.53 18.70 -12.34
CA SER B 182 -9.01 18.94 -13.71
C SER B 182 -8.39 20.22 -14.26
N ASP B 183 -8.24 20.29 -15.58
CA ASP B 183 -7.82 21.50 -16.32
C ASP B 183 -9.04 22.43 -16.46
N TYR B 184 -8.96 23.61 -15.84
CA TYR B 184 -9.96 24.71 -15.90
C TYR B 184 -9.47 25.84 -16.83
N ASN B 185 -8.52 25.55 -17.74
CA ASN B 185 -8.18 26.46 -18.86
C ASN B 185 -9.48 26.94 -19.49
N PRO B 186 -9.68 28.26 -19.70
CA PRO B 186 -10.95 28.75 -20.23
C PRO B 186 -11.32 28.10 -21.58
N LYS B 187 -10.35 27.61 -22.35
CA LYS B 187 -10.66 26.98 -23.65
C LYS B 187 -11.30 25.61 -23.38
N VAL B 188 -10.77 24.90 -22.40
CA VAL B 188 -11.38 23.61 -21.95
C VAL B 188 -12.81 23.87 -21.44
N ILE B 189 -13.01 24.89 -20.62
CA ILE B 189 -14.32 25.20 -19.98
C ILE B 189 -15.31 25.61 -21.09
N ASN B 190 -14.86 26.35 -22.09
CA ASN B 190 -15.75 26.71 -23.22
C ASN B 190 -16.18 25.42 -23.91
N LEU B 191 -15.25 24.50 -24.16
CA LEU B 191 -15.57 23.19 -24.77
C LEU B 191 -16.55 22.41 -23.87
N TYR B 192 -16.40 22.47 -22.55
CA TYR B 192 -17.34 21.82 -21.59
C TYR B 192 -18.74 22.42 -21.76
N LYS B 193 -18.84 23.74 -21.82
CA LYS B 193 -20.15 24.46 -21.99
C LYS B 193 -20.81 23.98 -23.28
N GLU B 194 -20.05 23.89 -24.37
CA GLU B 194 -20.54 23.39 -25.67
C GLU B 194 -21.06 21.97 -25.53
N PHE B 195 -20.31 21.09 -24.87
CA PHE B 195 -20.71 19.70 -24.60
C PHE B 195 -22.08 19.71 -23.90
N ILE B 196 -22.22 20.55 -22.87
CA ILE B 196 -23.45 20.60 -22.00
C ILE B 196 -24.63 21.11 -22.83
N ILE B 197 -24.42 22.19 -23.57
CA ILE B 197 -25.47 22.78 -24.47
C ILE B 197 -25.90 21.68 -25.46
N GLN B 198 -24.93 21.02 -26.09
CA GLN B 198 -25.14 19.95 -27.09
C GLN B 198 -25.95 18.83 -26.43
N ARG B 199 -25.68 18.52 -25.17
CA ARG B 199 -26.27 17.35 -24.47
C ARG B 199 -27.72 17.66 -24.06
N TYR B 200 -28.00 18.86 -23.52
CA TYR B 200 -29.28 19.20 -22.84
C TYR B 200 -30.16 20.10 -23.71
N LYS B 201 -29.57 20.83 -24.66
CA LYS B 201 -30.28 21.74 -25.62
C LYS B 201 -30.76 23.03 -24.95
N THR B 202 -31.50 22.95 -23.85
CA THR B 202 -32.11 24.13 -23.16
C THR B 202 -31.70 24.08 -21.67
N ILE B 203 -31.66 25.25 -21.02
CA ILE B 203 -31.39 25.32 -19.56
C ILE B 203 -32.52 24.63 -18.79
N GLU B 204 -33.74 24.63 -19.32
CA GLU B 204 -34.93 24.00 -18.67
C GLU B 204 -34.66 22.50 -18.51
N LYS B 205 -34.11 21.88 -19.56
CA LYS B 205 -33.81 20.44 -19.57
C LYS B 205 -32.66 20.16 -18.58
N LEU B 206 -31.60 20.97 -18.58
CA LEU B 206 -30.47 20.76 -17.65
C LEU B 206 -30.99 20.93 -16.21
N ASN B 207 -31.77 21.98 -15.94
CA ASN B 207 -32.38 22.20 -14.58
C ASN B 207 -33.24 21.01 -14.16
N SER B 208 -34.03 20.43 -15.07
CA SER B 208 -34.92 19.29 -14.72
C SER B 208 -34.07 18.10 -14.30
N VAL B 209 -32.96 17.84 -15.01
CA VAL B 209 -32.06 16.70 -14.67
C VAL B 209 -31.30 17.01 -13.38
N TYR B 210 -30.69 18.19 -13.27
CA TYR B 210 -29.73 18.49 -12.18
C TYR B 210 -30.45 18.98 -10.93
N SER B 211 -31.73 19.38 -11.05
CA SER B 211 -32.48 20.14 -10.00
C SER B 211 -31.77 21.45 -9.72
N THR B 212 -31.29 22.16 -10.74
CA THR B 212 -30.64 23.48 -10.59
C THR B 212 -31.67 24.57 -10.90
N ASN B 213 -31.29 25.82 -10.66
CA ASN B 213 -32.23 26.97 -10.64
C ASN B 213 -31.63 28.06 -11.53
N TYR B 214 -30.93 27.65 -12.59
CA TYR B 214 -30.30 28.55 -13.57
C TYR B 214 -31.40 29.22 -14.40
N ASN B 215 -31.19 30.47 -14.79
CA ASN B 215 -32.06 31.23 -15.73
C ASN B 215 -31.55 31.09 -17.16
N SER B 216 -30.28 30.75 -17.33
CA SER B 216 -29.68 30.47 -18.65
C SER B 216 -28.36 29.69 -18.49
N PHE B 217 -27.77 29.24 -19.60
CA PHE B 217 -26.48 28.52 -19.66
C PHE B 217 -25.36 29.46 -19.20
N ASP B 218 -25.57 30.77 -19.32
CA ASP B 218 -24.60 31.79 -18.84
C ASP B 218 -24.41 31.60 -17.32
N ASP B 219 -25.44 31.19 -16.56
CA ASP B 219 -25.32 31.00 -15.09
C ASP B 219 -24.37 29.83 -14.77
N LEU B 220 -24.24 28.84 -15.66
CA LEU B 220 -23.57 27.53 -15.38
C LEU B 220 -22.05 27.71 -15.24
N LYS B 221 -21.46 27.18 -14.16
CA LYS B 221 -19.99 27.20 -13.88
C LYS B 221 -19.49 25.76 -13.80
N ALA B 222 -18.26 25.52 -14.26
CA ALA B 222 -17.63 24.17 -14.21
C ALA B 222 -17.64 23.71 -12.75
N PRO B 223 -17.93 22.44 -12.44
CA PRO B 223 -17.94 22.01 -11.04
C PRO B 223 -16.51 22.09 -10.47
N SER B 224 -16.42 22.28 -9.16
CA SER B 224 -15.15 22.28 -8.39
C SER B 224 -15.48 22.06 -6.91
N GLY B 225 -14.49 21.73 -6.08
CA GLY B 225 -14.71 21.52 -4.63
C GLY B 225 -15.51 20.26 -4.34
N LYS B 226 -15.84 20.05 -3.07
CA LYS B 226 -16.49 18.81 -2.61
C LYS B 226 -17.94 18.79 -3.10
N ILE B 227 -18.46 17.61 -3.40
CA ILE B 227 -19.89 17.38 -3.72
C ILE B 227 -20.67 17.38 -2.40
N LYS B 228 -21.61 18.31 -2.28
CA LYS B 228 -22.47 18.53 -1.09
C LYS B 228 -23.92 18.22 -1.44
N LEU B 229 -24.32 18.49 -2.69
CA LEU B 229 -25.70 18.38 -3.19
C LEU B 229 -25.72 17.38 -4.34
N ARG B 230 -26.87 16.77 -4.55
CA ARG B 230 -27.09 15.86 -5.70
C ARG B 230 -26.86 16.66 -6.98
N SER B 231 -27.21 17.94 -7.02
CA SER B 231 -26.93 18.77 -8.22
C SER B 231 -25.40 18.86 -8.50
N ASP B 232 -24.55 18.88 -7.46
CA ASP B 232 -23.07 18.88 -7.61
C ASP B 232 -22.62 17.54 -8.21
N TYR B 233 -23.19 16.44 -7.74
CA TYR B 233 -22.88 15.09 -8.28
C TYR B 233 -23.21 15.05 -9.78
N CYS B 234 -24.41 15.46 -10.16
CA CYS B 234 -24.84 15.54 -11.58
C CYS B 234 -23.81 16.33 -12.41
N ALA B 235 -23.44 17.51 -11.96
CA ALA B 235 -22.53 18.41 -12.71
C ALA B 235 -21.17 17.69 -12.83
N TYR B 236 -20.69 17.08 -11.75
CA TYR B 236 -19.37 16.39 -11.81
C TYR B 236 -19.47 15.17 -12.72
N PHE B 237 -20.62 14.50 -12.76
CA PHE B 237 -20.79 13.30 -13.59
C PHE B 237 -20.63 13.69 -15.06
N ASP B 238 -21.29 14.75 -15.49
CA ASP B 238 -21.19 15.23 -16.89
C ASP B 238 -19.78 15.79 -17.15
N PHE B 239 -19.10 16.34 -16.15
CA PHE B 239 -17.71 16.85 -16.31
C PHE B 239 -16.80 15.66 -16.62
N HIS B 240 -16.98 14.53 -15.93
CA HIS B 240 -16.29 13.26 -16.28
C HIS B 240 -16.60 12.87 -17.74
N LEU B 241 -17.88 12.85 -18.15
CA LEU B 241 -18.24 12.49 -19.56
C LEU B 241 -17.50 13.44 -20.51
N PHE B 242 -17.47 14.73 -20.16
CA PHE B 242 -16.87 15.77 -21.03
C PHE B 242 -15.38 15.42 -21.28
N PHE B 243 -14.64 15.08 -20.21
CA PHE B 243 -13.20 14.76 -20.34
C PHE B 243 -12.99 13.55 -21.26
N ARG B 244 -13.88 12.56 -21.23
CA ARG B 244 -13.77 11.39 -22.15
C ARG B 244 -13.93 11.91 -23.59
N GLU B 245 -14.85 12.84 -23.86
CA GLU B 245 -14.97 13.44 -25.22
C GLU B 245 -13.74 14.29 -25.52
N TYR B 246 -13.25 15.02 -24.52
CA TYR B 246 -12.09 15.94 -24.66
C TYR B 246 -10.88 15.13 -25.11
N TYR B 247 -10.66 14.00 -24.47
CA TYR B 247 -9.50 13.13 -24.79
C TYR B 247 -9.67 12.57 -26.20
N ASN B 248 -10.91 12.28 -26.62
CA ASN B 248 -11.16 11.77 -27.99
C ASN B 248 -10.89 12.91 -28.99
N LYS B 249 -11.26 14.13 -28.68
CA LYS B 249 -10.96 15.30 -29.56
C LYS B 249 -9.44 15.40 -29.74
N TYR B 250 -8.66 15.29 -28.67
CA TYR B 250 -7.18 15.42 -28.69
C TYR B 250 -6.57 14.34 -29.57
N ILE B 251 -6.84 13.06 -29.30
CA ILE B 251 -6.19 11.94 -30.02
C ILE B 251 -6.64 11.97 -31.50
N SER B 252 -7.87 12.40 -31.76
CA SER B 252 -8.42 12.52 -33.14
C SER B 252 -7.59 13.53 -33.92
N ILE B 253 -7.24 14.65 -33.29
CA ILE B 253 -6.45 15.71 -33.95
C ILE B 253 -5.04 15.19 -34.25
N LEU B 254 -4.40 14.52 -33.31
CA LEU B 254 -3.09 13.91 -33.57
C LEU B 254 -3.23 12.87 -34.70
N LYS B 255 -4.25 12.01 -34.65
CA LYS B 255 -4.40 10.89 -35.60
C LYS B 255 -4.56 11.46 -37.02
N ASN B 256 -5.45 12.41 -37.22
CA ASN B 256 -5.70 13.01 -38.55
C ASN B 256 -4.41 13.65 -39.10
N LYS B 257 -3.65 14.34 -38.25
CA LYS B 257 -2.34 14.93 -38.64
C LYS B 257 -1.37 13.82 -39.08
N ILE B 258 -1.26 12.74 -38.31
CA ILE B 258 -0.38 11.59 -38.64
C ILE B 258 -0.77 11.01 -40.02
N ARG B 259 -2.07 10.81 -40.25
CA ARG B 259 -2.54 10.10 -41.48
C ARG B 259 -2.19 10.96 -42.71
N SER B 260 -2.18 12.28 -42.58
CA SER B 260 -1.82 13.22 -43.69
C SER B 260 -0.40 12.97 -44.23
N PHE B 261 0.47 12.23 -43.55
CA PHE B 261 1.87 11.98 -44.01
C PHE B 261 2.00 10.64 -44.75
N GLY B 262 0.88 9.95 -45.00
CA GLY B 262 0.83 8.60 -45.60
C GLY B 262 1.27 7.55 -44.61
N ILE B 263 1.09 7.82 -43.31
CA ILE B 263 1.46 6.83 -42.28
C ILE B 263 0.26 5.89 -42.13
N ASN B 264 0.41 4.64 -42.55
CA ASN B 264 -0.74 3.68 -42.62
C ASN B 264 -0.53 2.54 -41.63
N ILE B 265 0.59 2.50 -40.91
CA ILE B 265 0.89 1.48 -39.87
C ILE B 265 -0.15 1.58 -38.74
N LYS B 266 -0.14 0.57 -37.88
CA LYS B 266 -1.04 0.45 -36.71
C LYS B 266 -0.72 1.58 -35.72
N LEU B 267 -1.74 2.27 -35.21
CA LEU B 267 -1.62 3.35 -34.21
C LEU B 267 -2.01 2.77 -32.84
N THR B 268 -1.32 3.19 -31.78
CA THR B 268 -1.47 2.58 -30.43
C THR B 268 -1.67 3.66 -29.38
N HIS B 269 -2.21 3.27 -28.23
CA HIS B 269 -2.13 4.12 -27.03
C HIS B 269 -1.89 3.18 -25.86
N ASN B 270 -1.63 3.72 -24.68
CA ASN B 270 -1.10 2.90 -23.57
C ASN B 270 -1.88 3.27 -22.30
N ILE B 271 -2.24 2.26 -21.50
CA ILE B 271 -3.17 2.49 -20.36
C ILE B 271 -2.37 2.41 -19.05
N PRO B 272 -2.35 3.48 -18.24
CA PRO B 272 -1.73 3.46 -16.92
C PRO B 272 -2.70 2.91 -15.87
N GLY B 273 -2.23 2.72 -14.64
CA GLY B 273 -3.14 2.48 -13.50
C GLY B 273 -2.56 1.62 -12.41
N TRP B 274 -1.47 0.90 -12.67
CA TRP B 274 -0.81 0.15 -11.58
C TRP B 274 -0.12 1.17 -10.65
N ILE B 275 -0.16 0.91 -9.36
CA ILE B 275 0.79 1.59 -8.44
C ILE B 275 0.95 0.73 -7.20
N TYR B 276 2.17 0.69 -6.66
CA TYR B 276 2.59 -0.18 -5.52
C TYR B 276 2.27 -1.64 -5.84
N GLY B 277 2.23 -2.03 -7.14
CA GLY B 277 2.09 -3.45 -7.52
C GLY B 277 0.66 -3.98 -7.47
N ASN B 278 -0.29 -3.07 -7.45
CA ASN B 278 -1.74 -3.30 -7.41
C ASN B 278 -2.34 -2.57 -8.62
N ALA B 279 -3.38 -3.11 -9.25
CA ALA B 279 -4.01 -2.50 -10.46
C ALA B 279 -5.51 -2.22 -10.25
N SER B 280 -5.99 -2.22 -9.01
CA SER B 280 -7.43 -2.03 -8.69
C SER B 280 -7.92 -0.67 -9.19
N GLU B 281 -7.04 0.30 -9.49
CA GLU B 281 -7.45 1.63 -10.01
C GLU B 281 -7.38 1.65 -11.53
N LEU B 282 -6.76 0.67 -12.16
CA LEU B 282 -6.54 0.73 -13.64
C LEU B 282 -7.89 0.75 -14.35
N PRO B 283 -8.94 0.02 -13.91
CA PRO B 283 -10.25 0.13 -14.56
C PRO B 283 -10.80 1.56 -14.68
N MET B 284 -10.51 2.39 -13.70
CA MET B 284 -10.89 3.83 -13.71
C MET B 284 -10.19 4.51 -14.90
N LEU B 285 -8.90 4.23 -15.08
CA LEU B 285 -8.10 4.79 -16.20
C LEU B 285 -8.61 4.27 -17.53
N ILE B 286 -8.91 2.96 -17.64
CA ILE B 286 -9.53 2.38 -18.86
C ILE B 286 -10.80 3.17 -19.19
N SER B 287 -11.60 3.49 -18.17
CA SER B 287 -12.90 4.18 -18.34
C SER B 287 -12.71 5.56 -18.96
N THR B 288 -11.56 6.22 -18.80
CA THR B 288 -11.34 7.60 -19.35
C THR B 288 -11.18 7.52 -20.88
N TYR B 289 -10.94 6.33 -21.40
CA TYR B 289 -10.76 6.14 -22.87
C TYR B 289 -12.04 5.62 -23.54
N SER B 290 -13.19 5.61 -22.84
CA SER B 290 -14.45 5.02 -23.39
C SER B 290 -14.79 5.64 -24.75
N GLU B 291 -14.64 6.95 -24.92
CA GLU B 291 -15.03 7.65 -26.17
C GLU B 291 -14.00 7.41 -27.26
N ILE B 292 -12.72 7.35 -26.93
CA ILE B 292 -11.66 6.98 -27.91
C ILE B 292 -12.00 5.61 -28.45
N MET B 293 -12.23 4.62 -27.57
CA MET B 293 -12.42 3.20 -27.96
C MET B 293 -13.68 3.07 -28.82
N LYS B 294 -14.73 3.83 -28.55
CA LYS B 294 -15.97 3.75 -29.36
C LYS B 294 -15.71 4.34 -30.76
N ASN B 295 -14.87 5.37 -30.88
CA ASN B 295 -14.74 6.17 -32.13
C ASN B 295 -13.51 5.78 -32.95
N HIS B 296 -12.55 5.05 -32.38
CA HIS B 296 -11.34 4.63 -33.14
C HIS B 296 -11.16 3.13 -33.07
N PRO B 297 -11.77 2.37 -34.00
CA PRO B 297 -11.53 0.93 -34.05
C PRO B 297 -10.06 0.65 -34.40
N ASP B 298 -9.40 1.59 -35.06
CA ASP B 298 -8.04 1.35 -35.59
C ASP B 298 -6.96 1.81 -34.61
N ILE B 299 -7.31 2.26 -33.39
CA ILE B 299 -6.25 2.57 -32.38
C ILE B 299 -6.24 1.45 -31.35
N ILE B 300 -5.13 0.75 -31.25
CA ILE B 300 -5.02 -0.38 -30.31
C ILE B 300 -4.45 0.16 -28.98
N PHE B 301 -5.25 0.09 -27.95
CA PHE B 301 -4.79 0.35 -26.56
C PHE B 301 -4.10 -0.90 -26.06
N GLY B 302 -2.92 -0.72 -25.47
CA GLY B 302 -2.30 -1.79 -24.68
C GLY B 302 -2.12 -1.40 -23.21
N LEU B 303 -1.89 -2.39 -22.36
CA LEU B 303 -1.79 -2.18 -20.90
C LEU B 303 -0.34 -1.88 -20.52
N ASP B 304 -0.18 -1.05 -19.50
CA ASP B 304 1.12 -0.77 -18.81
C ASP B 304 1.10 -1.61 -17.54
N HIS B 305 1.66 -2.82 -17.58
CA HIS B 305 1.63 -3.76 -16.42
C HIS B 305 2.86 -3.56 -15.53
N ILE B 306 2.65 -3.13 -14.26
CA ILE B 306 3.75 -2.91 -13.29
C ILE B 306 3.51 -3.71 -12.02
N PRO B 307 3.58 -5.06 -12.04
CA PRO B 307 3.32 -5.88 -10.85
C PRO B 307 4.30 -5.74 -9.68
N GLU B 308 5.57 -5.38 -9.96
CA GLU B 308 6.66 -5.18 -8.95
C GLU B 308 7.06 -6.49 -8.28
N PHE B 309 6.11 -7.35 -7.93
CA PHE B 309 6.38 -8.69 -7.36
C PHE B 309 5.33 -9.65 -7.89
N VAL B 310 5.39 -10.92 -7.54
CA VAL B 310 4.37 -11.87 -8.05
C VAL B 310 3.93 -12.83 -6.94
N SER B 311 2.76 -12.58 -6.34
CA SER B 311 2.31 -13.40 -5.19
C SER B 311 0.80 -13.37 -5.14
N PHE B 312 0.24 -14.07 -4.16
CA PHE B 312 -1.21 -14.05 -3.95
C PHE B 312 -1.66 -12.60 -3.65
N ARG B 313 -0.78 -11.77 -3.10
CA ARG B 313 -1.13 -10.36 -2.77
C ARG B 313 -1.62 -9.63 -4.03
N ASN B 314 -1.08 -9.90 -5.21
CA ASN B 314 -1.45 -9.11 -6.43
C ASN B 314 -1.82 -10.06 -7.59
N ALA B 315 -2.04 -11.35 -7.34
CA ALA B 315 -2.22 -12.34 -8.44
C ALA B 315 -3.41 -11.98 -9.35
N HIS B 316 -4.43 -11.35 -8.81
CA HIS B 316 -5.72 -11.10 -9.52
C HIS B 316 -5.65 -9.83 -10.37
N SER B 317 -4.66 -8.95 -10.15
CA SER B 317 -4.63 -7.63 -10.80
C SER B 317 -4.54 -7.81 -12.34
N ASP B 318 -3.58 -8.60 -12.84
CA ASP B 318 -3.33 -8.61 -14.31
C ASP B 318 -4.50 -9.30 -15.02
N LEU B 319 -5.05 -10.40 -14.48
CA LEU B 319 -6.21 -11.06 -15.13
C LEU B 319 -7.40 -10.08 -15.24
N ALA B 320 -7.77 -9.45 -14.12
CA ALA B 320 -8.90 -8.49 -14.09
C ALA B 320 -8.67 -7.39 -15.11
N CYS B 321 -7.47 -6.80 -15.19
CA CYS B 321 -7.17 -5.77 -16.22
C CYS B 321 -7.31 -6.34 -17.65
N ASN B 322 -6.71 -7.49 -17.93
CA ASN B 322 -6.75 -8.11 -19.28
C ASN B 322 -8.22 -8.39 -19.66
N LYS B 323 -9.04 -8.83 -18.72
CA LYS B 323 -10.47 -9.16 -19.00
C LYS B 323 -11.25 -7.88 -19.29
N ILE B 324 -10.98 -6.81 -18.54
CA ILE B 324 -11.71 -5.54 -18.72
C ILE B 324 -11.27 -4.93 -20.04
N LEU B 325 -9.99 -5.05 -20.40
CA LEU B 325 -9.57 -4.45 -21.69
C LEU B 325 -10.28 -5.21 -22.84
N GLU B 326 -10.39 -6.52 -22.74
CA GLU B 326 -11.11 -7.36 -23.73
C GLU B 326 -12.57 -6.88 -23.82
N ALA B 327 -13.19 -6.56 -22.68
CA ALA B 327 -14.59 -6.10 -22.64
C ALA B 327 -14.72 -4.81 -23.46
N MET B 328 -13.77 -3.88 -23.30
CA MET B 328 -13.85 -2.51 -23.88
C MET B 328 -13.31 -2.47 -25.30
N GLN B 329 -12.48 -3.44 -25.68
CA GLN B 329 -11.73 -3.48 -26.97
C GLN B 329 -11.80 -4.91 -27.52
N PRO B 330 -13.03 -5.39 -27.84
CA PRO B 330 -13.19 -6.78 -28.23
C PRO B 330 -12.60 -7.14 -29.60
N GLU B 331 -12.28 -6.17 -30.44
CA GLU B 331 -11.88 -6.46 -31.85
C GLU B 331 -10.37 -6.40 -31.98
N ALA B 332 -9.62 -6.19 -30.88
CA ALA B 332 -8.14 -6.17 -30.94
C ALA B 332 -7.57 -7.13 -29.90
N PRO B 333 -6.34 -7.60 -30.15
CA PRO B 333 -5.66 -8.47 -29.20
C PRO B 333 -5.44 -7.70 -27.89
N VAL B 334 -5.55 -8.38 -26.77
CA VAL B 334 -5.09 -7.85 -25.47
C VAL B 334 -3.55 -7.94 -25.45
N TRP B 335 -2.88 -6.80 -25.34
CA TRP B 335 -1.40 -6.75 -25.31
C TRP B 335 -0.94 -5.72 -24.27
N ALA B 336 0.30 -5.88 -23.82
CA ALA B 336 0.97 -5.00 -22.83
C ALA B 336 1.94 -4.09 -23.58
N ALA B 337 1.55 -2.84 -23.80
CA ALA B 337 2.41 -1.82 -24.42
C ALA B 337 3.66 -1.60 -23.57
N GLU B 338 3.57 -1.82 -22.24
CA GLU B 338 4.69 -1.70 -21.28
C GLU B 338 4.54 -2.85 -20.32
N PHE B 339 5.47 -3.76 -20.42
CA PHE B 339 5.38 -5.07 -19.77
C PHE B 339 6.59 -5.18 -18.86
N GLN B 340 6.39 -5.16 -17.55
CA GLN B 340 7.51 -4.91 -16.62
C GLN B 340 8.71 -5.82 -16.85
N ALA B 341 9.84 -5.18 -17.08
CA ALA B 341 11.19 -5.79 -17.12
C ALA B 341 12.11 -4.88 -16.31
N GLY B 342 12.73 -5.39 -15.24
CA GLY B 342 13.42 -4.57 -14.26
C GLY B 342 12.46 -3.60 -13.60
N THR B 343 12.98 -2.54 -13.00
CA THR B 343 12.18 -1.65 -12.14
C THR B 343 12.59 -0.21 -12.39
N ARG B 344 11.59 0.66 -12.45
CA ARG B 344 11.82 2.12 -12.54
C ARG B 344 12.46 2.65 -11.26
N GLU B 345 12.31 1.93 -10.16
CA GLU B 345 12.70 2.43 -8.81
C GLU B 345 13.72 1.47 -8.18
N HIS B 346 14.92 1.97 -7.93
CA HIS B 346 16.04 1.17 -7.38
C HIS B 346 15.62 0.40 -6.11
N HIS B 347 14.87 1.07 -5.23
CA HIS B 347 14.43 0.55 -3.91
C HIS B 347 13.23 -0.38 -4.04
N VAL B 348 12.70 -0.57 -5.25
CA VAL B 348 11.54 -1.48 -5.46
C VAL B 348 12.00 -2.61 -6.38
N LYS B 349 12.45 -3.72 -5.80
CA LYS B 349 13.21 -4.73 -6.55
C LYS B 349 12.30 -5.42 -7.57
N ALA B 350 12.87 -5.75 -8.74
CA ALA B 350 12.21 -6.62 -9.74
C ALA B 350 13.08 -7.85 -9.93
N TYR B 351 12.67 -8.94 -9.31
CA TYR B 351 13.41 -10.24 -9.38
C TYR B 351 13.10 -10.94 -10.69
N ALA B 352 14.13 -11.39 -11.37
CA ALA B 352 14.00 -12.24 -12.57
C ALA B 352 13.03 -13.40 -12.30
N LYS B 353 13.15 -14.11 -11.17
CA LYS B 353 12.30 -15.30 -10.94
C LYS B 353 10.84 -14.90 -10.67
N ASP B 354 10.58 -13.71 -10.16
CA ASP B 354 9.19 -13.17 -10.06
C ASP B 354 8.70 -12.88 -11.48
N LEU B 355 9.42 -12.07 -12.23
CA LEU B 355 8.92 -11.58 -13.53
C LEU B 355 8.74 -12.78 -14.49
N GLU B 356 9.61 -13.80 -14.44
CA GLU B 356 9.44 -14.99 -15.30
C GLU B 356 8.05 -15.60 -15.06
N THR B 357 7.66 -15.74 -13.81
CA THR B 357 6.33 -16.29 -13.45
C THR B 357 5.23 -15.33 -13.92
N PHE B 358 5.44 -14.04 -13.81
CA PHE B 358 4.47 -13.03 -14.32
C PHE B 358 4.26 -13.19 -15.83
N TYR B 359 5.32 -13.44 -16.54
CA TYR B 359 5.26 -13.55 -18.01
C TYR B 359 4.42 -14.78 -18.37
N ILE B 360 4.67 -15.90 -17.69
CA ILE B 360 3.88 -17.14 -17.96
C ILE B 360 2.41 -16.92 -17.50
N ALA B 361 2.19 -16.34 -16.31
CA ALA B 361 0.83 -16.06 -15.80
C ALA B 361 0.09 -15.20 -16.84
N SER B 362 0.81 -14.27 -17.48
CA SER B 362 0.21 -13.31 -18.45
C SER B 362 -0.32 -14.10 -19.65
N LEU B 363 0.44 -15.09 -20.13
CA LEU B 363 -0.04 -16.05 -21.16
C LEU B 363 -1.30 -16.77 -20.67
N ALA B 364 -1.27 -17.33 -19.46
CA ALA B 364 -2.44 -18.03 -18.87
C ALA B 364 -3.62 -17.06 -18.93
N HIS B 365 -3.36 -15.80 -18.60
CA HIS B 365 -4.38 -14.74 -18.45
C HIS B 365 -4.68 -14.04 -19.77
N GLY B 366 -4.30 -14.63 -20.90
CA GLY B 366 -4.83 -14.26 -22.22
C GLY B 366 -4.04 -13.18 -22.93
N ILE B 367 -2.84 -12.86 -22.50
CA ILE B 367 -2.08 -11.80 -23.21
C ILE B 367 -1.62 -12.36 -24.56
N LYS B 368 -1.62 -11.52 -25.60
CA LYS B 368 -1.36 -11.93 -26.99
C LYS B 368 -0.09 -11.27 -27.53
N GLY B 369 0.52 -10.38 -26.77
CA GLY B 369 1.75 -9.66 -27.17
C GLY B 369 2.18 -8.75 -26.06
N PHE B 370 3.46 -8.40 -26.05
CA PHE B 370 3.99 -7.50 -25.03
C PHE B 370 5.32 -6.89 -25.48
N ASN B 371 5.60 -5.80 -24.80
CA ASN B 371 6.81 -5.00 -24.99
C ASN B 371 7.48 -4.87 -23.62
N TYR B 372 8.59 -5.58 -23.47
CA TYR B 372 9.36 -5.59 -22.22
C TYR B 372 9.81 -4.15 -21.98
N TYR B 373 9.45 -3.64 -20.82
CA TYR B 373 9.68 -2.22 -20.45
C TYR B 373 10.25 -2.22 -19.03
N MET B 374 11.58 -2.12 -18.88
CA MET B 374 12.58 -1.84 -19.90
C MET B 374 13.43 -3.07 -20.20
N PHE B 375 13.58 -3.41 -21.46
CA PHE B 375 14.51 -4.50 -21.87
C PHE B 375 15.95 -4.03 -21.57
N SER B 376 16.26 -2.83 -22.01
CA SER B 376 17.57 -2.18 -21.86
C SER B 376 17.40 -1.01 -20.90
N GLN B 377 18.25 -0.97 -19.90
CA GLN B 377 18.52 0.20 -19.04
C GLN B 377 18.99 1.36 -19.93
N GLY B 378 18.78 2.58 -19.43
CA GLY B 378 19.32 3.78 -20.07
C GLY B 378 20.15 4.61 -19.11
N ILE B 379 21.03 5.46 -19.64
CA ILE B 379 21.65 6.55 -18.86
C ILE B 379 21.13 7.85 -19.44
N ASN B 380 20.57 8.69 -18.59
CA ASN B 380 20.00 10.00 -19.00
C ASN B 380 21.14 10.85 -19.51
N PRO B 381 21.07 11.38 -20.75
CA PRO B 381 22.10 12.30 -21.22
C PRO B 381 22.00 13.60 -20.43
N GLU B 382 23.13 14.27 -20.20
CA GLU B 382 23.18 15.70 -19.80
C GLU B 382 22.07 16.02 -18.81
N GLY B 383 21.89 15.24 -17.74
CA GLY B 383 20.86 15.44 -16.69
C GLY B 383 19.43 15.62 -17.22
N LYS B 384 19.10 15.14 -18.43
CA LYS B 384 17.73 15.18 -19.01
C LYS B 384 16.80 14.22 -18.23
N GLY B 385 17.32 13.47 -17.27
CA GLY B 385 16.52 12.63 -16.37
C GLY B 385 15.84 13.46 -15.31
N PHE B 386 14.56 13.20 -15.04
CA PHE B 386 13.83 13.87 -13.93
C PHE B 386 14.48 13.45 -12.61
N TYR B 387 14.86 12.19 -12.47
CA TYR B 387 15.44 11.60 -11.24
C TYR B 387 16.96 11.55 -11.46
N GLY B 388 17.61 10.53 -10.96
CA GLY B 388 19.07 10.36 -11.12
C GLY B 388 19.57 10.25 -12.57
N LYS B 389 20.81 9.81 -12.69
CA LYS B 389 21.51 9.54 -13.96
C LYS B 389 20.91 8.31 -14.64
N THR B 390 20.48 7.31 -13.88
CA THR B 390 20.17 5.97 -14.45
C THR B 390 18.67 5.82 -14.67
N PHE B 391 18.28 5.18 -15.80
CA PHE B 391 16.86 4.91 -16.15
C PHE B 391 16.68 3.41 -16.11
N TYR B 392 15.99 2.95 -15.06
CA TYR B 392 15.62 1.54 -14.77
C TYR B 392 16.82 0.75 -14.24
N PHE B 393 16.50 -0.33 -13.52
CA PHE B 393 17.46 -1.23 -12.83
C PHE B 393 16.98 -2.67 -13.05
N GLN B 394 17.88 -3.64 -12.92
CA GLN B 394 17.54 -5.10 -12.97
C GLN B 394 16.78 -5.44 -14.26
N THR B 395 17.13 -4.76 -15.36
CA THR B 395 16.60 -4.95 -16.73
C THR B 395 17.18 -6.26 -17.32
N ALA B 396 16.94 -6.52 -18.60
CA ALA B 396 17.58 -7.68 -19.27
C ALA B 396 19.04 -7.32 -19.59
N LEU B 397 19.27 -6.10 -20.06
CA LEU B 397 20.62 -5.55 -20.38
C LEU B 397 20.79 -4.26 -19.57
N ASP B 398 21.98 -4.01 -19.02
CA ASP B 398 22.29 -2.68 -18.46
C ASP B 398 22.53 -1.74 -19.64
N ALA B 399 22.74 -0.45 -19.34
CA ALA B 399 22.84 0.60 -20.36
C ALA B 399 24.07 0.31 -21.24
N ALA B 400 25.07 -0.41 -20.72
CA ALA B 400 26.26 -0.79 -21.53
C ALA B 400 26.06 -2.11 -22.29
N SER B 401 24.84 -2.68 -22.29
CA SER B 401 24.45 -3.95 -22.95
C SER B 401 25.04 -5.17 -22.22
N ASN B 402 25.55 -5.02 -21.00
CA ASN B 402 25.84 -6.21 -20.13
C ASN B 402 24.54 -6.98 -19.93
N LYS B 403 24.57 -8.28 -20.15
CA LYS B 403 23.48 -9.18 -19.78
C LYS B 403 23.32 -9.21 -18.25
N LEU B 404 22.08 -9.14 -17.79
CA LEU B 404 21.68 -9.23 -16.37
C LEU B 404 20.81 -10.48 -16.18
N ALA B 405 20.50 -10.84 -14.93
CA ALA B 405 19.78 -12.08 -14.59
C ALA B 405 18.51 -12.20 -15.44
N LEU B 406 17.78 -11.11 -15.70
CA LEU B 406 16.47 -11.21 -16.40
C LEU B 406 16.67 -11.70 -17.84
N TYR B 407 17.84 -11.49 -18.43
CA TYR B 407 18.08 -11.83 -19.85
C TYR B 407 17.71 -13.29 -20.11
N ASP B 408 18.22 -14.21 -19.30
CA ASP B 408 18.03 -15.67 -19.53
C ASP B 408 16.58 -16.06 -19.25
N SER B 409 15.88 -15.35 -18.35
CA SER B 409 14.43 -15.59 -18.10
C SER B 409 13.62 -15.23 -19.36
N ILE B 410 13.93 -14.08 -19.97
CA ILE B 410 13.20 -13.59 -21.17
C ILE B 410 13.47 -14.55 -22.32
N LYS B 411 14.72 -14.96 -22.51
CA LYS B 411 15.08 -15.91 -23.59
C LYS B 411 14.26 -17.20 -23.41
N LYS B 412 14.20 -17.73 -22.18
CA LYS B 412 13.48 -18.97 -21.88
C LYS B 412 12.00 -18.83 -22.22
N VAL B 413 11.35 -17.77 -21.72
CA VAL B 413 9.88 -17.54 -21.94
C VAL B 413 9.63 -17.32 -23.43
N ASN B 414 10.49 -16.56 -24.09
CA ASN B 414 10.35 -16.28 -25.54
C ASN B 414 10.43 -17.58 -26.35
N ARG B 415 11.34 -18.49 -25.98
CA ARG B 415 11.53 -19.78 -26.71
C ARG B 415 10.24 -20.60 -26.57
N PHE B 416 9.66 -20.65 -25.37
CA PHE B 416 8.34 -21.29 -25.14
C PHE B 416 7.29 -20.67 -26.06
N ILE B 417 7.18 -19.34 -26.06
CA ILE B 417 6.14 -18.62 -26.83
C ILE B 417 6.28 -18.91 -28.32
N ARG B 418 7.51 -18.87 -28.82
CA ARG B 418 7.76 -19.15 -30.26
C ARG B 418 7.38 -20.57 -30.62
N LYS B 419 7.71 -21.54 -29.75
CA LYS B 419 7.36 -22.96 -29.94
C LYS B 419 5.84 -23.09 -29.99
N GLU B 420 5.08 -22.37 -29.15
CA GLU B 420 3.62 -22.64 -28.98
C GLU B 420 2.69 -21.64 -29.69
N GLN B 421 3.20 -20.51 -30.20
CA GLN B 421 2.35 -19.35 -30.53
C GLN B 421 1.24 -19.73 -31.52
N LYS B 422 1.51 -20.62 -32.49
CA LYS B 422 0.54 -20.93 -33.58
C LYS B 422 -0.74 -21.47 -32.94
N ASP B 423 -0.59 -22.34 -31.95
CA ASP B 423 -1.77 -22.95 -31.28
C ASP B 423 -2.20 -22.06 -30.09
N LEU B 424 -1.26 -21.65 -29.24
CA LEU B 424 -1.59 -20.92 -27.97
C LEU B 424 -2.40 -19.65 -28.29
N LEU B 425 -2.09 -18.91 -29.35
CA LEU B 425 -2.75 -17.62 -29.65
C LEU B 425 -4.22 -17.85 -30.03
N ARG B 426 -4.52 -19.03 -30.53
CA ARG B 426 -5.87 -19.41 -30.99
C ARG B 426 -6.66 -20.08 -29.85
N THR B 427 -6.16 -20.11 -28.60
CA THR B 427 -6.89 -20.77 -27.47
C THR B 427 -7.69 -19.74 -26.69
N ASN B 428 -8.83 -20.15 -26.13
CA ASN B 428 -9.56 -19.33 -25.14
C ASN B 428 -9.89 -20.21 -23.95
N VAL B 429 -10.39 -19.57 -22.89
CA VAL B 429 -10.91 -20.26 -21.69
C VAL B 429 -12.41 -20.42 -21.90
N ASN B 430 -13.00 -21.47 -21.36
CA ASN B 430 -14.46 -21.67 -21.48
C ASN B 430 -15.15 -20.95 -20.30
N SER B 431 -15.56 -19.70 -20.49
CA SER B 431 -16.21 -18.93 -19.40
C SER B 431 -17.73 -19.15 -19.45
N GLU B 432 -18.29 -19.64 -18.36
CA GLU B 432 -19.76 -19.82 -18.19
C GLU B 432 -20.28 -18.73 -17.25
N ILE B 433 -19.38 -17.90 -16.72
CA ILE B 433 -19.69 -16.74 -15.85
C ILE B 433 -19.36 -15.45 -16.59
N CYS B 434 -20.30 -14.52 -16.60
CA CYS B 434 -20.11 -13.18 -17.15
C CYS B 434 -20.24 -12.17 -16.02
N VAL B 435 -19.33 -11.22 -15.97
CA VAL B 435 -19.37 -10.17 -14.91
C VAL B 435 -19.54 -8.82 -15.59
N GLY B 436 -20.58 -8.09 -15.19
CA GLY B 436 -20.92 -6.81 -15.83
C GLY B 436 -19.94 -5.72 -15.45
N PHE B 437 -19.52 -4.94 -16.43
CA PHE B 437 -18.69 -3.71 -16.27
C PHE B 437 -19.62 -2.53 -16.49
N TYR B 438 -19.97 -1.81 -15.44
CA TYR B 438 -20.87 -0.62 -15.52
C TYR B 438 -20.02 0.64 -15.39
N LYS B 439 -19.71 1.23 -16.53
CA LYS B 439 -18.65 2.24 -16.66
C LYS B 439 -18.94 3.45 -15.78
N PRO B 440 -20.19 3.92 -15.61
CA PRO B 440 -20.42 5.10 -14.77
C PRO B 440 -19.94 5.02 -13.33
N TYR B 441 -19.83 3.80 -12.74
CA TYR B 441 -19.27 3.62 -11.39
C TYR B 441 -17.78 3.98 -11.37
N PHE B 442 -17.14 3.98 -12.54
CA PHE B 442 -15.67 4.14 -12.69
C PHE B 442 -15.33 5.59 -13.02
N PHE B 443 -16.34 6.43 -13.27
CA PHE B 443 -16.14 7.79 -13.81
C PHE B 443 -15.91 8.76 -12.63
N THR B 444 -14.81 8.65 -11.88
CA THR B 444 -14.62 9.39 -10.61
C THR B 444 -13.19 9.91 -10.44
N GLU B 445 -12.35 9.94 -11.48
CA GLU B 445 -10.91 10.28 -11.31
C GLU B 445 -10.78 11.72 -10.75
N LEU B 446 -11.80 12.58 -10.90
CA LEU B 446 -11.71 13.98 -10.39
C LEU B 446 -12.30 14.10 -9.00
N ILE B 447 -12.90 13.03 -8.46
CA ILE B 447 -13.65 13.15 -7.17
C ILE B 447 -13.39 11.99 -6.21
N SER B 448 -13.05 10.80 -6.70
CA SER B 448 -12.82 9.64 -5.79
C SER B 448 -11.83 8.68 -6.42
N SER B 449 -10.66 8.56 -5.82
CA SER B 449 -9.56 7.70 -6.31
C SER B 449 -8.64 7.36 -5.14
N GLN B 450 -7.86 6.30 -5.34
CA GLN B 450 -6.72 5.94 -4.46
C GLN B 450 -5.70 7.07 -4.43
N LEU B 451 -5.50 7.78 -5.53
CA LEU B 451 -4.47 8.83 -5.61
C LEU B 451 -4.98 10.16 -5.07
N LEU B 452 -6.28 10.44 -5.16
CA LEU B 452 -6.84 11.75 -4.70
C LEU B 452 -6.79 11.69 -3.16
N LYS B 453 -5.99 12.56 -2.52
CA LYS B 453 -5.88 12.66 -1.04
C LYS B 453 -7.25 13.12 -0.48
N GLU B 454 -7.78 14.20 -1.06
CA GLU B 454 -9.13 14.80 -0.82
C GLU B 454 -10.26 13.84 -1.24
N LYS B 455 -11.27 13.63 -0.42
CA LYS B 455 -12.50 12.90 -0.81
C LYS B 455 -13.56 13.93 -1.23
N LYS B 456 -13.69 14.16 -2.54
CA LYS B 456 -14.71 15.09 -3.07
C LYS B 456 -16.08 14.41 -3.12
N LEU B 457 -16.13 13.06 -3.15
CA LEU B 457 -17.40 12.29 -3.12
C LEU B 457 -17.60 11.64 -1.75
N ASN B 458 -18.69 12.02 -1.08
CA ASN B 458 -19.15 11.44 0.21
C ASN B 458 -20.64 11.10 0.03
N VAL B 459 -20.93 9.86 -0.34
CA VAL B 459 -22.29 9.47 -0.78
C VAL B 459 -23.29 9.67 0.36
N GLU B 460 -22.85 9.64 1.60
CA GLU B 460 -23.80 9.75 2.75
C GLU B 460 -24.41 11.16 2.74
N GLU B 461 -23.66 12.16 2.31
CA GLU B 461 -24.21 13.54 2.21
C GLU B 461 -25.30 13.60 1.13
N LEU B 462 -25.34 12.64 0.19
CA LEU B 462 -26.33 12.57 -0.91
C LEU B 462 -27.50 11.64 -0.58
N GLY B 463 -27.56 11.11 0.65
CA GLY B 463 -28.60 10.17 1.08
C GLY B 463 -28.40 8.81 0.44
N LEU B 464 -27.17 8.44 0.11
CA LEU B 464 -26.79 7.11 -0.43
C LEU B 464 -25.91 6.42 0.61
N TYR B 465 -25.66 5.12 0.48
CA TYR B 465 -24.70 4.43 1.38
C TYR B 465 -23.74 3.51 0.62
N ILE B 466 -23.96 3.29 -0.67
CA ILE B 466 -23.01 2.44 -1.46
C ILE B 466 -22.19 3.35 -2.36
N ASP B 467 -20.92 3.52 -1.98
CA ASP B 467 -19.94 4.34 -2.72
C ASP B 467 -19.49 3.55 -3.94
N PRO B 468 -19.54 4.14 -5.16
CA PRO B 468 -19.20 3.38 -6.38
C PRO B 468 -17.74 2.91 -6.39
N ARG B 469 -16.82 3.70 -5.81
CA ARG B 469 -15.39 3.30 -5.86
C ARG B 469 -15.20 2.17 -4.85
N PHE B 470 -15.83 2.22 -3.68
CA PHE B 470 -15.71 1.09 -2.72
C PHE B 470 -16.26 -0.19 -3.40
N LEU B 471 -17.43 -0.05 -4.03
CA LEU B 471 -18.11 -1.18 -4.76
C LEU B 471 -17.12 -1.77 -5.78
N ARG B 472 -16.56 -0.92 -6.64
CA ARG B 472 -15.80 -1.38 -7.83
C ARG B 472 -14.44 -1.91 -7.38
N GLU B 473 -13.86 -1.41 -6.30
CA GLU B 473 -12.52 -1.87 -5.82
C GLU B 473 -12.67 -3.09 -4.90
N GLU B 474 -13.54 -3.02 -3.90
CA GLU B 474 -13.51 -4.02 -2.81
C GLU B 474 -14.51 -5.11 -3.13
N ILE B 475 -15.68 -4.76 -3.68
CA ILE B 475 -16.73 -5.80 -3.88
C ILE B 475 -16.46 -6.50 -5.21
N LEU B 476 -16.10 -5.75 -6.27
CA LEU B 476 -15.82 -6.29 -7.62
C LEU B 476 -14.35 -6.75 -7.72
N PHE B 477 -13.39 -5.81 -7.73
CA PHE B 477 -12.02 -6.11 -8.21
C PHE B 477 -11.31 -7.04 -7.22
N ASN B 478 -11.22 -6.63 -5.95
CA ASN B 478 -10.54 -7.39 -4.87
C ASN B 478 -11.47 -8.43 -4.23
N GLY B 479 -12.75 -8.46 -4.63
CA GLY B 479 -13.77 -9.38 -4.08
C GLY B 479 -14.13 -10.45 -5.06
N LEU B 480 -15.13 -10.21 -5.90
CA LEU B 480 -15.66 -11.23 -6.84
C LEU B 480 -14.56 -11.72 -7.81
N LEU B 481 -13.83 -10.81 -8.47
CA LEU B 481 -12.87 -11.21 -9.52
C LEU B 481 -11.73 -11.94 -8.83
N ARG B 482 -11.23 -11.43 -7.72
CA ARG B 482 -10.19 -12.16 -6.94
C ARG B 482 -10.70 -13.53 -6.52
N GLY B 483 -11.94 -13.60 -6.03
CA GLY B 483 -12.51 -14.86 -5.55
C GLY B 483 -12.64 -15.90 -6.65
N LEU B 484 -13.20 -15.51 -7.80
CA LEU B 484 -13.40 -16.43 -8.94
C LEU B 484 -12.01 -16.94 -9.39
N GLN B 485 -11.02 -16.05 -9.50
CA GLN B 485 -9.66 -16.48 -9.93
C GLN B 485 -9.08 -17.45 -8.89
N THR B 486 -9.23 -17.14 -7.60
CA THR B 486 -8.70 -18.00 -6.51
C THR B 486 -9.37 -19.38 -6.58
N LEU B 487 -10.66 -19.41 -6.93
CA LEU B 487 -11.49 -20.65 -6.96
C LEU B 487 -11.31 -21.39 -8.29
N ASN B 488 -10.56 -20.82 -9.22
CA ASN B 488 -10.27 -21.37 -10.57
C ASN B 488 -11.58 -21.52 -11.35
N TYR B 489 -12.47 -20.54 -11.23
CA TYR B 489 -13.63 -20.39 -12.14
C TYR B 489 -13.31 -19.35 -13.20
N ASN B 490 -13.42 -19.71 -14.48
CA ASN B 490 -13.27 -18.75 -15.58
C ASN B 490 -14.40 -17.72 -15.52
N TYR B 491 -14.11 -16.45 -15.76
CA TYR B 491 -15.16 -15.42 -16.03
C TYR B 491 -14.76 -14.63 -17.25
N ASP B 492 -15.75 -14.04 -17.89
CA ASP B 492 -15.54 -12.97 -18.88
C ASP B 492 -16.18 -11.71 -18.30
N VAL B 493 -15.68 -10.56 -18.75
CA VAL B 493 -16.30 -9.26 -18.41
C VAL B 493 -17.02 -8.78 -19.67
N VAL B 494 -18.18 -8.13 -19.52
CA VAL B 494 -18.93 -7.49 -20.63
C VAL B 494 -19.20 -6.04 -20.28
N ASP B 495 -18.88 -5.13 -21.20
CA ASP B 495 -19.27 -3.71 -21.12
C ASP B 495 -20.80 -3.63 -21.27
N LEU B 496 -21.49 -3.20 -20.23
CA LEU B 496 -22.99 -3.17 -20.27
C LEU B 496 -23.48 -2.08 -21.23
N GLU B 497 -22.65 -1.08 -21.58
CA GLU B 497 -23.06 0.03 -22.48
C GLU B 497 -23.33 -0.49 -23.89
N ASN B 498 -24.55 -0.22 -24.41
CA ASN B 498 -25.02 -0.65 -25.76
C ASN B 498 -24.88 -2.16 -25.92
N CYS B 499 -24.92 -2.92 -24.83
CA CYS B 499 -24.57 -4.37 -24.78
C CYS B 499 -25.63 -5.16 -25.56
N ASP B 500 -25.21 -6.07 -26.45
CA ASP B 500 -26.10 -6.94 -27.25
C ASP B 500 -26.67 -8.04 -26.32
N LEU B 501 -27.99 -8.11 -26.14
CA LEU B 501 -28.62 -9.20 -25.35
C LEU B 501 -28.14 -10.57 -25.82
N LYS B 502 -27.99 -10.75 -27.14
CA LYS B 502 -27.56 -12.05 -27.73
C LYS B 502 -26.17 -12.41 -27.22
N SER B 503 -25.28 -11.46 -26.96
CA SER B 503 -23.92 -11.81 -26.45
C SER B 503 -24.02 -12.38 -25.01
N LEU B 504 -24.99 -11.95 -24.18
CA LEU B 504 -25.13 -12.40 -22.76
C LEU B 504 -25.68 -13.83 -22.66
N THR B 505 -26.39 -14.38 -23.65
CA THR B 505 -27.16 -15.65 -23.50
C THR B 505 -26.24 -16.88 -23.57
N ALA B 506 -25.03 -16.75 -24.10
CA ALA B 506 -24.02 -17.83 -24.09
C ALA B 506 -23.71 -18.27 -22.63
N TYR B 507 -23.74 -17.35 -21.66
CA TYR B 507 -23.30 -17.55 -20.24
C TYR B 507 -24.40 -18.22 -19.40
N LYS B 508 -24.02 -19.04 -18.43
CA LYS B 508 -24.97 -19.63 -17.47
C LYS B 508 -25.31 -18.64 -16.36
N GLN B 509 -24.42 -17.69 -16.04
CA GLN B 509 -24.73 -16.65 -15.03
C GLN B 509 -24.13 -15.32 -15.47
N LEU B 510 -24.85 -14.26 -15.16
CA LEU B 510 -24.37 -12.88 -15.26
C LEU B 510 -24.35 -12.33 -13.84
N TRP B 511 -23.22 -11.81 -13.39
CA TRP B 511 -23.02 -11.23 -12.05
C TRP B 511 -22.98 -9.71 -12.19
N ILE B 512 -23.88 -9.01 -11.52
CA ILE B 512 -23.95 -7.53 -11.54
C ILE B 512 -23.71 -7.01 -10.13
N THR B 513 -22.62 -6.27 -9.95
CA THR B 513 -22.30 -5.57 -8.70
C THR B 513 -22.89 -4.19 -8.86
N SER B 514 -23.96 -3.90 -8.10
CA SER B 514 -24.85 -2.73 -8.32
C SER B 514 -24.82 -1.83 -7.09
N ALA B 515 -24.69 -0.53 -7.32
CA ALA B 515 -24.96 0.51 -6.30
C ALA B 515 -26.45 0.86 -6.33
N GLU B 516 -26.83 1.99 -5.77
CA GLU B 516 -28.25 2.38 -5.65
C GLU B 516 -28.69 3.06 -6.95
N PHE B 517 -27.74 3.28 -7.87
CA PHE B 517 -28.01 3.99 -9.14
C PHE B 517 -27.54 3.15 -10.33
N MET B 518 -28.28 3.26 -11.43
CA MET B 518 -28.07 2.48 -12.67
C MET B 518 -28.98 3.06 -13.74
N ASP B 519 -28.44 3.38 -14.91
CA ASP B 519 -29.25 4.05 -15.97
C ASP B 519 -30.37 3.14 -16.47
N ALA B 520 -31.40 3.76 -17.05
CA ALA B 520 -32.61 3.08 -17.58
C ALA B 520 -32.21 1.99 -18.61
N GLU B 521 -31.24 2.30 -19.48
CA GLU B 521 -30.85 1.37 -20.57
C GLU B 521 -30.31 0.09 -19.92
N THR B 522 -29.50 0.21 -18.85
CA THR B 522 -28.92 -0.98 -18.20
C THR B 522 -30.01 -1.69 -17.37
N GLN B 523 -30.89 -0.96 -16.71
CA GLN B 523 -31.98 -1.64 -15.96
C GLN B 523 -32.85 -2.42 -16.96
N ASN B 524 -33.17 -1.81 -18.11
CA ASN B 524 -33.97 -2.50 -19.17
C ASN B 524 -33.20 -3.71 -19.67
N LEU B 525 -31.88 -3.59 -19.89
CA LEU B 525 -31.08 -4.71 -20.44
C LEU B 525 -31.15 -5.87 -19.45
N LEU B 526 -30.98 -5.60 -18.16
CA LEU B 526 -30.95 -6.71 -17.18
C LEU B 526 -32.36 -7.30 -17.06
N SER B 527 -33.39 -6.47 -17.16
CA SER B 527 -34.81 -6.94 -17.14
C SER B 527 -35.03 -7.98 -18.23
N GLU B 528 -34.70 -7.62 -19.47
CA GLU B 528 -34.87 -8.45 -20.69
C GLU B 528 -34.02 -9.71 -20.58
N PHE B 529 -32.79 -9.57 -20.07
CA PHE B 529 -31.87 -10.72 -19.89
C PHE B 529 -32.56 -11.81 -19.07
N VAL B 530 -33.14 -11.47 -17.94
CA VAL B 530 -33.74 -12.48 -17.02
C VAL B 530 -35.04 -12.99 -17.66
N LEU B 531 -35.90 -12.10 -18.17
CA LEU B 531 -37.24 -12.47 -18.69
C LEU B 531 -37.06 -13.48 -19.83
N ASN B 532 -36.02 -13.31 -20.64
CA ASN B 532 -35.72 -14.18 -21.80
C ASN B 532 -35.05 -15.48 -21.39
N GLY B 533 -34.66 -15.67 -20.12
CA GLY B 533 -34.13 -16.97 -19.65
C GLY B 533 -32.78 -16.88 -18.96
N GLY B 534 -32.22 -15.69 -18.71
CA GLY B 534 -30.91 -15.57 -18.06
C GLY B 534 -30.97 -15.76 -16.57
N ASN B 535 -29.84 -16.13 -15.96
CA ASN B 535 -29.63 -16.32 -14.52
C ASN B 535 -28.80 -15.11 -14.05
N LEU B 536 -29.42 -14.25 -13.25
CA LEU B 536 -28.81 -12.99 -12.82
C LEU B 536 -28.53 -13.11 -11.33
N ILE B 537 -27.29 -12.82 -10.96
CA ILE B 537 -26.87 -12.63 -9.54
C ILE B 537 -26.62 -11.13 -9.35
N LEU B 538 -27.39 -10.49 -8.45
CA LEU B 538 -27.33 -9.02 -8.30
C LEU B 538 -27.16 -8.68 -6.82
N TYR B 539 -26.13 -7.89 -6.51
CA TYR B 539 -25.83 -7.43 -5.14
C TYR B 539 -24.88 -6.24 -5.25
N PRO B 540 -24.69 -5.44 -4.18
CA PRO B 540 -25.47 -5.50 -2.93
C PRO B 540 -26.83 -4.77 -2.87
N ALA B 541 -27.25 -4.17 -3.98
CA ALA B 541 -28.46 -3.32 -4.00
C ALA B 541 -29.23 -3.49 -5.31
N VAL B 542 -30.54 -3.69 -5.20
CA VAL B 542 -31.44 -3.33 -6.33
C VAL B 542 -31.35 -1.82 -6.48
N PRO B 543 -30.95 -1.28 -7.65
CA PRO B 543 -30.84 0.15 -7.83
C PRO B 543 -32.25 0.80 -7.94
N THR B 544 -32.37 2.04 -7.52
CA THR B 544 -33.69 2.75 -7.56
C THR B 544 -33.52 4.14 -8.19
N LEU B 545 -32.31 4.50 -8.59
CA LEU B 545 -31.97 5.81 -9.17
C LEU B 545 -31.21 5.60 -10.48
N ASP B 546 -31.18 6.66 -11.29
CA ASP B 546 -30.43 6.68 -12.57
C ASP B 546 -29.07 7.34 -12.30
N ASN B 547 -28.29 7.60 -13.34
CA ASN B 547 -26.93 8.14 -13.17
C ASN B 547 -26.95 9.54 -12.57
N TYR B 548 -28.10 10.23 -12.58
CA TYR B 548 -28.25 11.64 -12.13
C TYR B 548 -28.94 11.61 -10.78
N LEU B 549 -29.09 10.39 -10.23
CA LEU B 549 -29.72 10.15 -8.90
C LEU B 549 -31.17 10.61 -8.92
N ASN B 550 -31.82 10.51 -10.07
CA ASN B 550 -33.29 10.72 -10.22
C ASN B 550 -33.96 9.34 -10.21
N ARG B 551 -35.22 9.29 -9.83
CA ARG B 551 -35.91 8.00 -9.60
C ARG B 551 -35.88 7.14 -10.88
N CYS B 552 -35.45 5.90 -10.73
CA CYS B 552 -35.51 4.91 -11.83
C CYS B 552 -35.58 3.51 -11.25
N GLU B 553 -36.77 2.92 -11.33
CA GLU B 553 -37.09 1.68 -10.57
C GLU B 553 -37.51 0.61 -11.56
N ILE B 554 -37.05 0.72 -12.82
CA ILE B 554 -37.44 -0.22 -13.90
C ILE B 554 -37.15 -1.67 -13.48
N LEU B 555 -35.93 -1.95 -13.08
CA LEU B 555 -35.52 -3.35 -12.73
C LEU B 555 -36.34 -3.83 -11.53
N LYS B 556 -36.45 -3.02 -10.48
CA LYS B 556 -37.21 -3.29 -9.23
C LYS B 556 -38.65 -3.68 -9.58
N ASN B 557 -39.31 -2.85 -10.41
CA ASN B 557 -40.74 -3.05 -10.74
C ASN B 557 -40.90 -4.27 -11.64
N ASN B 558 -40.09 -4.42 -12.68
CA ASN B 558 -40.14 -5.54 -13.65
C ASN B 558 -39.95 -6.88 -12.93
N PHE B 559 -39.19 -6.90 -11.83
CA PHE B 559 -38.91 -8.13 -11.05
C PHE B 559 -39.85 -8.27 -9.86
N GLY B 560 -40.81 -7.35 -9.67
CA GLY B 560 -41.76 -7.49 -8.55
C GLY B 560 -41.08 -7.42 -7.19
N ILE B 561 -40.02 -6.61 -7.06
CA ILE B 561 -39.23 -6.52 -5.81
C ILE B 561 -39.78 -5.38 -4.96
N GLU B 562 -39.87 -5.64 -3.66
CA GLU B 562 -40.13 -4.61 -2.64
C GLU B 562 -39.10 -4.79 -1.53
N PHE B 563 -38.57 -3.69 -1.03
CA PHE B 563 -37.61 -3.73 0.10
C PHE B 563 -37.74 -2.46 0.94
N ILE B 564 -37.20 -2.58 2.16
CA ILE B 564 -36.94 -1.47 3.11
C ILE B 564 -35.47 -1.59 3.44
N THR B 565 -34.76 -0.47 3.48
CA THR B 565 -33.33 -0.45 3.90
C THR B 565 -33.30 -0.34 5.43
N LYS B 566 -32.70 -1.32 6.11
CA LYS B 566 -32.66 -1.37 7.60
C LYS B 566 -31.25 -1.72 8.08
N ASP B 567 -30.91 -1.16 9.23
CA ASP B 567 -29.62 -1.36 9.93
C ASP B 567 -29.63 -2.69 10.67
N SER B 568 -28.59 -3.50 10.54
CA SER B 568 -28.39 -4.75 11.33
C SER B 568 -26.89 -4.99 11.55
N SER B 569 -26.56 -6.01 12.32
CA SER B 569 -25.17 -6.53 12.45
C SER B 569 -24.55 -6.66 11.06
N HIS B 570 -23.22 -6.45 10.96
CA HIS B 570 -22.45 -6.69 9.70
C HIS B 570 -22.60 -8.14 9.20
N LYS B 571 -22.71 -9.11 10.10
CA LYS B 571 -22.72 -10.55 9.77
C LYS B 571 -24.14 -10.97 9.37
N VAL B 572 -24.24 -11.73 8.30
CA VAL B 572 -25.50 -12.39 7.87
C VAL B 572 -25.24 -13.88 7.73
N SER B 573 -26.30 -14.64 7.51
CA SER B 573 -26.18 -16.03 7.02
C SER B 573 -26.71 -16.03 5.59
N ALA B 574 -26.13 -16.86 4.72
CA ALA B 574 -26.53 -16.93 3.29
C ALA B 574 -26.32 -18.36 2.82
N PHE B 575 -27.39 -18.98 2.32
CA PHE B 575 -27.32 -20.37 1.81
C PHE B 575 -26.74 -21.28 2.89
N GLY B 576 -27.08 -21.01 4.15
CA GLY B 576 -26.68 -21.86 5.29
C GLY B 576 -25.23 -21.64 5.72
N ILE B 577 -24.52 -20.70 5.11
CA ILE B 577 -23.20 -20.27 5.59
C ILE B 577 -23.45 -19.25 6.70
N GLU B 578 -23.04 -19.54 7.94
CA GLU B 578 -23.16 -18.63 9.10
C GLU B 578 -21.99 -17.64 9.09
N ASP B 579 -22.21 -16.45 9.64
CA ASP B 579 -21.16 -15.46 9.95
C ASP B 579 -20.45 -15.02 8.67
N VAL B 580 -21.23 -14.65 7.67
CA VAL B 580 -20.72 -13.95 6.47
C VAL B 580 -20.61 -12.45 6.78
N PHE B 581 -19.40 -11.95 6.86
CA PHE B 581 -19.16 -10.53 7.21
C PHE B 581 -19.52 -9.66 6.00
N THR B 582 -20.34 -8.63 6.19
CA THR B 582 -20.79 -7.75 5.08
C THR B 582 -20.32 -6.32 5.39
N ALA B 583 -20.20 -5.48 4.36
CA ALA B 583 -19.52 -4.18 4.43
C ALA B 583 -20.37 -3.15 5.21
N PHE B 584 -21.71 -3.27 5.16
CA PHE B 584 -22.64 -2.23 5.64
C PHE B 584 -23.59 -2.77 6.69
N SER B 585 -23.77 -1.96 7.73
CA SER B 585 -24.94 -2.07 8.65
C SER B 585 -26.26 -2.02 7.86
N LYS B 586 -26.46 -1.04 6.98
CA LYS B 586 -27.70 -0.90 6.17
C LYS B 586 -27.77 -2.05 5.17
N LYS B 587 -28.89 -2.76 5.13
CA LYS B 587 -29.12 -3.79 4.09
C LYS B 587 -30.53 -3.66 3.52
N GLN B 588 -30.74 -4.22 2.34
CA GLN B 588 -32.09 -4.33 1.71
C GLN B 588 -32.79 -5.56 2.30
N ILE B 589 -33.92 -5.33 2.97
CA ILE B 589 -34.80 -6.40 3.49
C ILE B 589 -35.97 -6.58 2.53
N TYR B 590 -36.05 -7.75 1.92
CA TYR B 590 -36.96 -8.01 0.78
C TYR B 590 -38.26 -8.64 1.26
N ASN B 591 -39.36 -8.13 0.70
CA ASN B 591 -40.65 -8.88 0.69
C ASN B 591 -40.41 -10.19 -0.04
N ASP B 592 -40.87 -11.33 0.50
CA ASP B 592 -40.53 -12.65 -0.10
C ASP B 592 -41.74 -13.30 -0.80
N THR B 593 -42.83 -12.55 -1.01
CA THR B 593 -43.95 -13.10 -1.83
C THR B 593 -43.37 -13.63 -3.15
N ASN B 594 -43.78 -14.82 -3.56
CA ASN B 594 -43.38 -15.42 -4.87
C ASN B 594 -41.85 -15.56 -4.91
N SER B 595 -41.20 -15.63 -3.76
CA SER B 595 -39.72 -15.65 -3.66
C SER B 595 -39.29 -16.70 -2.64
N LYS B 596 -38.05 -17.14 -2.75
CA LYS B 596 -37.44 -18.03 -1.75
C LYS B 596 -36.40 -17.24 -0.98
N PRO B 597 -36.56 -17.09 0.35
CA PRO B 597 -35.57 -16.38 1.17
C PRO B 597 -34.32 -17.23 1.32
N ILE B 598 -33.14 -16.65 1.09
CA ILE B 598 -31.87 -17.47 1.09
C ILE B 598 -30.77 -16.78 1.90
N ALA B 599 -31.03 -15.63 2.52
CA ALA B 599 -30.07 -14.91 3.39
C ALA B 599 -30.82 -14.16 4.48
N PHE B 600 -30.21 -14.07 5.65
CA PHE B 600 -30.89 -13.64 6.88
C PHE B 600 -29.96 -12.77 7.70
N THR B 601 -30.51 -11.71 8.27
CA THR B 601 -29.81 -10.86 9.24
C THR B 601 -29.73 -11.61 10.56
N GLN B 602 -28.97 -11.07 11.52
CA GLN B 602 -28.82 -11.68 12.86
C GLN B 602 -30.22 -11.81 13.48
N GLU B 603 -31.17 -10.94 13.12
CA GLU B 603 -32.55 -10.96 13.67
C GLU B 603 -33.49 -11.79 12.80
N ASN B 604 -32.96 -12.47 11.77
CA ASN B 604 -33.70 -13.34 10.81
C ASN B 604 -34.58 -12.53 9.86
N GLU B 605 -34.26 -11.25 9.59
CA GLU B 605 -34.92 -10.51 8.49
C GLU B 605 -34.30 -11.00 7.18
N ILE B 606 -35.09 -10.97 6.12
CA ILE B 606 -34.72 -11.58 4.80
C ILE B 606 -33.89 -10.55 4.04
N CYS B 607 -32.57 -10.79 3.87
CA CYS B 607 -31.69 -9.89 3.11
C CYS B 607 -31.19 -10.56 1.82
N GLY B 608 -31.84 -11.63 1.37
CA GLY B 608 -31.53 -12.20 0.05
C GLY B 608 -32.63 -13.11 -0.35
N ILE B 609 -32.95 -13.13 -1.63
CA ILE B 609 -34.04 -13.98 -2.18
C ILE B 609 -33.63 -14.53 -3.52
N ARG B 610 -34.25 -15.65 -3.90
CA ARG B 610 -34.21 -16.19 -5.28
C ARG B 610 -35.64 -16.18 -5.80
N LYS B 611 -35.75 -16.07 -7.10
CA LYS B 611 -37.05 -15.81 -7.75
C LYS B 611 -37.00 -16.27 -9.19
N LYS B 612 -38.08 -16.87 -9.68
CA LYS B 612 -38.26 -17.11 -11.12
C LYS B 612 -38.96 -15.88 -11.71
N ILE B 613 -38.39 -15.27 -12.75
CA ILE B 613 -39.02 -14.16 -13.51
C ILE B 613 -39.04 -14.58 -14.98
N GLY B 614 -40.24 -14.68 -15.58
CA GLY B 614 -40.35 -15.17 -16.96
C GLY B 614 -39.66 -16.52 -17.08
N LYS B 615 -38.77 -16.66 -18.07
CA LYS B 615 -38.02 -17.92 -18.29
C LYS B 615 -36.75 -17.95 -17.44
N GLY B 616 -36.40 -16.88 -16.73
CA GLY B 616 -35.08 -16.73 -16.09
C GLY B 616 -35.12 -16.83 -14.58
N GLU B 617 -33.99 -16.54 -13.95
CA GLU B 617 -33.77 -16.72 -12.50
C GLU B 617 -33.11 -15.46 -11.99
N LEU B 618 -33.47 -15.06 -10.78
CA LEU B 618 -32.90 -13.90 -10.10
C LEU B 618 -32.40 -14.35 -8.72
N THR B 619 -31.16 -13.98 -8.38
CA THR B 619 -30.61 -14.08 -7.02
C THR B 619 -30.18 -12.67 -6.62
N ILE B 620 -30.85 -12.14 -5.62
CA ILE B 620 -30.67 -10.77 -5.11
C ILE B 620 -30.11 -10.88 -3.70
N LEU B 621 -28.92 -10.34 -3.46
CA LEU B 621 -28.37 -10.22 -2.09
C LEU B 621 -28.33 -8.74 -1.71
N GLY B 622 -28.99 -8.41 -0.60
CA GLY B 622 -29.14 -7.03 -0.12
C GLY B 622 -28.01 -6.66 0.81
N PHE B 623 -26.81 -7.20 0.58
CA PHE B 623 -25.63 -6.97 1.43
C PHE B 623 -24.40 -7.06 0.54
N ALA B 624 -23.30 -6.44 0.98
CA ALA B 624 -22.05 -6.33 0.21
C ALA B 624 -21.00 -7.22 0.88
N PHE B 625 -20.43 -8.15 0.11
CA PHE B 625 -19.27 -8.93 0.58
C PHE B 625 -18.22 -8.87 -0.50
N GLY B 626 -16.95 -8.92 -0.11
CA GLY B 626 -15.85 -9.03 -1.06
C GLY B 626 -15.16 -10.34 -0.82
N TYR B 627 -13.84 -10.32 -0.63
CA TYR B 627 -13.10 -11.55 -0.23
C TYR B 627 -12.17 -11.15 0.92
N THR B 628 -12.66 -11.26 2.14
CA THR B 628 -11.86 -10.98 3.34
C THR B 628 -12.00 -12.07 4.40
N SER B 629 -12.63 -13.19 4.06
CA SER B 629 -12.80 -14.36 4.94
C SER B 629 -12.97 -15.60 4.07
N ASP B 630 -12.79 -16.76 4.67
CA ASP B 630 -13.07 -18.06 4.00
C ASP B 630 -14.56 -18.16 3.68
N GLU B 631 -15.44 -17.56 4.50
CA GLU B 631 -16.90 -17.65 4.22
C GLU B 631 -17.22 -16.96 2.88
N HIS B 632 -16.50 -15.90 2.53
CA HIS B 632 -16.70 -15.24 1.22
C HIS B 632 -16.44 -16.21 0.07
N LEU B 633 -15.37 -17.02 0.15
CA LEU B 633 -15.05 -18.01 -0.90
C LEU B 633 -16.13 -19.07 -0.91
N GLU B 634 -16.56 -19.51 0.28
CA GLU B 634 -17.67 -20.49 0.38
C GLU B 634 -18.90 -19.93 -0.33
N LEU B 635 -19.24 -18.65 -0.12
CA LEU B 635 -20.49 -18.02 -0.68
C LEU B 635 -20.38 -17.91 -2.21
N ILE B 636 -19.23 -17.48 -2.73
CA ILE B 636 -19.06 -17.38 -4.20
C ILE B 636 -19.22 -18.77 -4.80
N ASP B 637 -18.61 -19.77 -4.16
CA ASP B 637 -18.65 -21.17 -4.62
C ASP B 637 -20.10 -21.68 -4.69
N LYS B 638 -20.90 -21.44 -3.64
CA LYS B 638 -22.34 -21.79 -3.61
C LYS B 638 -23.12 -21.06 -4.72
N LEU B 639 -22.84 -19.78 -4.93
CA LEU B 639 -23.55 -18.98 -5.97
C LEU B 639 -23.26 -19.56 -7.34
N VAL B 640 -21.99 -19.84 -7.64
CA VAL B 640 -21.59 -20.41 -8.95
C VAL B 640 -22.29 -21.76 -9.12
N LYS B 641 -22.39 -22.53 -8.04
CA LYS B 641 -22.96 -23.92 -8.10
C LYS B 641 -24.48 -23.86 -8.21
N LEU B 642 -25.15 -22.72 -7.93
CA LEU B 642 -26.60 -22.60 -8.19
C LEU B 642 -26.91 -23.01 -9.63
N ASN B 643 -26.06 -22.69 -10.62
CA ASN B 643 -26.37 -22.99 -12.04
C ASN B 643 -25.39 -24.05 -12.55
N LYS B 644 -24.87 -24.89 -11.65
CA LYS B 644 -24.23 -26.20 -11.96
C LYS B 644 -22.98 -25.95 -12.80
N ILE B 645 -22.29 -24.84 -12.52
CA ILE B 645 -20.99 -24.48 -13.15
C ILE B 645 -19.90 -25.25 -12.41
N LYS B 646 -18.99 -25.83 -13.17
CA LYS B 646 -17.94 -26.75 -12.69
C LYS B 646 -16.61 -26.16 -13.12
N ARG B 647 -15.58 -26.27 -12.27
CA ARG B 647 -14.17 -26.01 -12.64
C ARG B 647 -13.77 -27.03 -13.71
N GLU B 648 -12.80 -26.71 -14.56
CA GLU B 648 -12.32 -27.63 -15.62
C GLU B 648 -11.61 -28.84 -14.95
N LEU B 649 -10.86 -28.63 -13.88
CA LEU B 649 -10.02 -29.67 -13.27
C LEU B 649 -10.38 -29.83 -11.83
N PHE B 650 -10.13 -31.04 -11.35
CA PHE B 650 -9.95 -31.32 -9.91
C PHE B 650 -8.45 -31.26 -9.64
N VAL B 651 -8.04 -30.33 -8.79
CA VAL B 651 -6.63 -30.17 -8.35
C VAL B 651 -6.60 -30.35 -6.82
N SER B 652 -5.73 -31.23 -6.34
CA SER B 652 -5.76 -31.70 -4.94
C SER B 652 -5.43 -30.56 -3.99
N ASP B 653 -4.62 -29.58 -4.40
CA ASP B 653 -4.23 -28.42 -3.55
C ASP B 653 -5.07 -27.23 -4.00
N LYS B 654 -5.98 -26.74 -3.15
CA LYS B 654 -6.90 -25.64 -3.52
C LYS B 654 -6.09 -24.36 -3.76
N ASP B 655 -4.85 -24.25 -3.29
CA ASP B 655 -4.12 -22.95 -3.38
C ASP B 655 -3.24 -22.89 -4.65
N ILE B 656 -3.28 -23.94 -5.45
CA ILE B 656 -2.74 -23.88 -6.85
C ILE B 656 -3.81 -23.23 -7.74
N GLN B 657 -3.42 -22.22 -8.50
CA GLN B 657 -4.26 -21.60 -9.54
C GLN B 657 -3.97 -22.31 -10.85
N PHE B 658 -5.03 -22.58 -11.61
CA PHE B 658 -4.83 -23.11 -12.98
C PHE B 658 -5.69 -22.31 -13.95
N VAL B 659 -5.27 -22.34 -15.21
CA VAL B 659 -6.07 -21.86 -16.34
C VAL B 659 -5.98 -22.92 -17.44
N VAL B 660 -7.14 -23.37 -17.90
CA VAL B 660 -7.23 -24.28 -19.09
C VAL B 660 -7.53 -23.43 -20.32
N ARG B 661 -6.60 -23.39 -21.25
CA ARG B 661 -6.78 -22.70 -22.55
C ARG B 661 -6.91 -23.81 -23.59
N GLU B 662 -7.94 -23.74 -24.43
CA GLU B 662 -8.27 -24.77 -25.43
C GLU B 662 -8.63 -24.12 -26.76
N ASN B 663 -8.43 -24.88 -27.83
CA ASN B 663 -9.19 -24.70 -29.09
C ASN B 663 -9.69 -26.09 -29.49
N ASN B 664 -10.02 -26.33 -30.76
CA ASN B 664 -10.57 -27.64 -31.18
C ASN B 664 -9.51 -28.75 -31.00
N LYS B 665 -8.21 -28.49 -31.16
CA LYS B 665 -7.21 -29.59 -31.22
C LYS B 665 -6.26 -29.60 -29.99
N SER B 666 -6.07 -28.46 -29.35
CA SER B 666 -4.97 -28.20 -28.39
C SER B 666 -5.56 -27.72 -27.05
N ARG B 667 -4.98 -28.21 -25.97
CA ARG B 667 -5.28 -27.74 -24.61
C ARG B 667 -3.94 -27.40 -23.96
N TYR B 668 -3.88 -26.25 -23.30
CA TYR B 668 -2.78 -25.84 -22.40
C TYR B 668 -3.39 -25.77 -20.99
N ILE B 669 -2.70 -26.38 -20.05
CA ILE B 669 -3.01 -26.21 -18.62
C ILE B 669 -1.84 -25.44 -18.00
N PHE B 670 -2.14 -24.23 -17.54
CA PHE B 670 -1.17 -23.37 -16.82
C PHE B 670 -1.42 -23.54 -15.33
N PHE B 671 -0.44 -24.08 -14.62
CA PHE B 671 -0.44 -24.16 -13.14
C PHE B 671 0.41 -23.03 -12.61
N LEU B 672 -0.10 -22.31 -11.64
CA LEU B 672 0.57 -21.10 -11.10
C LEU B 672 0.60 -21.25 -9.60
N ASN B 673 1.81 -21.18 -9.02
CA ASN B 673 1.99 -21.20 -7.56
C ASN B 673 2.37 -19.81 -7.09
N TYR B 674 1.41 -19.08 -6.54
CA TYR B 674 1.58 -17.68 -6.11
C TYR B 674 2.00 -17.61 -4.63
N HIS B 675 2.55 -18.68 -4.07
CA HIS B 675 2.75 -18.88 -2.61
C HIS B 675 4.22 -19.20 -2.31
N ASN B 676 4.74 -18.78 -1.16
CA ASN B 676 6.13 -19.13 -0.77
C ASN B 676 6.11 -20.53 -0.12
N GLU B 677 5.86 -21.55 -0.93
CA GLU B 677 5.72 -22.94 -0.44
C GLU B 677 5.95 -23.83 -1.66
N ARG B 678 6.86 -24.78 -1.55
CA ARG B 678 6.94 -25.84 -2.59
C ARG B 678 5.69 -26.70 -2.48
N LYS B 679 4.89 -26.77 -3.53
CA LYS B 679 3.61 -27.51 -3.50
C LYS B 679 3.73 -28.72 -4.44
N THR B 680 3.25 -29.84 -3.94
CA THR B 680 3.07 -31.09 -4.68
C THR B 680 1.57 -31.38 -4.75
N PHE B 681 1.05 -31.68 -5.92
CA PHE B 681 -0.39 -31.93 -6.09
C PHE B 681 -0.61 -32.86 -7.27
N ASN B 682 -1.84 -33.32 -7.44
CA ASN B 682 -2.28 -34.09 -8.61
C ASN B 682 -3.54 -33.42 -9.18
N TYR B 683 -3.86 -33.70 -10.44
CA TYR B 683 -4.99 -33.09 -11.19
C TYR B 683 -5.61 -34.16 -12.08
N ARG B 684 -6.89 -34.00 -12.41
CA ARG B 684 -7.62 -34.83 -13.39
C ARG B 684 -8.73 -33.93 -13.93
N LYS B 685 -9.33 -34.25 -15.07
CA LYS B 685 -10.53 -33.54 -15.60
C LYS B 685 -11.69 -33.72 -14.63
N SER B 686 -12.67 -32.81 -14.63
CA SER B 686 -13.87 -32.91 -13.74
C SER B 686 -14.63 -34.23 -13.99
N SER B 694 2.70 -39.97 -10.69
CA SER B 694 1.93 -40.24 -11.93
C SER B 694 1.40 -38.91 -12.51
N GLU B 695 0.16 -38.48 -12.19
CA GLU B 695 -0.41 -37.17 -12.62
C GLU B 695 -0.22 -36.19 -11.43
N GLU B 696 1.00 -36.23 -10.86
CA GLU B 696 1.46 -35.78 -9.51
C GLU B 696 2.68 -34.85 -9.65
N ILE B 697 2.53 -33.55 -9.44
CA ILE B 697 3.57 -32.58 -9.88
C ILE B 697 3.98 -31.67 -8.72
N SER B 698 5.25 -31.24 -8.73
CA SER B 698 5.83 -30.34 -7.70
C SER B 698 6.16 -29.02 -8.37
N ILE B 699 5.70 -27.92 -7.76
CA ILE B 699 5.99 -26.55 -8.28
C ILE B 699 6.68 -25.79 -7.16
N ALA B 700 7.76 -25.11 -7.52
CA ALA B 700 8.59 -24.30 -6.61
C ALA B 700 7.74 -23.12 -6.13
N PRO B 701 8.14 -22.42 -5.06
CA PRO B 701 7.53 -21.14 -4.71
C PRO B 701 7.51 -20.16 -5.88
N PHE B 702 6.41 -19.39 -5.98
CA PHE B 702 6.27 -18.27 -6.93
C PHE B 702 6.67 -18.73 -8.35
N SER B 703 6.21 -19.92 -8.72
CA SER B 703 6.61 -20.62 -9.96
C SER B 703 5.39 -21.14 -10.72
N TYR B 704 5.66 -21.94 -11.74
CA TYR B 704 4.62 -22.26 -12.74
C TYR B 704 5.00 -23.59 -13.36
N LYS B 705 4.02 -24.19 -14.03
CA LYS B 705 4.20 -25.39 -14.85
C LYS B 705 3.15 -25.36 -15.94
N VAL B 706 3.55 -25.62 -17.18
CA VAL B 706 2.59 -25.67 -18.31
C VAL B 706 2.57 -27.10 -18.86
N ILE B 707 1.37 -27.66 -19.00
CA ILE B 707 1.11 -29.02 -19.55
C ILE B 707 0.33 -28.85 -20.84
N LYS B 708 0.68 -29.61 -21.87
CA LYS B 708 -0.03 -29.68 -23.15
C LYS B 708 -0.80 -31.00 -23.24
N GLU B 709 -2.04 -30.95 -23.70
CA GLU B 709 -2.91 -32.13 -23.91
C GLU B 709 -3.49 -31.98 -25.33
N ASN B 710 -3.35 -33.02 -26.15
CA ASN B 710 -3.94 -33.04 -27.51
C ASN B 710 -5.38 -33.50 -27.31
N LYS B 711 -6.36 -33.01 -28.05
CA LYS B 711 -7.77 -33.39 -27.75
C LYS B 711 -8.24 -34.56 -28.64
O6 7OL C . -3.11 -3.32 10.94
C6 7OL C . -3.76 -2.26 11.69
C4 7OL C . -3.82 -2.67 13.16
C2 7OL C . -2.48 -3.12 13.74
O3 7OL C . -1.56 -2.03 13.69
C1 7OL C . -2.71 -3.49 15.23
O2 7OL C . -1.49 -4.00 15.76
C3 7OL C . -3.78 -4.60 15.31
O5 7OL C . -4.06 -4.93 16.68
C5 7OL C . -5.03 -4.21 14.56
O1 7OL C . -4.74 -3.76 13.24
O4 7OL C . -5.73 -3.16 15.21
C7 7OL C . -7.08 -2.96 14.98
C9 7OL C . -7.77 -2.18 15.89
C11 7OL C . -9.16 -1.95 15.71
C12 7OL C . -9.87 -2.45 14.62
C10 7OL C . -9.17 -3.22 13.68
C8 7OL C . -7.79 -3.48 13.88
CA CA D . -43.50 -8.46 -5.05
O6 7OL E . 2.50 4.30 -10.79
C6 7OL E . 1.75 5.39 -11.29
C4 7OL E . 1.96 5.59 -12.80
C2 7OL E . 1.58 4.37 -13.66
O3 7OL E . 0.20 3.84 -13.51
C1 7OL E . 1.90 4.70 -15.15
O2 7OL E . 1.76 3.53 -15.96
C3 7OL E . 3.33 5.19 -15.32
O5 7OL E . 3.52 5.54 -16.70
C5 7OL E . 3.66 6.35 -14.36
O1 7OL E . 3.36 5.95 -13.01
O4 7OL E . 2.94 7.54 -14.74
C7 7OL E . 3.42 8.77 -14.19
C9 7OL E . 4.29 8.84 -13.07
C11 7OL E . 4.78 10.06 -12.54
C12 7OL E . 4.41 11.26 -13.14
C10 7OL E . 3.53 11.23 -14.26
C8 7OL E . 3.05 10.00 -14.78
#